data_1M7T
#
_entry.id   1M7T
#
_entity_poly.entity_id   1
_entity_poly.type   'polypeptide(L)'
_entity_poly.pdbx_seq_one_letter_code
;MVKQIESKTAFQEALDAAGDKLVVVDFSATWCGPCKMIKPFFHSLSEKYSNVIFLEVDVDDAQDVAPKYGIRGIPTLLLF
KNGEVAATKVGALSKGQLKEFLDANLV
;
_entity_poly.pdbx_strand_id   A
#
# COMPACT_ATOMS: atom_id res chain seq x y z
N MET A 1 7.91 10.67 -3.13
CA MET A 1 7.12 10.19 -4.29
C MET A 1 7.08 8.65 -4.33
N VAL A 2 6.48 8.05 -3.31
CA VAL A 2 6.38 6.61 -3.24
C VAL A 2 7.76 5.98 -3.10
N LYS A 3 7.85 4.89 -2.35
CA LYS A 3 9.13 4.21 -2.16
C LYS A 3 8.92 2.71 -2.11
N GLN A 4 9.57 2.02 -3.03
CA GLN A 4 9.47 0.57 -3.11
C GLN A 4 10.24 -0.07 -1.96
N ILE A 5 9.55 -0.92 -1.19
CA ILE A 5 10.16 -1.60 -0.06
C ILE A 5 10.54 -3.03 -0.43
N GLU A 6 11.84 -3.28 -0.59
CA GLU A 6 12.33 -4.61 -0.95
C GLU A 6 12.82 -5.39 0.26
N SER A 7 12.37 -4.99 1.46
CA SER A 7 12.78 -5.67 2.68
C SER A 7 11.76 -5.45 3.81
N LYS A 8 11.81 -6.32 4.81
CA LYS A 8 10.89 -6.22 5.95
C LYS A 8 11.26 -5.04 6.84
N THR A 9 12.54 -4.68 6.83
CA THR A 9 13.02 -3.56 7.65
C THR A 9 12.69 -2.23 6.97
N ALA A 10 12.69 -2.24 5.64
CA ALA A 10 12.39 -1.04 4.88
C ALA A 10 10.95 -0.61 5.10
N PHE A 11 10.05 -1.59 5.22
CA PHE A 11 8.64 -1.31 5.45
C PHE A 11 8.47 -0.52 6.74
N GLN A 12 9.17 -0.96 7.79
CA GLN A 12 9.13 -0.28 9.08
C GLN A 12 9.75 1.11 8.94
N GLU A 13 10.88 1.16 8.26
CA GLU A 13 11.59 2.43 8.05
C GLU A 13 10.74 3.45 7.32
N ALA A 14 10.08 3.01 6.25
CA ALA A 14 9.23 3.89 5.46
C ALA A 14 8.04 4.38 6.29
N LEU A 15 7.58 3.51 7.19
CA LEU A 15 6.45 3.83 8.05
C LEU A 15 6.84 4.91 9.07
N ASP A 16 8.08 4.84 9.53
CA ASP A 16 8.57 5.81 10.50
C ASP A 16 8.55 7.21 9.89
N ALA A 17 8.81 7.28 8.59
CA ALA A 17 8.80 8.53 7.87
C ALA A 17 7.36 9.00 7.59
N ALA A 18 6.43 8.04 7.60
CA ALA A 18 5.03 8.35 7.35
C ALA A 18 4.44 9.16 8.49
N GLY A 19 4.92 8.93 9.71
CA GLY A 19 4.42 9.67 10.85
C GLY A 19 2.92 9.58 11.03
N ASP A 20 2.26 10.73 10.99
CA ASP A 20 0.82 10.78 11.16
C ASP A 20 0.10 10.75 9.81
N LYS A 21 0.85 10.64 8.72
CA LYS A 21 0.26 10.58 7.39
C LYS A 21 -0.33 9.20 7.15
N LEU A 22 -1.39 9.14 6.36
CA LEU A 22 -2.02 7.88 6.04
C LEU A 22 -1.19 7.14 5.00
N VAL A 23 -0.91 5.86 5.25
CA VAL A 23 -0.09 5.08 4.34
C VAL A 23 -0.88 3.98 3.68
N VAL A 24 -1.13 4.15 2.39
CA VAL A 24 -1.85 3.15 1.61
C VAL A 24 -0.83 2.43 0.75
N VAL A 25 -0.73 1.12 0.97
CA VAL A 25 0.24 0.32 0.26
C VAL A 25 -0.42 -0.86 -0.46
N ASP A 26 0.34 -1.50 -1.33
CA ASP A 26 -0.17 -2.63 -2.10
C ASP A 26 0.82 -3.78 -2.14
N PHE A 27 0.32 -5.00 -1.96
CA PHE A 27 1.14 -6.21 -2.01
C PHE A 27 1.01 -6.86 -3.39
N SER A 28 2.09 -6.88 -4.17
CA SER A 28 2.03 -7.43 -5.51
C SER A 28 3.18 -8.40 -5.79
N ALA A 29 3.27 -8.80 -7.06
CA ALA A 29 4.31 -9.70 -7.53
C ALA A 29 4.61 -9.46 -9.01
N THR A 30 5.75 -9.94 -9.47
CA THR A 30 6.11 -9.78 -10.87
C THR A 30 5.12 -10.50 -11.75
N TRP A 31 4.56 -11.59 -11.22
CA TRP A 31 3.59 -12.40 -11.97
C TRP A 31 2.15 -11.98 -11.69
N CYS A 32 1.97 -10.84 -11.02
CA CYS A 32 0.63 -10.36 -10.70
C CYS A 32 0.10 -9.44 -11.80
N GLY A 33 -0.94 -9.89 -12.50
CA GLY A 33 -1.51 -9.10 -13.56
C GLY A 33 -2.33 -7.93 -13.06
N PRO A 34 -3.40 -8.18 -12.28
CA PRO A 34 -4.26 -7.11 -11.75
C PRO A 34 -3.48 -6.07 -10.96
N CYS A 35 -2.37 -6.50 -10.36
CA CYS A 35 -1.52 -5.61 -9.57
C CYS A 35 -1.00 -4.46 -10.44
N LYS A 36 -0.63 -4.78 -11.67
CA LYS A 36 -0.11 -3.80 -12.61
C LYS A 36 -1.22 -2.83 -13.05
N MET A 37 -2.46 -3.24 -12.88
CA MET A 37 -3.59 -2.41 -13.27
C MET A 37 -3.80 -1.27 -12.28
N ILE A 38 -3.36 -1.45 -11.04
CA ILE A 38 -3.50 -0.42 -10.01
C ILE A 38 -2.30 0.53 -10.00
N LYS A 39 -1.15 0.05 -10.47
CA LYS A 39 0.08 0.85 -10.50
C LYS A 39 -0.15 2.26 -11.06
N PRO A 40 -0.80 2.38 -12.23
CA PRO A 40 -1.06 3.68 -12.86
C PRO A 40 -1.93 4.59 -12.00
N PHE A 41 -3.01 4.03 -11.44
CA PHE A 41 -3.95 4.81 -10.64
C PHE A 41 -3.45 5.01 -9.21
N PHE A 42 -2.66 4.07 -8.71
CA PHE A 42 -2.12 4.20 -7.35
C PHE A 42 -1.15 5.36 -7.27
N HIS A 43 -0.26 5.43 -8.24
CA HIS A 43 0.75 6.50 -8.29
C HIS A 43 0.12 7.86 -8.51
N SER A 44 -0.90 7.93 -9.37
CA SER A 44 -1.57 9.19 -9.66
C SER A 44 -2.19 9.78 -8.39
N LEU A 45 -2.84 8.92 -7.60
CA LEU A 45 -3.49 9.35 -6.37
C LEU A 45 -2.48 9.99 -5.40
N SER A 46 -1.32 9.35 -5.28
CA SER A 46 -0.26 9.83 -4.40
C SER A 46 0.08 11.29 -4.70
N GLU A 47 -0.10 11.70 -5.95
CA GLU A 47 0.16 13.07 -6.34
C GLU A 47 -1.08 13.94 -6.15
N LYS A 48 -2.24 13.28 -6.11
CA LYS A 48 -3.51 13.97 -5.95
C LYS A 48 -3.93 14.01 -4.48
N TYR A 49 -3.11 13.48 -3.58
CA TYR A 49 -3.42 13.50 -2.15
C TYR A 49 -2.52 14.48 -1.39
N SER A 50 -1.30 14.67 -1.89
CA SER A 50 -0.33 15.59 -1.29
C SER A 50 -0.43 15.59 0.24
N ASN A 51 -0.73 14.45 0.83
CA ASN A 51 -0.84 14.33 2.28
C ASN A 51 -0.50 12.92 2.73
N VAL A 52 -0.97 11.93 1.98
CA VAL A 52 -0.74 10.53 2.30
C VAL A 52 0.47 9.99 1.56
N ILE A 53 1.05 8.92 2.11
CA ILE A 53 2.21 8.30 1.50
C ILE A 53 1.85 6.97 0.84
N PHE A 54 2.04 6.92 -0.47
CA PHE A 54 1.75 5.73 -1.26
C PHE A 54 3.06 4.98 -1.54
N LEU A 55 3.21 3.77 -1.02
CA LEU A 55 4.42 3.01 -1.29
C LEU A 55 4.11 1.66 -1.90
N GLU A 56 5.15 1.04 -2.45
CA GLU A 56 4.98 -0.23 -3.13
C GLU A 56 5.74 -1.37 -2.47
N VAL A 57 5.00 -2.38 -2.04
CA VAL A 57 5.63 -3.54 -1.43
C VAL A 57 5.38 -4.79 -2.27
N ASP A 58 6.46 -5.41 -2.72
CA ASP A 58 6.37 -6.62 -3.52
C ASP A 58 6.62 -7.82 -2.64
N VAL A 59 5.64 -8.72 -2.56
CA VAL A 59 5.76 -9.89 -1.71
C VAL A 59 6.94 -10.76 -2.11
N ASP A 60 7.43 -10.58 -3.33
CA ASP A 60 8.58 -11.34 -3.80
C ASP A 60 9.82 -10.96 -3.01
N ASP A 61 9.92 -9.66 -2.70
CA ASP A 61 11.04 -9.14 -1.92
C ASP A 61 10.65 -8.96 -0.46
N ALA A 62 9.39 -8.59 -0.22
CA ALA A 62 8.88 -8.39 1.12
C ALA A 62 8.17 -9.64 1.64
N GLN A 63 8.79 -10.79 1.39
CA GLN A 63 8.23 -12.07 1.81
C GLN A 63 8.23 -12.23 3.33
N ASP A 64 8.91 -11.31 4.03
CA ASP A 64 8.98 -11.38 5.49
C ASP A 64 7.90 -10.51 6.14
N VAL A 65 7.40 -9.51 5.42
CA VAL A 65 6.37 -8.63 5.96
C VAL A 65 5.00 -9.29 5.89
N ALA A 66 4.65 -9.86 4.74
CA ALA A 66 3.36 -10.50 4.56
C ALA A 66 3.03 -11.48 5.69
N PRO A 67 3.90 -12.48 5.91
CA PRO A 67 3.70 -13.47 6.97
C PRO A 67 3.41 -12.83 8.32
N LYS A 68 3.94 -11.63 8.51
CA LYS A 68 3.71 -10.89 9.76
C LYS A 68 2.32 -10.26 9.77
N TYR A 69 1.74 -10.06 8.58
CA TYR A 69 0.41 -9.45 8.46
C TYR A 69 -0.65 -10.47 8.04
N GLY A 70 -0.20 -11.68 7.77
CA GLY A 70 -1.11 -12.75 7.40
C GLY A 70 -1.82 -12.52 6.07
N ILE A 71 -1.16 -11.86 5.12
CA ILE A 71 -1.75 -11.60 3.81
C ILE A 71 -1.75 -12.87 2.97
N ARG A 72 -2.85 -13.11 2.26
CA ARG A 72 -2.98 -14.31 1.43
C ARG A 72 -3.70 -13.99 0.11
N GLY A 73 -2.96 -13.42 -0.84
CA GLY A 73 -3.53 -13.08 -2.13
C GLY A 73 -3.10 -11.71 -2.64
N ILE A 74 -3.33 -11.46 -3.92
CA ILE A 74 -2.97 -10.18 -4.54
C ILE A 74 -3.94 -9.82 -5.67
N PRO A 75 -4.10 -8.52 -5.99
CA PRO A 75 -3.40 -7.40 -5.34
C PRO A 75 -4.04 -6.98 -4.03
N THR A 76 -3.32 -7.08 -2.92
CA THR A 76 -3.84 -6.67 -1.64
C THR A 76 -3.60 -5.18 -1.38
N LEU A 77 -4.62 -4.51 -0.86
CA LEU A 77 -4.50 -3.11 -0.53
C LEU A 77 -4.45 -2.97 0.98
N LEU A 78 -3.35 -2.42 1.48
CA LEU A 78 -3.16 -2.26 2.92
C LEU A 78 -3.10 -0.78 3.32
N LEU A 79 -3.81 -0.44 4.38
CA LEU A 79 -3.84 0.93 4.88
C LEU A 79 -3.20 0.98 6.26
N PHE A 80 -2.19 1.82 6.41
CA PHE A 80 -1.50 1.95 7.69
C PHE A 80 -1.70 3.34 8.29
N LYS A 81 -1.77 3.40 9.62
CA LYS A 81 -1.97 4.65 10.32
C LYS A 81 -1.24 4.62 11.66
N ASN A 82 -0.20 5.43 11.80
CA ASN A 82 0.57 5.46 13.04
C ASN A 82 1.21 4.10 13.30
N GLY A 83 1.80 3.53 12.25
CA GLY A 83 2.47 2.25 12.38
C GLY A 83 1.50 1.08 12.56
N GLU A 84 0.20 1.35 12.52
CA GLU A 84 -0.79 0.30 12.70
C GLU A 84 -1.76 0.24 11.52
N VAL A 85 -2.11 -0.98 11.10
CA VAL A 85 -3.04 -1.17 10.00
C VAL A 85 -4.45 -0.73 10.40
N ALA A 86 -4.98 0.30 9.71
CA ALA A 86 -6.32 0.79 10.02
C ALA A 86 -7.32 0.42 8.93
N ALA A 87 -6.90 -0.46 8.04
CA ALA A 87 -7.74 -0.92 6.94
C ALA A 87 -7.02 -2.00 6.15
N THR A 88 -7.76 -3.02 5.75
CA THR A 88 -7.20 -4.11 4.96
C THR A 88 -8.12 -4.49 3.82
N LYS A 89 -7.65 -4.30 2.59
CA LYS A 89 -8.45 -4.62 1.40
C LYS A 89 -7.75 -5.65 0.54
N VAL A 90 -8.51 -6.58 -0.01
CA VAL A 90 -7.97 -7.63 -0.86
C VAL A 90 -8.52 -7.53 -2.28
N GLY A 91 -7.69 -7.90 -3.27
CA GLY A 91 -8.11 -7.83 -4.65
C GLY A 91 -8.08 -6.42 -5.19
N ALA A 92 -8.06 -6.31 -6.52
CA ALA A 92 -7.99 -5.00 -7.17
C ALA A 92 -9.30 -4.24 -7.02
N LEU A 93 -9.24 -2.94 -7.28
CA LEU A 93 -10.40 -2.07 -7.18
C LEU A 93 -10.27 -0.87 -8.12
N SER A 94 -11.40 -0.32 -8.53
CA SER A 94 -11.39 0.83 -9.44
C SER A 94 -10.74 2.05 -8.78
N LYS A 95 -10.68 3.14 -9.53
CA LYS A 95 -10.09 4.38 -9.03
C LYS A 95 -11.01 5.05 -8.02
N GLY A 96 -12.31 4.86 -8.18
CA GLY A 96 -13.27 5.47 -7.27
C GLY A 96 -13.38 4.74 -5.95
N GLN A 97 -13.18 3.42 -5.96
CA GLN A 97 -13.26 2.64 -4.73
C GLN A 97 -12.01 2.83 -3.89
N LEU A 98 -10.88 3.05 -4.56
CA LEU A 98 -9.63 3.27 -3.85
C LEU A 98 -9.65 4.64 -3.19
N LYS A 99 -9.98 5.66 -3.98
CA LYS A 99 -10.07 7.02 -3.50
C LYS A 99 -11.13 7.16 -2.41
N GLU A 100 -12.29 6.57 -2.64
CA GLU A 100 -13.38 6.63 -1.67
C GLU A 100 -12.96 5.97 -0.37
N PHE A 101 -12.29 4.82 -0.48
CA PHE A 101 -11.80 4.11 0.69
C PHE A 101 -10.77 4.95 1.44
N LEU A 102 -9.88 5.58 0.67
CA LEU A 102 -8.84 6.43 1.23
C LEU A 102 -9.46 7.64 1.92
N ASP A 103 -10.19 8.44 1.16
CA ASP A 103 -10.85 9.63 1.70
C ASP A 103 -11.63 9.27 2.96
N ALA A 104 -12.15 8.04 3.01
CA ALA A 104 -12.90 7.57 4.17
C ALA A 104 -12.01 7.27 5.36
N ASN A 105 -10.72 7.04 5.11
CA ASN A 105 -9.76 6.72 6.17
C ASN A 105 -8.80 7.88 6.43
N LEU A 106 -8.53 8.67 5.40
CA LEU A 106 -7.63 9.82 5.51
C LEU A 106 -8.28 10.95 6.30
N VAL A 107 -7.74 11.22 7.48
CA VAL A 107 -8.27 12.29 8.33
C VAL A 107 -7.22 12.76 9.33
N MET A 1 5.94 11.28 -1.63
CA MET A 1 6.81 10.51 -2.57
C MET A 1 6.67 9.01 -2.34
N VAL A 2 6.56 8.26 -3.43
CA VAL A 2 6.43 6.81 -3.37
C VAL A 2 7.79 6.15 -3.32
N LYS A 3 7.88 5.03 -2.60
CA LYS A 3 9.13 4.31 -2.49
C LYS A 3 8.87 2.82 -2.38
N GLN A 4 9.43 2.08 -3.33
CA GLN A 4 9.25 0.64 -3.35
C GLN A 4 10.07 0.00 -2.23
N ILE A 5 9.43 -0.88 -1.47
CA ILE A 5 10.09 -1.55 -0.35
C ILE A 5 10.46 -2.99 -0.74
N GLU A 6 11.76 -3.23 -0.92
CA GLU A 6 12.26 -4.54 -1.30
C GLU A 6 12.81 -5.32 -0.09
N SER A 7 12.39 -4.92 1.11
CA SER A 7 12.86 -5.57 2.33
C SER A 7 11.86 -5.38 3.46
N LYS A 8 11.97 -6.22 4.49
CA LYS A 8 11.08 -6.15 5.64
C LYS A 8 11.46 -4.96 6.52
N THR A 9 12.73 -4.57 6.48
CA THR A 9 13.21 -3.44 7.28
C THR A 9 12.85 -2.12 6.60
N ALA A 10 12.81 -2.13 5.27
CA ALA A 10 12.48 -0.94 4.50
C ALA A 10 11.04 -0.53 4.76
N PHE A 11 10.15 -1.52 4.88
CA PHE A 11 8.74 -1.24 5.13
C PHE A 11 8.59 -0.43 6.42
N GLN A 12 9.35 -0.81 7.43
CA GLN A 12 9.32 -0.10 8.71
C GLN A 12 9.86 1.31 8.53
N GLU A 13 10.94 1.43 7.77
CA GLU A 13 11.58 2.72 7.51
C GLU A 13 10.60 3.69 6.86
N ALA A 14 9.88 3.22 5.85
CA ALA A 14 8.91 4.05 5.15
C ALA A 14 7.73 4.39 6.06
N LEU A 15 7.38 3.45 6.93
CA LEU A 15 6.28 3.65 7.87
C LEU A 15 6.63 4.75 8.86
N ASP A 16 7.86 4.72 9.35
CA ASP A 16 8.34 5.72 10.29
C ASP A 16 8.41 7.09 9.63
N ALA A 17 8.58 7.09 8.31
CA ALA A 17 8.69 8.33 7.55
C ALA A 17 7.39 9.13 7.65
N ALA A 18 6.26 8.50 7.41
CA ALA A 18 4.98 9.21 7.50
C ALA A 18 4.69 9.56 8.96
N GLY A 19 4.52 8.53 9.77
CA GLY A 19 4.25 8.72 11.18
C GLY A 19 2.78 8.99 11.47
N ASP A 20 2.35 10.23 11.32
CA ASP A 20 0.95 10.58 11.58
C ASP A 20 0.13 10.60 10.29
N LYS A 21 0.81 10.68 9.16
CA LYS A 21 0.14 10.69 7.87
C LYS A 21 -0.38 9.30 7.57
N LEU A 22 -1.41 9.24 6.74
CA LEU A 22 -1.99 7.97 6.37
C LEU A 22 -1.12 7.30 5.31
N VAL A 23 -0.87 6.01 5.48
CA VAL A 23 -0.04 5.26 4.55
C VAL A 23 -0.85 4.22 3.80
N VAL A 24 -1.05 4.46 2.51
CA VAL A 24 -1.77 3.54 1.67
C VAL A 24 -0.77 2.81 0.79
N VAL A 25 -0.69 1.50 0.96
CA VAL A 25 0.26 0.70 0.21
C VAL A 25 -0.41 -0.46 -0.52
N ASP A 26 0.34 -1.08 -1.42
CA ASP A 26 -0.18 -2.19 -2.21
C ASP A 26 0.77 -3.39 -2.22
N PHE A 27 0.22 -4.57 -1.98
CA PHE A 27 0.99 -5.81 -1.99
C PHE A 27 0.85 -6.48 -3.35
N SER A 28 1.92 -6.50 -4.12
CA SER A 28 1.88 -7.10 -5.46
C SER A 28 2.86 -8.25 -5.62
N ALA A 29 3.04 -8.68 -6.87
CA ALA A 29 3.94 -9.77 -7.21
C ALA A 29 4.48 -9.60 -8.63
N THR A 30 5.64 -10.18 -8.90
CA THR A 30 6.21 -10.10 -10.24
C THR A 30 5.40 -10.99 -11.18
N TRP A 31 4.94 -12.12 -10.64
CA TRP A 31 4.15 -13.10 -11.39
C TRP A 31 2.66 -12.75 -11.39
N CYS A 32 2.31 -11.54 -10.95
CA CYS A 32 0.92 -11.12 -10.90
C CYS A 32 0.52 -10.37 -12.16
N GLY A 33 -0.78 -10.36 -12.44
CA GLY A 33 -1.30 -9.67 -13.60
C GLY A 33 -2.12 -8.44 -13.22
N PRO A 34 -3.28 -8.63 -12.57
CA PRO A 34 -4.14 -7.51 -12.16
C PRO A 34 -3.45 -6.57 -11.18
N CYS A 35 -2.41 -7.07 -10.52
CA CYS A 35 -1.67 -6.26 -9.56
C CYS A 35 -1.05 -5.05 -10.23
N LYS A 36 -0.49 -5.26 -11.42
CA LYS A 36 0.13 -4.19 -12.18
C LYS A 36 -0.90 -3.19 -12.69
N MET A 37 -2.17 -3.58 -12.68
CA MET A 37 -3.25 -2.71 -13.15
C MET A 37 -3.53 -1.57 -12.18
N ILE A 38 -3.19 -1.77 -10.91
CA ILE A 38 -3.42 -0.75 -9.89
C ILE A 38 -2.27 0.26 -9.83
N LYS A 39 -1.10 -0.15 -10.30
CA LYS A 39 0.09 0.70 -10.29
C LYS A 39 -0.18 2.10 -10.88
N PRO A 40 -0.62 2.17 -12.16
CA PRO A 40 -0.89 3.45 -12.82
C PRO A 40 -1.79 4.36 -11.98
N PHE A 41 -2.86 3.81 -11.44
CA PHE A 41 -3.80 4.61 -10.65
C PHE A 41 -3.28 4.86 -9.23
N PHE A 42 -2.48 3.94 -8.70
CA PHE A 42 -1.93 4.10 -7.36
C PHE A 42 -0.99 5.29 -7.32
N HIS A 43 -0.11 5.38 -8.31
CA HIS A 43 0.86 6.46 -8.38
C HIS A 43 0.19 7.82 -8.61
N SER A 44 -0.85 7.84 -9.44
CA SER A 44 -1.56 9.10 -9.73
C SER A 44 -2.16 9.68 -8.45
N LEU A 45 -2.76 8.83 -7.64
CA LEU A 45 -3.38 9.26 -6.39
C LEU A 45 -2.32 9.90 -5.49
N SER A 46 -1.17 9.24 -5.38
CA SER A 46 -0.08 9.74 -4.55
C SER A 46 0.29 11.18 -4.91
N GLU A 47 0.03 11.56 -6.16
CA GLU A 47 0.35 12.90 -6.63
C GLU A 47 -0.77 13.89 -6.29
N LYS A 48 -1.98 13.36 -6.10
CA LYS A 48 -3.12 14.21 -5.77
C LYS A 48 -3.33 14.25 -4.25
N TYR A 49 -2.72 13.29 -3.56
CA TYR A 49 -2.82 13.21 -2.10
C TYR A 49 -1.57 13.79 -1.44
N SER A 50 -1.63 15.08 -1.11
CA SER A 50 -0.51 15.75 -0.46
C SER A 50 -0.63 15.65 1.06
N ASN A 51 -0.87 14.42 1.54
CA ASN A 51 -1.00 14.17 2.96
C ASN A 51 -0.61 12.73 3.30
N VAL A 52 -1.06 11.80 2.46
CA VAL A 52 -0.78 10.39 2.66
C VAL A 52 0.45 9.93 1.89
N ILE A 53 1.07 8.86 2.37
CA ILE A 53 2.26 8.32 1.74
C ILE A 53 1.93 7.03 0.98
N PHE A 54 2.07 7.09 -0.34
CA PHE A 54 1.80 5.96 -1.21
C PHE A 54 3.09 5.21 -1.53
N LEU A 55 3.21 3.96 -1.11
CA LEU A 55 4.40 3.19 -1.42
C LEU A 55 4.05 1.83 -1.99
N GLU A 56 5.05 1.15 -2.52
CA GLU A 56 4.85 -0.14 -3.14
C GLU A 56 5.66 -1.24 -2.50
N VAL A 57 4.97 -2.30 -2.07
CA VAL A 57 5.64 -3.43 -1.47
C VAL A 57 5.44 -4.69 -2.30
N ASP A 58 6.54 -5.27 -2.75
CA ASP A 58 6.48 -6.49 -3.54
C ASP A 58 6.73 -7.68 -2.65
N VAL A 59 5.75 -8.58 -2.56
CA VAL A 59 5.88 -9.75 -1.70
C VAL A 59 7.05 -10.64 -2.12
N ASP A 60 7.51 -10.47 -3.36
CA ASP A 60 8.64 -11.25 -3.84
C ASP A 60 9.87 -10.94 -3.00
N ASP A 61 10.03 -9.66 -2.68
CA ASP A 61 11.14 -9.18 -1.85
C ASP A 61 10.69 -9.02 -0.40
N ALA A 62 9.43 -8.62 -0.22
CA ALA A 62 8.86 -8.42 1.09
C ALA A 62 8.10 -9.66 1.57
N GLN A 63 8.68 -10.82 1.30
CA GLN A 63 8.08 -12.09 1.69
C GLN A 63 8.06 -12.27 3.21
N ASP A 64 8.76 -11.39 3.93
CA ASP A 64 8.81 -11.48 5.38
C ASP A 64 7.76 -10.58 6.04
N VAL A 65 7.32 -9.54 5.32
CA VAL A 65 6.31 -8.64 5.87
C VAL A 65 4.91 -9.26 5.79
N ALA A 66 4.55 -9.81 4.64
CA ALA A 66 3.23 -10.42 4.45
C ALA A 66 2.90 -11.39 5.59
N PRO A 67 3.73 -12.42 5.79
CA PRO A 67 3.52 -13.42 6.85
C PRO A 67 3.28 -12.79 8.21
N LYS A 68 3.86 -11.61 8.41
CA LYS A 68 3.70 -10.88 9.66
C LYS A 68 2.33 -10.21 9.71
N TYR A 69 1.73 -9.97 8.54
CA TYR A 69 0.42 -9.33 8.44
C TYR A 69 -0.68 -10.31 8.02
N GLY A 70 -0.28 -11.55 7.74
CA GLY A 70 -1.22 -12.57 7.35
C GLY A 70 -1.91 -12.31 6.02
N ILE A 71 -1.19 -11.72 5.06
CA ILE A 71 -1.75 -11.44 3.75
C ILE A 71 -1.84 -12.73 2.92
N ARG A 72 -2.99 -12.95 2.27
CA ARG A 72 -3.18 -14.14 1.45
C ARG A 72 -4.17 -13.87 0.32
N GLY A 73 -3.94 -12.80 -0.44
CA GLY A 73 -4.81 -12.46 -1.55
C GLY A 73 -4.38 -11.19 -2.24
N ILE A 74 -3.76 -11.34 -3.42
CA ILE A 74 -3.29 -10.20 -4.19
C ILE A 74 -4.22 -9.92 -5.37
N PRO A 75 -4.27 -8.65 -5.83
CA PRO A 75 -3.49 -7.54 -5.27
C PRO A 75 -4.13 -6.98 -4.00
N THR A 76 -3.41 -7.11 -2.88
CA THR A 76 -3.91 -6.62 -1.60
C THR A 76 -3.56 -5.15 -1.38
N LEU A 77 -4.51 -4.39 -0.85
CA LEU A 77 -4.28 -3.00 -0.53
C LEU A 77 -4.19 -2.85 0.97
N LEU A 78 -3.09 -2.29 1.45
CA LEU A 78 -2.88 -2.14 2.88
C LEU A 78 -2.84 -0.67 3.30
N LEU A 79 -3.56 -0.36 4.37
CA LEU A 79 -3.61 1.00 4.90
C LEU A 79 -3.00 1.04 6.28
N PHE A 80 -1.97 1.86 6.46
CA PHE A 80 -1.29 1.97 7.75
C PHE A 80 -1.49 3.35 8.36
N LYS A 81 -1.52 3.40 9.69
CA LYS A 81 -1.70 4.65 10.42
C LYS A 81 -0.93 4.59 11.75
N ASN A 82 0.13 5.40 11.86
CA ASN A 82 0.94 5.40 13.07
C ASN A 82 1.55 4.02 13.31
N GLY A 83 2.12 3.45 12.25
CA GLY A 83 2.76 2.15 12.35
C GLY A 83 1.78 1.01 12.56
N GLU A 84 0.49 1.30 12.52
CA GLU A 84 -0.52 0.27 12.72
C GLU A 84 -1.52 0.22 11.56
N VAL A 85 -1.88 -0.99 11.17
CA VAL A 85 -2.84 -1.20 10.08
C VAL A 85 -4.24 -0.72 10.48
N ALA A 86 -4.76 0.30 9.80
CA ALA A 86 -6.09 0.82 10.12
C ALA A 86 -7.10 0.53 9.01
N ALA A 87 -6.72 -0.31 8.07
CA ALA A 87 -7.59 -0.68 6.97
C ALA A 87 -6.97 -1.77 6.10
N THR A 88 -7.80 -2.69 5.62
CA THR A 88 -7.32 -3.77 4.76
C THR A 88 -8.27 -4.01 3.59
N LYS A 89 -7.72 -4.01 2.37
CA LYS A 89 -8.51 -4.24 1.17
C LYS A 89 -7.88 -5.33 0.33
N VAL A 90 -8.71 -6.21 -0.23
CA VAL A 90 -8.21 -7.31 -1.06
C VAL A 90 -8.81 -7.27 -2.47
N GLY A 91 -8.01 -7.69 -3.45
CA GLY A 91 -8.47 -7.68 -4.82
C GLY A 91 -8.39 -6.32 -5.47
N ALA A 92 -8.41 -6.31 -6.80
CA ALA A 92 -8.33 -5.07 -7.56
C ALA A 92 -9.56 -4.19 -7.35
N LEU A 93 -9.44 -2.92 -7.73
CA LEU A 93 -10.53 -1.97 -7.58
C LEU A 93 -10.34 -0.78 -8.50
N SER A 94 -11.45 -0.17 -8.92
CA SER A 94 -11.40 0.98 -9.81
C SER A 94 -10.78 2.18 -9.10
N LYS A 95 -10.66 3.29 -9.84
CA LYS A 95 -10.08 4.52 -9.29
C LYS A 95 -11.00 5.16 -8.26
N GLY A 96 -12.30 4.98 -8.45
CA GLY A 96 -13.27 5.55 -7.53
C GLY A 96 -13.40 4.76 -6.24
N GLN A 97 -13.20 3.45 -6.31
CA GLN A 97 -13.29 2.60 -5.13
C GLN A 97 -12.05 2.74 -4.28
N LEU A 98 -10.91 2.98 -4.92
CA LEU A 98 -9.65 3.14 -4.21
C LEU A 98 -9.64 4.46 -3.46
N LYS A 99 -9.94 5.55 -4.17
CA LYS A 99 -9.96 6.87 -3.57
C LYS A 99 -10.99 6.96 -2.44
N GLU A 100 -12.13 6.32 -2.62
CA GLU A 100 -13.18 6.33 -1.60
C GLU A 100 -12.66 5.69 -0.32
N PHE A 101 -11.87 4.63 -0.46
CA PHE A 101 -11.29 3.94 0.69
C PHE A 101 -10.38 4.89 1.46
N LEU A 102 -9.61 5.68 0.72
CA LEU A 102 -8.71 6.65 1.32
C LEU A 102 -9.49 7.74 2.04
N ASP A 103 -10.36 8.41 1.29
CA ASP A 103 -11.20 9.46 1.87
C ASP A 103 -11.89 8.95 3.12
N ALA A 104 -12.27 7.68 3.11
CA ALA A 104 -12.94 7.07 4.24
C ALA A 104 -12.00 6.89 5.43
N ASN A 105 -10.69 6.86 5.17
CA ASN A 105 -9.70 6.71 6.24
C ASN A 105 -8.98 8.03 6.51
N LEU A 106 -8.38 8.60 5.46
CA LEU A 106 -7.67 9.87 5.59
C LEU A 106 -8.54 10.92 6.27
N VAL A 107 -8.39 11.03 7.58
CA VAL A 107 -9.18 11.99 8.35
C VAL A 107 -8.85 11.88 9.83
N MET A 1 5.88 11.04 -3.55
CA MET A 1 7.12 10.50 -4.15
C MET A 1 7.07 8.98 -4.26
N VAL A 2 6.50 8.34 -3.25
CA VAL A 2 6.38 6.88 -3.22
C VAL A 2 7.76 6.23 -3.18
N LYS A 3 7.86 5.12 -2.47
CA LYS A 3 9.11 4.40 -2.34
C LYS A 3 8.85 2.90 -2.24
N GLN A 4 9.44 2.15 -3.16
CA GLN A 4 9.27 0.70 -3.18
C GLN A 4 10.07 0.06 -2.05
N ILE A 5 9.42 -0.83 -1.30
CA ILE A 5 10.07 -1.51 -0.19
C ILE A 5 10.41 -2.96 -0.57
N GLU A 6 11.71 -3.22 -0.74
CA GLU A 6 12.18 -4.56 -1.11
C GLU A 6 12.65 -5.37 0.10
N SER A 7 12.25 -4.96 1.29
CA SER A 7 12.67 -5.66 2.51
C SER A 7 11.66 -5.45 3.65
N LYS A 8 11.78 -6.26 4.69
CA LYS A 8 10.89 -6.17 5.84
C LYS A 8 11.30 -5.00 6.72
N THR A 9 12.58 -4.63 6.67
CA THR A 9 13.09 -3.52 7.45
C THR A 9 12.75 -2.20 6.78
N ALA A 10 12.74 -2.21 5.44
CA ALA A 10 12.42 -1.02 4.68
C ALA A 10 10.97 -0.60 4.91
N PHE A 11 10.10 -1.59 5.04
CA PHE A 11 8.68 -1.34 5.27
C PHE A 11 8.50 -0.53 6.55
N GLN A 12 9.24 -0.90 7.58
CA GLN A 12 9.18 -0.21 8.86
C GLN A 12 9.73 1.21 8.69
N GLU A 13 10.79 1.33 7.91
CA GLU A 13 11.43 2.62 7.66
C GLU A 13 10.46 3.61 7.02
N ALA A 14 9.80 3.19 5.94
CA ALA A 14 8.85 4.06 5.26
C ALA A 14 7.64 4.37 6.14
N LEU A 15 7.26 3.41 6.97
CA LEU A 15 6.13 3.59 7.88
C LEU A 15 6.46 4.67 8.89
N ASP A 16 7.69 4.63 9.42
CA ASP A 16 8.15 5.61 10.39
C ASP A 16 8.25 6.99 9.76
N ALA A 17 8.49 7.02 8.45
CA ALA A 17 8.63 8.28 7.74
C ALA A 17 7.34 9.08 7.77
N ALA A 18 6.20 8.45 7.50
CA ALA A 18 4.94 9.15 7.54
C ALA A 18 4.61 9.53 8.98
N GLY A 19 4.41 8.51 9.82
CA GLY A 19 4.10 8.74 11.22
C GLY A 19 2.62 9.02 11.46
N ASP A 20 2.23 10.29 11.37
CA ASP A 20 0.84 10.66 11.59
C ASP A 20 0.04 10.72 10.30
N LYS A 21 0.75 10.75 9.17
CA LYS A 21 0.11 10.77 7.87
C LYS A 21 -0.43 9.39 7.56
N LEU A 22 -1.45 9.33 6.71
CA LEU A 22 -2.05 8.06 6.33
C LEU A 22 -1.17 7.37 5.28
N VAL A 23 -0.92 6.08 5.49
CA VAL A 23 -0.09 5.33 4.56
C VAL A 23 -0.89 4.29 3.81
N VAL A 24 -1.08 4.55 2.52
CA VAL A 24 -1.81 3.64 1.66
C VAL A 24 -0.82 2.88 0.80
N VAL A 25 -0.74 1.57 1.01
CA VAL A 25 0.20 0.75 0.28
C VAL A 25 -0.49 -0.37 -0.49
N ASP A 26 0.24 -0.95 -1.44
CA ASP A 26 -0.29 -2.03 -2.27
C ASP A 26 0.65 -3.24 -2.27
N PHE A 27 0.06 -4.41 -2.03
CA PHE A 27 0.83 -5.66 -2.04
C PHE A 27 0.66 -6.33 -3.41
N SER A 28 1.72 -6.38 -4.19
CA SER A 28 1.65 -6.95 -5.53
C SER A 28 2.60 -8.15 -5.69
N ALA A 29 2.76 -8.58 -6.94
CA ALA A 29 3.63 -9.70 -7.27
C ALA A 29 4.17 -9.57 -8.69
N THR A 30 5.33 -10.18 -8.93
CA THR A 30 5.94 -10.16 -10.25
C THR A 30 5.14 -11.04 -11.21
N TRP A 31 4.67 -12.17 -10.66
CA TRP A 31 3.90 -13.15 -11.42
C TRP A 31 2.40 -12.83 -11.44
N CYS A 32 2.04 -11.63 -11.01
CA CYS A 32 0.64 -11.22 -10.99
C CYS A 32 0.30 -10.39 -12.23
N GLY A 33 -0.98 -10.38 -12.60
CA GLY A 33 -1.41 -9.61 -13.76
C GLY A 33 -2.22 -8.39 -13.37
N PRO A 34 -3.40 -8.58 -12.76
CA PRO A 34 -4.26 -7.46 -12.34
C PRO A 34 -3.59 -6.57 -11.32
N CYS A 35 -2.62 -7.13 -10.58
CA CYS A 35 -1.90 -6.39 -9.57
C CYS A 35 -1.17 -5.19 -10.17
N LYS A 36 -0.50 -5.41 -11.29
CA LYS A 36 0.24 -4.34 -11.96
C LYS A 36 -0.69 -3.25 -12.47
N MET A 37 -1.95 -3.60 -12.73
CA MET A 37 -2.92 -2.64 -13.24
C MET A 37 -3.26 -1.57 -12.22
N ILE A 38 -2.93 -1.79 -10.96
CA ILE A 38 -3.21 -0.80 -9.91
C ILE A 38 -2.08 0.23 -9.81
N LYS A 39 -0.90 -0.15 -10.30
CA LYS A 39 0.27 0.75 -10.25
C LYS A 39 -0.05 2.13 -10.83
N PRO A 40 -0.49 2.20 -12.10
CA PRO A 40 -0.81 3.47 -12.75
C PRO A 40 -1.71 4.38 -11.91
N PHE A 41 -2.78 3.81 -11.35
CA PHE A 41 -3.72 4.59 -10.56
C PHE A 41 -3.22 4.81 -9.14
N PHE A 42 -2.45 3.88 -8.61
CA PHE A 42 -1.91 4.01 -7.26
C PHE A 42 -0.94 5.18 -7.20
N HIS A 43 -0.05 5.24 -8.19
CA HIS A 43 0.95 6.29 -8.26
C HIS A 43 0.32 7.66 -8.52
N SER A 44 -0.70 7.70 -9.38
CA SER A 44 -1.37 8.95 -9.69
C SER A 44 -2.01 9.57 -8.45
N LEU A 45 -2.65 8.73 -7.64
CA LEU A 45 -3.28 9.20 -6.42
C LEU A 45 -2.25 9.84 -5.51
N SER A 46 -1.08 9.22 -5.44
CA SER A 46 0.02 9.71 -4.62
C SER A 46 0.37 11.15 -4.99
N GLU A 47 0.13 11.53 -6.25
CA GLU A 47 0.46 12.88 -6.71
C GLU A 47 -0.69 13.85 -6.42
N LYS A 48 -1.89 13.32 -6.21
CA LYS A 48 -3.04 14.16 -5.92
C LYS A 48 -3.26 14.25 -4.41
N TYR A 49 -2.71 13.27 -3.70
CA TYR A 49 -2.81 13.22 -2.25
C TYR A 49 -1.57 13.81 -1.59
N SER A 50 -1.65 15.09 -1.23
CA SER A 50 -0.53 15.76 -0.58
C SER A 50 -0.68 15.69 0.93
N ASN A 51 -0.97 14.49 1.42
CA ASN A 51 -1.13 14.26 2.86
C ASN A 51 -0.76 12.82 3.21
N VAL A 52 -1.16 11.88 2.36
CA VAL A 52 -0.88 10.46 2.58
C VAL A 52 0.36 10.00 1.82
N ILE A 53 0.99 8.94 2.34
CA ILE A 53 2.18 8.39 1.72
C ILE A 53 1.87 7.08 0.99
N PHE A 54 2.01 7.13 -0.34
CA PHE A 54 1.74 5.97 -1.18
C PHE A 54 3.04 5.23 -1.48
N LEU A 55 3.17 3.98 -1.05
CA LEU A 55 4.38 3.23 -1.34
C LEU A 55 4.05 1.88 -1.96
N GLU A 56 5.07 1.25 -2.52
CA GLU A 56 4.89 0.00 -3.22
C GLU A 56 5.62 -1.17 -2.57
N VAL A 57 4.86 -2.18 -2.14
CA VAL A 57 5.47 -3.35 -1.54
C VAL A 57 5.23 -4.60 -2.39
N ASP A 58 6.31 -5.20 -2.85
CA ASP A 58 6.22 -6.40 -3.66
C ASP A 58 6.51 -7.61 -2.78
N VAL A 59 5.56 -8.53 -2.71
CA VAL A 59 5.72 -9.70 -1.87
C VAL A 59 6.92 -10.54 -2.28
N ASP A 60 7.40 -10.34 -3.50
CA ASP A 60 8.56 -11.07 -3.98
C ASP A 60 9.79 -10.67 -3.16
N ASP A 61 9.87 -9.38 -2.86
CA ASP A 61 10.97 -8.84 -2.07
C ASP A 61 10.56 -8.70 -0.60
N ALA A 62 9.30 -8.33 -0.39
CA ALA A 62 8.77 -8.16 0.96
C ALA A 62 8.05 -9.42 1.42
N GLN A 63 8.66 -10.57 1.15
CA GLN A 63 8.08 -11.85 1.52
C GLN A 63 8.10 -12.06 3.03
N ASP A 64 8.80 -11.18 3.75
CA ASP A 64 8.90 -11.29 5.19
C ASP A 64 7.84 -10.44 5.89
N VAL A 65 7.34 -9.41 5.20
CA VAL A 65 6.31 -8.55 5.78
C VAL A 65 4.94 -9.21 5.70
N ALA A 66 4.60 -9.74 4.53
CA ALA A 66 3.31 -10.39 4.33
C ALA A 66 2.98 -11.40 5.43
N PRO A 67 3.86 -12.40 5.63
CA PRO A 67 3.66 -13.43 6.65
C PRO A 67 3.37 -12.84 8.01
N LYS A 68 3.88 -11.64 8.25
CA LYS A 68 3.65 -10.95 9.51
C LYS A 68 2.24 -10.36 9.56
N TYR A 69 1.61 -10.22 8.40
CA TYR A 69 0.25 -9.65 8.29
C TYR A 69 -0.74 -10.68 7.76
N GLY A 70 -0.23 -11.83 7.34
CA GLY A 70 -1.07 -12.87 6.81
C GLY A 70 -1.79 -12.47 5.54
N ILE A 71 -1.10 -11.76 4.65
CA ILE A 71 -1.69 -11.34 3.37
C ILE A 71 -1.74 -12.52 2.41
N ARG A 72 -2.72 -13.40 2.56
CA ARG A 72 -2.83 -14.57 1.71
C ARG A 72 -3.63 -14.27 0.43
N GLY A 73 -2.98 -13.60 -0.51
CA GLY A 73 -3.62 -13.27 -1.77
C GLY A 73 -3.20 -11.91 -2.31
N ILE A 74 -3.46 -11.69 -3.59
CA ILE A 74 -3.12 -10.42 -4.24
C ILE A 74 -4.15 -10.06 -5.32
N PRO A 75 -4.29 -8.77 -5.68
CA PRO A 75 -3.51 -7.66 -5.11
C PRO A 75 -4.15 -7.09 -3.85
N THR A 76 -3.46 -7.20 -2.73
CA THR A 76 -3.96 -6.68 -1.46
C THR A 76 -3.56 -5.23 -1.25
N LEU A 77 -4.49 -4.43 -0.75
CA LEU A 77 -4.22 -3.03 -0.44
C LEU A 77 -4.16 -2.87 1.07
N LEU A 78 -3.07 -2.31 1.56
CA LEU A 78 -2.90 -2.15 3.00
C LEU A 78 -2.87 -0.68 3.40
N LEU A 79 -3.62 -0.36 4.45
CA LEU A 79 -3.68 1.00 4.95
C LEU A 79 -3.08 1.07 6.35
N PHE A 80 -2.00 1.83 6.47
CA PHE A 80 -1.32 1.96 7.76
C PHE A 80 -1.55 3.35 8.37
N LYS A 81 -1.57 3.39 9.70
CA LYS A 81 -1.78 4.64 10.43
C LYS A 81 -1.02 4.61 11.75
N ASN A 82 -0.02 5.47 11.88
CA ASN A 82 0.78 5.52 13.10
C ASN A 82 1.42 4.16 13.37
N GLY A 83 2.01 3.57 12.33
CA GLY A 83 2.68 2.29 12.48
C GLY A 83 1.73 1.12 12.67
N GLU A 84 0.42 1.38 12.61
CA GLU A 84 -0.56 0.32 12.80
C GLU A 84 -1.55 0.26 11.65
N VAL A 85 -1.90 -0.96 11.26
CA VAL A 85 -2.85 -1.18 10.17
C VAL A 85 -4.26 -0.72 10.57
N ALA A 86 -4.82 0.24 9.85
CA ALA A 86 -6.15 0.76 10.17
C ALA A 86 -7.15 0.52 9.04
N ALA A 87 -6.75 -0.30 8.07
CA ALA A 87 -7.60 -0.62 6.94
C ALA A 87 -6.99 -1.70 6.05
N THR A 88 -7.82 -2.63 5.57
CA THR A 88 -7.35 -3.70 4.71
C THR A 88 -8.28 -3.89 3.52
N LYS A 89 -7.69 -4.17 2.35
CA LYS A 89 -8.47 -4.38 1.14
C LYS A 89 -7.84 -5.48 0.29
N VAL A 90 -8.67 -6.37 -0.25
CA VAL A 90 -8.18 -7.48 -1.06
C VAL A 90 -8.75 -7.45 -2.47
N GLY A 91 -7.95 -7.88 -3.45
CA GLY A 91 -8.40 -7.88 -4.82
C GLY A 91 -8.28 -6.54 -5.48
N ALA A 92 -8.27 -6.54 -6.81
CA ALA A 92 -8.14 -5.31 -7.59
C ALA A 92 -9.38 -4.44 -7.44
N LEU A 93 -9.16 -3.16 -7.17
CA LEU A 93 -10.25 -2.21 -7.02
C LEU A 93 -10.23 -1.18 -8.14
N SER A 94 -11.10 -0.18 -8.05
CA SER A 94 -11.17 0.86 -9.06
C SER A 94 -10.65 2.18 -8.52
N LYS A 95 -10.38 3.13 -9.42
CA LYS A 95 -9.87 4.43 -9.03
C LYS A 95 -10.81 5.10 -8.03
N GLY A 96 -12.10 4.92 -8.23
CA GLY A 96 -13.08 5.51 -7.34
C GLY A 96 -13.21 4.76 -6.03
N GLN A 97 -13.00 3.45 -6.06
CA GLN A 97 -13.09 2.65 -4.85
C GLN A 97 -11.85 2.85 -3.99
N LEU A 98 -10.71 3.08 -4.64
CA LEU A 98 -9.46 3.30 -3.92
C LEU A 98 -9.50 4.68 -3.26
N LYS A 99 -9.85 5.69 -4.05
CA LYS A 99 -9.93 7.06 -3.55
C LYS A 99 -10.98 7.17 -2.45
N GLU A 100 -12.14 6.55 -2.67
CA GLU A 100 -13.21 6.59 -1.68
C GLU A 100 -12.75 5.95 -0.37
N PHE A 101 -12.00 4.84 -0.49
CA PHE A 101 -11.47 4.13 0.67
C PHE A 101 -10.50 5.02 1.45
N LEU A 102 -9.66 5.73 0.70
CA LEU A 102 -8.68 6.61 1.32
C LEU A 102 -9.38 7.79 1.98
N ASP A 103 -10.17 8.53 1.22
CA ASP A 103 -10.90 9.68 1.76
C ASP A 103 -11.65 9.28 3.02
N ALA A 104 -12.13 8.04 3.06
CA ALA A 104 -12.86 7.53 4.21
C ALA A 104 -11.94 7.22 5.40
N ASN A 105 -10.64 7.05 5.13
CA ASN A 105 -9.68 6.75 6.19
C ASN A 105 -8.81 7.96 6.50
N LEU A 106 -8.50 8.73 5.47
CA LEU A 106 -7.68 9.92 5.63
C LEU A 106 -8.46 11.00 6.39
N VAL A 107 -8.20 11.10 7.68
CA VAL A 107 -8.87 12.06 8.52
C VAL A 107 -8.43 11.91 9.98
N MET A 1 5.38 11.14 -2.57
CA MET A 1 6.71 10.48 -2.47
C MET A 1 6.57 8.97 -2.26
N VAL A 2 6.48 8.24 -3.37
CA VAL A 2 6.35 6.79 -3.31
C VAL A 2 7.71 6.13 -3.25
N LYS A 3 7.80 5.02 -2.51
CA LYS A 3 9.06 4.31 -2.37
C LYS A 3 8.80 2.82 -2.27
N GLN A 4 9.40 2.08 -3.19
CA GLN A 4 9.23 0.63 -3.23
C GLN A 4 10.03 -0.01 -2.09
N ILE A 5 9.38 -0.88 -1.32
CA ILE A 5 10.02 -1.55 -0.21
C ILE A 5 10.37 -2.99 -0.58
N GLU A 6 11.66 -3.26 -0.76
CA GLU A 6 12.13 -4.59 -1.13
C GLU A 6 12.67 -5.36 0.06
N SER A 7 12.30 -4.94 1.27
CA SER A 7 12.77 -5.61 2.48
C SER A 7 11.81 -5.40 3.63
N LYS A 8 11.89 -6.26 4.65
CA LYS A 8 11.02 -6.16 5.81
C LYS A 8 11.40 -4.96 6.67
N THR A 9 12.67 -4.57 6.63
CA THR A 9 13.14 -3.44 7.42
C THR A 9 12.79 -2.12 6.73
N ALA A 10 12.73 -2.14 5.41
CA ALA A 10 12.40 -0.94 4.64
C ALA A 10 10.97 -0.51 4.92
N PHE A 11 10.06 -1.47 5.03
CA PHE A 11 8.65 -1.17 5.30
C PHE A 11 8.53 -0.40 6.61
N GLN A 12 9.27 -0.83 7.62
CA GLN A 12 9.27 -0.16 8.90
C GLN A 12 9.86 1.25 8.75
N GLU A 13 10.98 1.32 8.02
CA GLU A 13 11.66 2.59 7.78
C GLU A 13 10.74 3.60 7.10
N ALA A 14 10.03 3.15 6.07
CA ALA A 14 9.10 4.03 5.35
C ALA A 14 7.96 4.44 6.25
N LEU A 15 7.57 3.57 7.16
CA LEU A 15 6.48 3.84 8.09
C LEU A 15 6.88 4.93 9.08
N ASP A 16 8.15 4.89 9.52
CA ASP A 16 8.66 5.88 10.46
C ASP A 16 8.57 7.27 9.86
N ALA A 17 8.79 7.36 8.56
CA ALA A 17 8.72 8.64 7.85
C ALA A 17 7.26 9.06 7.64
N ALA A 18 6.36 8.07 7.67
CA ALA A 18 4.94 8.33 7.48
C ALA A 18 4.38 9.15 8.62
N GLY A 19 4.88 8.93 9.84
CA GLY A 19 4.42 9.69 10.99
C GLY A 19 2.92 9.58 11.20
N ASP A 20 2.25 10.74 11.22
CA ASP A 20 0.81 10.76 11.42
C ASP A 20 0.06 10.80 10.09
N LYS A 21 0.79 10.66 9.00
CA LYS A 21 0.19 10.65 7.67
C LYS A 21 -0.42 9.28 7.40
N LEU A 22 -1.47 9.25 6.61
CA LEU A 22 -2.12 7.99 6.26
C LEU A 22 -1.28 7.27 5.22
N VAL A 23 -1.04 5.98 5.43
CA VAL A 23 -0.21 5.22 4.50
C VAL A 23 -1.02 4.20 3.73
N VAL A 24 -1.16 4.44 2.44
CA VAL A 24 -1.89 3.53 1.57
C VAL A 24 -0.88 2.78 0.71
N VAL A 25 -0.80 1.48 0.92
CA VAL A 25 0.16 0.66 0.20
C VAL A 25 -0.51 -0.50 -0.53
N ASP A 26 0.24 -1.14 -1.42
CA ASP A 26 -0.29 -2.25 -2.21
C ASP A 26 0.68 -3.42 -2.25
N PHE A 27 0.14 -4.63 -2.04
CA PHE A 27 0.95 -5.85 -2.10
C PHE A 27 0.81 -6.49 -3.48
N SER A 28 1.87 -6.43 -4.28
CA SER A 28 1.84 -6.99 -5.63
C SER A 28 2.80 -8.16 -5.81
N ALA A 29 2.97 -8.57 -7.06
CA ALA A 29 3.86 -9.66 -7.42
C ALA A 29 4.40 -9.48 -8.84
N THR A 30 5.56 -10.06 -9.12
CA THR A 30 6.14 -9.98 -10.46
C THR A 30 5.33 -10.84 -11.41
N TRP A 31 4.87 -11.98 -10.89
CA TRP A 31 4.09 -12.94 -11.66
C TRP A 31 2.59 -12.62 -11.60
N CYS A 32 2.24 -11.44 -11.10
CA CYS A 32 0.84 -11.04 -10.99
C CYS A 32 0.35 -10.29 -12.22
N GLY A 33 -0.96 -10.33 -12.44
CA GLY A 33 -1.55 -9.65 -13.58
C GLY A 33 -2.27 -8.38 -13.18
N PRO A 34 -3.48 -8.49 -12.59
CA PRO A 34 -4.27 -7.32 -12.17
C PRO A 34 -3.50 -6.41 -11.23
N CYS A 35 -2.47 -6.94 -10.59
CA CYS A 35 -1.65 -6.15 -9.67
C CYS A 35 -1.04 -4.95 -10.39
N LYS A 36 -0.53 -5.18 -11.58
CA LYS A 36 0.09 -4.13 -12.38
C LYS A 36 -0.95 -3.11 -12.86
N MET A 37 -2.21 -3.51 -12.87
CA MET A 37 -3.29 -2.62 -13.30
C MET A 37 -3.55 -1.52 -12.30
N ILE A 38 -3.19 -1.76 -11.04
CA ILE A 38 -3.40 -0.76 -9.98
C ILE A 38 -2.23 0.23 -9.90
N LYS A 39 -1.06 -0.20 -10.38
CA LYS A 39 0.13 0.63 -10.35
C LYS A 39 -0.13 2.02 -10.94
N PRO A 40 -0.67 2.08 -12.16
CA PRO A 40 -0.95 3.37 -12.83
C PRO A 40 -1.77 4.32 -11.98
N PHE A 41 -2.86 3.82 -11.39
CA PHE A 41 -3.75 4.66 -10.59
C PHE A 41 -3.21 4.88 -9.18
N PHE A 42 -2.42 3.94 -8.67
CA PHE A 42 -1.85 4.07 -7.34
C PHE A 42 -0.89 5.25 -7.29
N HIS A 43 -0.04 5.35 -8.30
CA HIS A 43 0.95 6.42 -8.37
C HIS A 43 0.31 7.78 -8.60
N SER A 44 -0.70 7.83 -9.47
CA SER A 44 -1.39 9.10 -9.76
C SER A 44 -2.01 9.69 -8.50
N LEU A 45 -2.68 8.85 -7.73
CA LEU A 45 -3.31 9.30 -6.49
C LEU A 45 -2.27 9.91 -5.56
N SER A 46 -1.11 9.27 -5.49
CA SER A 46 -0.02 9.74 -4.65
C SER A 46 0.35 11.18 -4.98
N GLU A 47 0.08 11.59 -6.23
CA GLU A 47 0.40 12.95 -6.67
C GLU A 47 -0.73 13.93 -6.37
N LYS A 48 -1.94 13.40 -6.17
CA LYS A 48 -3.09 14.25 -5.86
C LYS A 48 -3.30 14.30 -4.34
N TYR A 49 -2.73 13.33 -3.64
CA TYR A 49 -2.83 13.26 -2.19
C TYR A 49 -1.57 13.83 -1.52
N SER A 50 -1.59 15.12 -1.21
CA SER A 50 -0.45 15.76 -0.58
C SER A 50 -0.54 15.66 0.94
N ASN A 51 -0.79 14.44 1.43
CA ASN A 51 -0.89 14.19 2.86
C ASN A 51 -0.53 12.75 3.19
N VAL A 52 -1.02 11.83 2.35
CA VAL A 52 -0.78 10.41 2.56
C VAL A 52 0.45 9.93 1.79
N ILE A 53 1.04 8.85 2.29
CA ILE A 53 2.23 8.29 1.65
C ILE A 53 1.88 7.00 0.90
N PHE A 54 2.02 7.05 -0.41
CA PHE A 54 1.73 5.90 -1.26
C PHE A 54 3.01 5.16 -1.56
N LEU A 55 3.14 3.91 -1.10
CA LEU A 55 4.34 3.14 -1.38
C LEU A 55 4.00 1.79 -1.96
N GLU A 56 5.02 1.12 -2.49
CA GLU A 56 4.84 -0.16 -3.13
C GLU A 56 5.63 -1.28 -2.48
N VAL A 57 4.91 -2.31 -2.05
CA VAL A 57 5.55 -3.45 -1.41
C VAL A 57 5.33 -4.72 -2.23
N ASP A 58 6.43 -5.30 -2.66
CA ASP A 58 6.37 -6.51 -3.46
C ASP A 58 6.66 -7.72 -2.58
N VAL A 59 5.70 -8.63 -2.50
CA VAL A 59 5.83 -9.80 -1.66
C VAL A 59 7.01 -10.68 -2.09
N ASP A 60 7.50 -10.48 -3.30
CA ASP A 60 8.64 -11.25 -3.80
C ASP A 60 9.88 -10.92 -2.97
N ASP A 61 10.01 -9.63 -2.63
CA ASP A 61 11.13 -9.16 -1.84
C ASP A 61 10.71 -8.97 -0.38
N ALA A 62 9.45 -8.57 -0.19
CA ALA A 62 8.91 -8.34 1.14
C ALA A 62 8.15 -9.58 1.63
N GLN A 63 8.75 -10.75 1.41
CA GLN A 63 8.14 -12.01 1.81
C GLN A 63 8.13 -12.17 3.32
N ASP A 64 8.83 -11.29 4.03
CA ASP A 64 8.89 -11.37 5.49
C ASP A 64 7.85 -10.46 6.13
N VAL A 65 7.40 -9.44 5.41
CA VAL A 65 6.40 -8.53 5.95
C VAL A 65 5.01 -9.16 5.88
N ALA A 66 4.66 -9.74 4.72
CA ALA A 66 3.35 -10.36 4.54
C ALA A 66 3.03 -11.34 5.67
N PRO A 67 3.88 -12.36 5.88
CA PRO A 67 3.67 -13.36 6.94
C PRO A 67 3.42 -12.70 8.30
N LYS A 68 3.98 -11.51 8.47
CA LYS A 68 3.80 -10.77 9.72
C LYS A 68 2.42 -10.13 9.77
N TYR A 69 1.78 -9.99 8.61
CA TYR A 69 0.44 -9.39 8.51
C TYR A 69 -0.62 -10.41 8.11
N GLY A 70 -0.18 -11.63 7.82
CA GLY A 70 -1.10 -12.68 7.43
C GLY A 70 -1.81 -12.43 6.12
N ILE A 71 -1.10 -11.82 5.16
CA ILE A 71 -1.69 -11.54 3.85
C ILE A 71 -1.76 -12.81 3.01
N ARG A 72 -2.89 -13.03 2.34
CA ARG A 72 -3.09 -14.21 1.52
C ARG A 72 -3.96 -13.90 0.31
N GLY A 73 -3.49 -13.01 -0.55
CA GLY A 73 -4.23 -12.65 -1.75
C GLY A 73 -3.54 -11.56 -2.55
N ILE A 74 -3.93 -11.44 -3.82
CA ILE A 74 -3.35 -10.44 -4.70
C ILE A 74 -4.39 -9.92 -5.69
N PRO A 75 -4.44 -8.60 -5.95
CA PRO A 75 -3.57 -7.59 -5.33
C PRO A 75 -4.15 -7.04 -4.03
N THR A 76 -3.42 -7.18 -2.94
CA THR A 76 -3.89 -6.69 -1.64
C THR A 76 -3.55 -5.21 -1.43
N LEU A 77 -4.50 -4.47 -0.90
CA LEU A 77 -4.29 -3.07 -0.59
C LEU A 77 -4.25 -2.91 0.92
N LEU A 78 -3.15 -2.37 1.42
CA LEU A 78 -2.97 -2.21 2.86
C LEU A 78 -2.92 -0.74 3.26
N LEU A 79 -3.62 -0.41 4.34
CA LEU A 79 -3.66 0.94 4.85
C LEU A 79 -3.05 0.99 6.25
N PHE A 80 -2.03 1.83 6.42
CA PHE A 80 -1.36 1.94 7.71
C PHE A 80 -1.55 3.34 8.32
N LYS A 81 -1.60 3.39 9.64
CA LYS A 81 -1.79 4.64 10.36
C LYS A 81 -1.02 4.59 11.68
N ASN A 82 0.02 5.39 11.81
CA ASN A 82 0.82 5.42 13.02
C ASN A 82 1.43 4.05 13.29
N GLY A 83 2.00 3.45 12.24
CA GLY A 83 2.64 2.15 12.38
C GLY A 83 1.67 0.99 12.55
N GLU A 84 0.37 1.28 12.53
CA GLU A 84 -0.63 0.23 12.70
C GLU A 84 -1.61 0.20 11.53
N VAL A 85 -1.94 -1.02 11.09
CA VAL A 85 -2.88 -1.21 9.99
C VAL A 85 -4.28 -0.76 10.39
N ALA A 86 -4.82 0.24 9.71
CA ALA A 86 -6.15 0.75 10.04
C ALA A 86 -7.16 0.43 8.94
N ALA A 87 -6.75 -0.38 7.98
CA ALA A 87 -7.61 -0.76 6.87
C ALA A 87 -6.97 -1.84 5.99
N THR A 88 -7.79 -2.77 5.53
CA THR A 88 -7.31 -3.85 4.67
C THR A 88 -8.27 -4.11 3.52
N LYS A 89 -7.74 -4.12 2.30
CA LYS A 89 -8.56 -4.38 1.11
C LYS A 89 -7.89 -5.46 0.25
N VAL A 90 -8.69 -6.38 -0.27
CA VAL A 90 -8.18 -7.46 -1.09
C VAL A 90 -8.76 -7.42 -2.51
N GLY A 91 -7.97 -7.83 -3.49
CA GLY A 91 -8.45 -7.84 -4.86
C GLY A 91 -8.41 -6.47 -5.51
N ALA A 92 -8.54 -6.46 -6.84
CA ALA A 92 -8.50 -5.22 -7.60
C ALA A 92 -9.71 -4.35 -7.32
N LEU A 93 -9.69 -3.13 -7.85
CA LEU A 93 -10.78 -2.19 -7.64
C LEU A 93 -10.71 -1.07 -8.69
N SER A 94 -11.53 -0.03 -8.50
CA SER A 94 -11.54 1.09 -9.44
C SER A 94 -10.94 2.34 -8.78
N LYS A 95 -10.64 3.34 -9.61
CA LYS A 95 -10.07 4.59 -9.10
C LYS A 95 -10.97 5.23 -8.06
N GLY A 96 -12.28 5.05 -8.23
CA GLY A 96 -13.22 5.63 -7.29
C GLY A 96 -13.32 4.84 -6.00
N GLN A 97 -13.11 3.53 -6.07
CA GLN A 97 -13.16 2.70 -4.88
C GLN A 97 -11.90 2.85 -4.05
N LEU A 98 -10.78 3.11 -4.72
CA LEU A 98 -9.52 3.29 -4.03
C LEU A 98 -9.54 4.63 -3.29
N LYS A 99 -9.88 5.68 -4.02
CA LYS A 99 -9.95 7.02 -3.47
C LYS A 99 -11.02 7.12 -2.38
N GLU A 100 -12.19 6.54 -2.65
CA GLU A 100 -13.28 6.57 -1.68
C GLU A 100 -12.84 5.87 -0.40
N PHE A 101 -12.17 4.73 -0.55
CA PHE A 101 -11.66 3.98 0.59
C PHE A 101 -10.65 4.82 1.37
N LEU A 102 -9.81 5.54 0.63
CA LEU A 102 -8.81 6.40 1.23
C LEU A 102 -9.47 7.51 2.02
N ASP A 103 -10.23 8.35 1.32
CA ASP A 103 -10.94 9.45 1.97
C ASP A 103 -11.67 8.98 3.22
N ALA A 104 -12.13 7.73 3.18
CA ALA A 104 -12.86 7.14 4.30
C ALA A 104 -11.93 6.86 5.49
N ASN A 105 -10.65 6.68 5.22
CA ASN A 105 -9.68 6.39 6.28
C ASN A 105 -8.77 7.58 6.53
N LEU A 106 -8.54 8.39 5.50
CA LEU A 106 -7.69 9.57 5.61
C LEU A 106 -8.37 10.65 6.45
N VAL A 107 -7.81 10.91 7.62
CA VAL A 107 -8.36 11.92 8.53
C VAL A 107 -7.30 12.42 9.50
N MET A 1 6.41 11.28 -1.48
CA MET A 1 7.24 10.53 -2.45
C MET A 1 7.12 9.01 -2.23
N VAL A 2 6.83 8.28 -3.29
CA VAL A 2 6.67 6.83 -3.21
C VAL A 2 8.02 6.13 -3.12
N LYS A 3 8.06 5.02 -2.39
CA LYS A 3 9.29 4.27 -2.22
C LYS A 3 9.00 2.78 -2.18
N GLN A 4 9.58 2.05 -3.13
CA GLN A 4 9.38 0.61 -3.19
C GLN A 4 10.17 -0.06 -2.07
N ILE A 5 9.50 -0.92 -1.32
CA ILE A 5 10.14 -1.62 -0.20
C ILE A 5 10.51 -3.05 -0.58
N GLU A 6 11.81 -3.29 -0.73
CA GLU A 6 12.31 -4.61 -1.12
C GLU A 6 12.82 -5.39 0.10
N SER A 7 12.38 -4.99 1.29
CA SER A 7 12.81 -5.66 2.51
C SER A 7 11.79 -5.50 3.63
N LYS A 8 11.83 -6.39 4.61
CA LYS A 8 10.91 -6.34 5.74
C LYS A 8 11.26 -5.17 6.66
N THR A 9 12.53 -4.79 6.70
CA THR A 9 12.98 -3.68 7.53
C THR A 9 12.69 -2.35 6.85
N ALA A 10 12.72 -2.33 5.53
CA ALA A 10 12.47 -1.11 4.77
C ALA A 10 11.03 -0.65 4.97
N PHE A 11 10.12 -1.60 5.09
CA PHE A 11 8.71 -1.28 5.30
C PHE A 11 8.53 -0.47 6.58
N GLN A 12 9.21 -0.89 7.63
CA GLN A 12 9.16 -0.19 8.89
C GLN A 12 9.74 1.22 8.73
N GLU A 13 10.84 1.31 7.96
CA GLU A 13 11.50 2.58 7.72
C GLU A 13 10.56 3.59 7.07
N ALA A 14 9.87 3.16 6.02
CA ALA A 14 8.92 4.03 5.33
C ALA A 14 7.73 4.38 6.22
N LEU A 15 7.34 3.43 7.08
CA LEU A 15 6.22 3.64 7.98
C LEU A 15 6.57 4.69 9.02
N ASP A 16 7.81 4.65 9.52
CA ASP A 16 8.26 5.61 10.51
C ASP A 16 8.36 7.00 9.90
N ALA A 17 8.61 7.05 8.59
CA ALA A 17 8.76 8.32 7.89
C ALA A 17 7.47 9.12 7.93
N ALA A 18 6.34 8.48 7.60
CA ALA A 18 5.06 9.19 7.64
C ALA A 18 4.70 9.51 9.08
N GLY A 19 4.47 8.46 9.86
CA GLY A 19 4.14 8.64 11.27
C GLY A 19 2.67 8.98 11.49
N ASP A 20 2.33 10.25 11.35
CA ASP A 20 0.96 10.70 11.56
C ASP A 20 0.18 10.76 10.24
N LYS A 21 0.90 10.79 9.12
CA LYS A 21 0.26 10.82 7.82
C LYS A 21 -0.29 9.45 7.50
N LEU A 22 -1.31 9.40 6.66
CA LEU A 22 -1.91 8.13 6.27
C LEU A 22 -1.05 7.44 5.22
N VAL A 23 -0.86 6.15 5.39
CA VAL A 23 -0.05 5.37 4.47
C VAL A 23 -0.85 4.31 3.75
N VAL A 24 -1.12 4.56 2.47
CA VAL A 24 -1.85 3.60 1.63
C VAL A 24 -0.85 2.88 0.75
N VAL A 25 -0.78 1.57 0.90
CA VAL A 25 0.17 0.77 0.16
C VAL A 25 -0.50 -0.38 -0.57
N ASP A 26 0.23 -0.99 -1.48
CA ASP A 26 -0.30 -2.10 -2.25
C ASP A 26 0.67 -3.28 -2.31
N PHE A 27 0.13 -4.47 -2.13
CA PHE A 27 0.92 -5.70 -2.17
C PHE A 27 0.72 -6.37 -3.54
N SER A 28 1.77 -6.37 -4.35
CA SER A 28 1.68 -6.95 -5.69
C SER A 28 2.70 -8.07 -5.91
N ALA A 29 2.84 -8.46 -7.17
CA ALA A 29 3.77 -9.53 -7.55
C ALA A 29 4.24 -9.33 -8.98
N THR A 30 5.42 -9.84 -9.31
CA THR A 30 5.93 -9.73 -10.66
C THR A 30 5.16 -10.66 -11.59
N TRP A 31 4.74 -11.80 -11.04
CA TRP A 31 3.99 -12.81 -11.77
C TRP A 31 2.48 -12.53 -11.76
N CYS A 32 2.07 -11.36 -11.30
CA CYS A 32 0.65 -11.01 -11.25
C CYS A 32 0.22 -10.22 -12.49
N GLY A 33 -1.07 -10.24 -12.79
CA GLY A 33 -1.60 -9.52 -13.94
C GLY A 33 -2.39 -8.30 -13.53
N PRO A 34 -3.55 -8.49 -12.87
CA PRO A 34 -4.39 -7.37 -12.43
C PRO A 34 -3.70 -6.48 -11.40
N CYS A 35 -2.71 -7.04 -10.70
CA CYS A 35 -1.97 -6.29 -9.69
C CYS A 35 -1.27 -5.11 -10.32
N LYS A 36 -0.63 -5.35 -11.46
CA LYS A 36 0.11 -4.31 -12.17
C LYS A 36 -0.83 -3.21 -12.66
N MET A 37 -2.09 -3.56 -12.91
CA MET A 37 -3.07 -2.61 -13.42
C MET A 37 -3.40 -1.53 -12.38
N ILE A 38 -3.06 -1.76 -11.11
CA ILE A 38 -3.36 -0.79 -10.07
C ILE A 38 -2.25 0.25 -9.94
N LYS A 39 -1.05 -0.09 -10.40
CA LYS A 39 0.10 0.82 -10.35
C LYS A 39 -0.23 2.21 -10.92
N PRO A 40 -0.61 2.29 -12.22
CA PRO A 40 -0.93 3.58 -12.86
C PRO A 40 -1.86 4.45 -12.03
N PHE A 41 -2.92 3.85 -11.50
CA PHE A 41 -3.89 4.61 -10.72
C PHE A 41 -3.42 4.84 -9.29
N PHE A 42 -2.67 3.89 -8.73
CA PHE A 42 -2.18 4.04 -7.37
C PHE A 42 -1.17 5.18 -7.30
N HIS A 43 -0.26 5.23 -8.26
CA HIS A 43 0.77 6.26 -8.32
C HIS A 43 0.16 7.63 -8.61
N SER A 44 -0.86 7.68 -9.46
CA SER A 44 -1.50 8.94 -9.80
C SER A 44 -2.11 9.58 -8.56
N LEU A 45 -2.76 8.76 -7.74
CA LEU A 45 -3.39 9.25 -6.51
C LEU A 45 -2.34 9.88 -5.60
N SER A 46 -1.17 9.26 -5.54
CA SER A 46 -0.07 9.76 -4.72
C SER A 46 0.25 11.22 -5.06
N GLU A 47 -0.04 11.63 -6.30
CA GLU A 47 0.22 13.00 -6.74
C GLU A 47 -0.97 13.91 -6.44
N LYS A 48 -2.14 13.32 -6.28
CA LYS A 48 -3.35 14.10 -5.99
C LYS A 48 -3.56 14.15 -4.48
N TYR A 49 -2.98 13.18 -3.78
CA TYR A 49 -3.09 13.13 -2.33
C TYR A 49 -1.86 13.77 -1.69
N SER A 50 -1.99 15.03 -1.31
CA SER A 50 -0.90 15.76 -0.70
C SER A 50 -1.00 15.71 0.82
N ASN A 51 -1.31 14.54 1.36
CA ASN A 51 -1.42 14.35 2.81
C ASN A 51 -1.20 12.90 3.21
N VAL A 52 -0.72 12.06 2.28
CA VAL A 52 -0.51 10.65 2.55
C VAL A 52 0.73 10.13 1.82
N ILE A 53 1.29 9.04 2.32
CA ILE A 53 2.48 8.46 1.70
C ILE A 53 2.12 7.17 0.96
N PHE A 54 2.28 7.20 -0.36
CA PHE A 54 1.97 6.06 -1.21
C PHE A 54 3.24 5.28 -1.51
N LEU A 55 3.33 4.04 -1.07
CA LEU A 55 4.51 3.25 -1.36
C LEU A 55 4.16 1.91 -1.96
N GLU A 56 5.17 1.23 -2.48
CA GLU A 56 4.97 -0.02 -3.17
C GLU A 56 5.70 -1.18 -2.52
N VAL A 57 4.95 -2.21 -2.11
CA VAL A 57 5.56 -3.38 -1.50
C VAL A 57 5.29 -4.64 -2.31
N ASP A 58 6.36 -5.25 -2.79
CA ASP A 58 6.26 -6.48 -3.56
C ASP A 58 6.53 -7.67 -2.65
N VAL A 59 5.57 -8.57 -2.55
CA VAL A 59 5.72 -9.73 -1.68
C VAL A 59 6.92 -10.60 -2.09
N ASP A 60 7.38 -10.43 -3.31
CA ASP A 60 8.53 -11.18 -3.79
C ASP A 60 9.76 -10.82 -2.97
N ASP A 61 9.88 -9.52 -2.66
CA ASP A 61 11.01 -9.02 -1.87
C ASP A 61 10.59 -8.84 -0.41
N ALA A 62 9.34 -8.44 -0.21
CA ALA A 62 8.80 -8.25 1.12
C ALA A 62 8.05 -9.49 1.58
N GLN A 63 8.67 -10.65 1.39
CA GLN A 63 8.06 -11.92 1.78
C GLN A 63 8.06 -12.09 3.30
N ASP A 64 8.77 -11.23 4.01
CA ASP A 64 8.84 -11.32 5.47
C ASP A 64 7.79 -10.41 6.13
N VAL A 65 7.31 -9.41 5.39
CA VAL A 65 6.30 -8.51 5.93
C VAL A 65 4.91 -9.13 5.84
N ALA A 66 4.58 -9.71 4.69
CA ALA A 66 3.26 -10.33 4.49
C ALA A 66 2.92 -11.32 5.62
N PRO A 67 3.76 -12.34 5.84
CA PRO A 67 3.54 -13.35 6.89
C PRO A 67 3.32 -12.70 8.25
N LYS A 68 3.90 -11.52 8.44
CA LYS A 68 3.75 -10.78 9.68
C LYS A 68 2.38 -10.12 9.74
N TYR A 69 1.80 -9.85 8.56
CA TYR A 69 0.48 -9.20 8.48
C TYR A 69 -0.62 -10.18 8.07
N GLY A 70 -0.24 -11.43 7.82
CA GLY A 70 -1.22 -12.45 7.44
C GLY A 70 -1.87 -12.21 6.10
N ILE A 71 -1.12 -11.68 5.14
CA ILE A 71 -1.68 -11.43 3.81
C ILE A 71 -1.76 -12.74 3.01
N ARG A 72 -2.90 -12.97 2.37
CA ARG A 72 -3.10 -14.18 1.59
C ARG A 72 -4.06 -13.95 0.43
N GLY A 73 -3.75 -12.95 -0.39
CA GLY A 73 -4.60 -12.63 -1.54
C GLY A 73 -4.23 -11.32 -2.21
N ILE A 74 -3.58 -11.42 -3.37
CA ILE A 74 -3.16 -10.24 -4.13
C ILE A 74 -4.09 -9.99 -5.31
N PRO A 75 -4.22 -8.73 -5.79
CA PRO A 75 -3.50 -7.57 -5.22
C PRO A 75 -4.14 -7.05 -3.94
N THR A 76 -3.40 -7.15 -2.84
CA THR A 76 -3.88 -6.67 -1.54
C THR A 76 -3.54 -5.20 -1.33
N LEU A 77 -4.49 -4.45 -0.81
CA LEU A 77 -4.27 -3.04 -0.52
C LEU A 77 -4.17 -2.87 0.99
N LEU A 78 -3.04 -2.34 1.45
CA LEU A 78 -2.82 -2.17 2.89
C LEU A 78 -2.77 -0.70 3.29
N LEU A 79 -3.45 -0.39 4.38
CA LEU A 79 -3.51 0.96 4.88
C LEU A 79 -2.88 1.02 6.27
N PHE A 80 -1.92 1.91 6.44
CA PHE A 80 -1.23 2.04 7.71
C PHE A 80 -1.45 3.41 8.33
N LYS A 81 -1.49 3.44 9.66
CA LYS A 81 -1.71 4.68 10.39
C LYS A 81 -0.97 4.62 11.72
N ASN A 82 0.02 5.49 11.90
CA ASN A 82 0.79 5.51 13.14
C ASN A 82 1.44 4.14 13.38
N GLY A 83 2.01 3.57 12.32
CA GLY A 83 2.68 2.29 12.44
C GLY A 83 1.73 1.11 12.62
N GLU A 84 0.42 1.36 12.54
CA GLU A 84 -0.56 0.30 12.72
C GLU A 84 -1.52 0.22 11.54
N VAL A 85 -1.91 -1.00 11.17
CA VAL A 85 -2.83 -1.21 10.06
C VAL A 85 -4.23 -0.74 10.43
N ALA A 86 -4.77 0.24 9.71
CA ALA A 86 -6.10 0.77 9.99
C ALA A 86 -7.10 0.50 8.88
N ALA A 87 -6.72 -0.36 7.95
CA ALA A 87 -7.59 -0.72 6.83
C ALA A 87 -6.96 -1.82 5.96
N THR A 88 -7.78 -2.77 5.52
CA THR A 88 -7.29 -3.85 4.67
C THR A 88 -8.24 -4.10 3.50
N LYS A 89 -7.68 -4.21 2.30
CA LYS A 89 -8.47 -4.45 1.10
C LYS A 89 -7.83 -5.55 0.25
N VAL A 90 -8.65 -6.43 -0.31
CA VAL A 90 -8.14 -7.54 -1.11
C VAL A 90 -8.73 -7.53 -2.52
N GLY A 91 -7.93 -7.95 -3.50
CA GLY A 91 -8.39 -7.98 -4.88
C GLY A 91 -8.31 -6.64 -5.56
N ALA A 92 -8.36 -6.66 -6.89
CA ALA A 92 -8.28 -5.45 -7.69
C ALA A 92 -9.53 -4.59 -7.52
N LEU A 93 -9.31 -3.30 -7.33
CA LEU A 93 -10.40 -2.35 -7.15
C LEU A 93 -10.39 -1.32 -8.29
N SER A 94 -11.28 -0.33 -8.21
CA SER A 94 -11.36 0.71 -9.23
C SER A 94 -10.86 2.04 -8.69
N LYS A 95 -10.54 2.97 -9.58
CA LYS A 95 -10.05 4.30 -9.18
C LYS A 95 -10.98 4.96 -8.17
N GLY A 96 -12.29 4.77 -8.35
CA GLY A 96 -13.24 5.36 -7.43
C GLY A 96 -13.35 4.60 -6.12
N GLN A 97 -13.09 3.30 -6.17
CA GLN A 97 -13.15 2.47 -4.98
C GLN A 97 -11.91 2.66 -4.13
N LEU A 98 -10.78 2.91 -4.79
CA LEU A 98 -9.53 3.13 -4.07
C LEU A 98 -9.58 4.49 -3.37
N LYS A 99 -9.94 5.52 -4.12
CA LYS A 99 -10.03 6.87 -3.61
C LYS A 99 -11.03 6.96 -2.46
N GLU A 100 -12.17 6.30 -2.62
CA GLU A 100 -13.21 6.31 -1.59
C GLU A 100 -12.69 5.67 -0.31
N PHE A 101 -11.89 4.61 -0.45
CA PHE A 101 -11.29 3.93 0.69
C PHE A 101 -10.34 4.87 1.42
N LEU A 102 -9.56 5.60 0.63
CA LEU A 102 -8.59 6.54 1.18
C LEU A 102 -9.33 7.66 1.91
N ASP A 103 -10.13 8.42 1.18
CA ASP A 103 -10.89 9.51 1.78
C ASP A 103 -11.62 9.06 3.05
N ALA A 104 -12.07 7.81 3.05
CA ALA A 104 -12.79 7.24 4.20
C ALA A 104 -11.86 6.94 5.38
N ASN A 105 -10.56 6.82 5.11
CA ASN A 105 -9.59 6.53 6.16
C ASN A 105 -8.71 7.74 6.48
N LEU A 106 -8.35 8.48 5.43
CA LEU A 106 -7.51 9.67 5.57
C LEU A 106 -8.19 10.73 6.44
N VAL A 107 -7.67 10.90 7.66
CA VAL A 107 -8.23 11.87 8.59
C VAL A 107 -7.21 12.27 9.65
N MET A 1 8.28 10.97 -4.86
CA MET A 1 7.07 10.43 -4.19
C MET A 1 7.02 8.90 -4.29
N VAL A 2 6.44 8.27 -3.28
CA VAL A 2 6.31 6.82 -3.24
C VAL A 2 7.68 6.16 -3.18
N LYS A 3 7.77 5.06 -2.44
CA LYS A 3 9.03 4.34 -2.31
C LYS A 3 8.77 2.85 -2.23
N GLN A 4 9.37 2.11 -3.16
CA GLN A 4 9.19 0.67 -3.21
C GLN A 4 9.99 0.02 -2.08
N ILE A 5 9.34 -0.85 -1.32
CA ILE A 5 9.98 -1.54 -0.21
C ILE A 5 10.37 -2.97 -0.63
N GLU A 6 11.67 -3.18 -0.80
CA GLU A 6 12.20 -4.48 -1.21
C GLU A 6 12.75 -5.27 -0.03
N SER A 7 12.34 -4.91 1.19
CA SER A 7 12.80 -5.61 2.38
C SER A 7 11.83 -5.41 3.54
N LYS A 8 11.93 -6.30 4.53
CA LYS A 8 11.06 -6.21 5.68
C LYS A 8 11.47 -5.06 6.59
N THR A 9 12.75 -4.68 6.54
CA THR A 9 13.23 -3.57 7.36
C THR A 9 12.87 -2.24 6.72
N ALA A 10 12.81 -2.22 5.39
CA ALA A 10 12.48 -1.00 4.66
C ALA A 10 11.04 -0.57 4.95
N PHE A 11 10.13 -1.55 5.05
CA PHE A 11 8.72 -1.24 5.34
C PHE A 11 8.61 -0.46 6.64
N GLN A 12 9.40 -0.87 7.63
CA GLN A 12 9.43 -0.20 8.92
C GLN A 12 10.00 1.20 8.76
N GLU A 13 11.09 1.29 8.01
CA GLU A 13 11.76 2.58 7.79
C GLU A 13 10.82 3.58 7.13
N ALA A 14 10.16 3.16 6.06
CA ALA A 14 9.24 4.04 5.35
C ALA A 14 8.07 4.45 6.24
N LEU A 15 7.68 3.56 7.14
CA LEU A 15 6.58 3.84 8.06
C LEU A 15 6.98 4.94 9.04
N ASP A 16 8.24 4.90 9.46
CA ASP A 16 8.77 5.89 10.40
C ASP A 16 8.68 7.29 9.79
N ALA A 17 8.85 7.36 8.48
CA ALA A 17 8.76 8.63 7.75
C ALA A 17 7.31 9.07 7.58
N ALA A 18 6.40 8.11 7.64
CA ALA A 18 4.99 8.39 7.49
C ALA A 18 4.46 9.22 8.65
N GLY A 19 4.94 8.94 9.86
CA GLY A 19 4.49 9.70 11.02
C GLY A 19 3.01 9.58 11.24
N ASP A 20 2.32 10.71 11.23
CA ASP A 20 0.89 10.74 11.44
C ASP A 20 0.13 10.72 10.11
N LYS A 21 0.85 10.63 8.99
CA LYS A 21 0.21 10.59 7.68
C LYS A 21 -0.35 9.20 7.41
N LEU A 22 -1.45 9.15 6.68
CA LEU A 22 -2.07 7.88 6.33
C LEU A 22 -1.25 7.20 5.26
N VAL A 23 -0.96 5.93 5.46
CA VAL A 23 -0.14 5.19 4.50
C VAL A 23 -0.95 4.15 3.74
N VAL A 24 -1.17 4.42 2.47
CA VAL A 24 -1.88 3.52 1.60
C VAL A 24 -0.87 2.80 0.73
N VAL A 25 -0.76 1.49 0.93
CA VAL A 25 0.20 0.68 0.20
C VAL A 25 -0.48 -0.42 -0.60
N ASP A 26 0.23 -0.97 -1.58
CA ASP A 26 -0.30 -2.04 -2.42
C ASP A 26 0.63 -3.26 -2.41
N PHE A 27 0.04 -4.43 -2.20
CA PHE A 27 0.80 -5.68 -2.19
C PHE A 27 0.67 -6.35 -3.55
N SER A 28 1.73 -6.32 -4.34
CA SER A 28 1.72 -6.92 -5.68
C SER A 28 2.94 -7.80 -5.92
N ALA A 29 2.74 -8.85 -6.70
CA ALA A 29 3.82 -9.75 -7.06
C ALA A 29 4.38 -9.36 -8.42
N THR A 30 5.61 -9.77 -8.72
CA THR A 30 6.22 -9.48 -10.01
C THR A 30 5.52 -10.31 -11.09
N TRP A 31 5.18 -11.54 -10.70
CA TRP A 31 4.52 -12.49 -11.59
C TRP A 31 3.00 -12.31 -11.60
N CYS A 32 2.51 -11.19 -11.07
CA CYS A 32 1.07 -10.95 -11.04
C CYS A 32 0.61 -10.18 -12.28
N GLY A 33 -0.68 -10.31 -12.60
CA GLY A 33 -1.24 -9.63 -13.75
C GLY A 33 -2.08 -8.43 -13.36
N PRO A 34 -3.30 -8.64 -12.81
CA PRO A 34 -4.18 -7.54 -12.39
C PRO A 34 -3.50 -6.58 -11.42
N CYS A 35 -2.50 -7.07 -10.70
CA CYS A 35 -1.76 -6.26 -9.74
C CYS A 35 -1.14 -5.05 -10.40
N LYS A 36 -0.59 -5.23 -11.60
CA LYS A 36 0.03 -4.15 -12.34
C LYS A 36 -1.01 -3.11 -12.78
N MET A 37 -2.28 -3.51 -12.87
CA MET A 37 -3.34 -2.60 -13.29
C MET A 37 -3.62 -1.52 -12.25
N ILE A 38 -3.22 -1.76 -11.00
CA ILE A 38 -3.44 -0.78 -9.93
C ILE A 38 -2.28 0.22 -9.83
N LYS A 39 -1.10 -0.19 -10.27
CA LYS A 39 0.08 0.66 -10.23
C LYS A 39 -0.20 2.04 -10.84
N PRO A 40 -0.72 2.10 -12.08
CA PRO A 40 -1.02 3.36 -12.77
C PRO A 40 -1.84 4.34 -11.92
N PHE A 41 -2.94 3.85 -11.35
CA PHE A 41 -3.81 4.69 -10.55
C PHE A 41 -3.29 4.89 -9.13
N PHE A 42 -2.52 3.95 -8.63
CA PHE A 42 -1.96 4.07 -7.29
C PHE A 42 -0.99 5.24 -7.22
N HIS A 43 -0.14 5.33 -8.23
CA HIS A 43 0.86 6.39 -8.29
C HIS A 43 0.23 7.76 -8.51
N SER A 44 -0.77 7.83 -9.38
CA SER A 44 -1.45 9.09 -9.67
C SER A 44 -2.03 9.68 -8.39
N LEU A 45 -2.69 8.84 -7.59
CA LEU A 45 -3.30 9.29 -6.34
C LEU A 45 -2.23 9.88 -5.42
N SER A 46 -1.06 9.26 -5.40
CA SER A 46 0.03 9.74 -4.56
C SER A 46 0.38 11.18 -4.90
N GLU A 47 0.12 11.60 -6.13
CA GLU A 47 0.43 12.97 -6.56
C GLU A 47 -0.73 13.91 -6.27
N LYS A 48 -1.92 13.37 -6.07
CA LYS A 48 -3.09 14.17 -5.78
C LYS A 48 -3.31 14.25 -4.27
N TYR A 49 -2.78 13.26 -3.56
CA TYR A 49 -2.89 13.19 -2.11
C TYR A 49 -1.64 13.77 -1.44
N SER A 50 -1.73 15.04 -1.04
CA SER A 50 -0.60 15.70 -0.39
C SER A 50 -0.73 15.57 1.12
N ASN A 51 -1.02 14.36 1.56
CA ASN A 51 -1.18 14.07 2.98
C ASN A 51 -0.77 12.63 3.29
N VAL A 52 -1.20 11.71 2.43
CA VAL A 52 -0.91 10.30 2.61
C VAL A 52 0.34 9.87 1.85
N ILE A 53 0.96 8.79 2.32
CA ILE A 53 2.16 8.27 1.70
C ILE A 53 1.84 6.97 0.95
N PHE A 54 1.94 7.03 -0.37
CA PHE A 54 1.66 5.88 -1.23
C PHE A 54 2.95 5.14 -1.53
N LEU A 55 3.08 3.90 -1.06
CA LEU A 55 4.28 3.13 -1.34
C LEU A 55 3.96 1.78 -1.92
N GLU A 56 5.00 1.13 -2.44
CA GLU A 56 4.84 -0.15 -3.10
C GLU A 56 5.61 -1.26 -2.42
N VAL A 57 4.90 -2.27 -1.97
CA VAL A 57 5.52 -3.42 -1.35
C VAL A 57 5.28 -4.67 -2.17
N ASP A 58 6.36 -5.28 -2.63
CA ASP A 58 6.27 -6.49 -3.44
C ASP A 58 6.54 -7.70 -2.56
N VAL A 59 5.57 -8.59 -2.48
CA VAL A 59 5.70 -9.78 -1.65
C VAL A 59 6.88 -10.65 -2.09
N ASP A 60 7.34 -10.46 -3.32
CA ASP A 60 8.48 -11.23 -3.81
C ASP A 60 9.72 -10.88 -3.00
N ASP A 61 9.86 -9.61 -2.66
CA ASP A 61 10.98 -9.13 -1.88
C ASP A 61 10.59 -8.96 -0.41
N ALA A 62 9.35 -8.55 -0.20
CA ALA A 62 8.82 -8.33 1.13
C ALA A 62 8.07 -9.57 1.63
N GLN A 63 8.67 -10.74 1.41
CA GLN A 63 8.07 -11.99 1.83
C GLN A 63 8.05 -12.16 3.34
N ASP A 64 8.77 -11.29 4.05
CA ASP A 64 8.83 -11.36 5.50
C ASP A 64 7.79 -10.45 6.15
N VAL A 65 7.32 -9.43 5.41
CA VAL A 65 6.32 -8.52 5.95
C VAL A 65 4.93 -9.14 5.88
N ALA A 66 4.56 -9.70 4.72
CA ALA A 66 3.23 -10.30 4.55
C ALA A 66 2.89 -11.29 5.66
N PRO A 67 3.69 -12.37 5.82
CA PRO A 67 3.47 -13.38 6.86
C PRO A 67 3.24 -12.75 8.24
N LYS A 68 3.81 -11.56 8.44
CA LYS A 68 3.67 -10.83 9.70
C LYS A 68 2.27 -10.21 9.79
N TYR A 69 1.66 -9.95 8.63
CA TYR A 69 0.33 -9.34 8.58
C TYR A 69 -0.74 -10.37 8.17
N GLY A 70 -0.30 -11.58 7.86
CA GLY A 70 -1.23 -12.65 7.48
C GLY A 70 -1.92 -12.40 6.14
N ILE A 71 -1.20 -11.84 5.18
CA ILE A 71 -1.77 -11.58 3.86
C ILE A 71 -1.85 -12.87 3.05
N ARG A 72 -3.00 -13.10 2.42
CA ARG A 72 -3.20 -14.31 1.63
C ARG A 72 -3.99 -14.04 0.35
N GLY A 73 -3.37 -13.34 -0.58
CA GLY A 73 -4.03 -13.02 -1.84
C GLY A 73 -3.47 -11.77 -2.49
N ILE A 74 -3.82 -11.55 -3.75
CA ILE A 74 -3.36 -10.38 -4.48
C ILE A 74 -4.36 -9.96 -5.55
N PRO A 75 -4.44 -8.65 -5.88
CA PRO A 75 -3.64 -7.59 -5.26
C PRO A 75 -4.26 -7.07 -3.98
N THR A 76 -3.52 -7.16 -2.87
CA THR A 76 -4.00 -6.69 -1.59
C THR A 76 -3.64 -5.22 -1.36
N LEU A 77 -4.60 -4.45 -0.85
CA LEU A 77 -4.38 -3.05 -0.53
C LEU A 77 -4.32 -2.90 0.98
N LEU A 78 -3.21 -2.37 1.47
CA LEU A 78 -3.02 -2.20 2.90
C LEU A 78 -2.95 -0.71 3.28
N LEU A 79 -3.65 -0.37 4.35
CA LEU A 79 -3.69 0.99 4.86
C LEU A 79 -3.08 1.03 6.25
N PHE A 80 -2.05 1.86 6.43
CA PHE A 80 -1.37 1.95 7.72
C PHE A 80 -1.53 3.34 8.34
N LYS A 81 -1.58 3.36 9.67
CA LYS A 81 -1.74 4.61 10.41
C LYS A 81 -0.97 4.54 11.74
N ASN A 82 0.06 5.36 11.87
CA ASN A 82 0.87 5.35 13.10
C ASN A 82 1.49 3.97 13.33
N GLY A 83 2.05 3.40 12.26
CA GLY A 83 2.69 2.10 12.35
C GLY A 83 1.71 0.93 12.52
N GLU A 84 0.41 1.23 12.51
CA GLU A 84 -0.60 0.19 12.67
C GLU A 84 -1.59 0.18 11.51
N VAL A 85 -1.95 -1.02 11.06
CA VAL A 85 -2.89 -1.18 9.95
C VAL A 85 -4.31 -0.75 10.38
N ALA A 86 -4.86 0.24 9.69
CA ALA A 86 -6.20 0.73 10.00
C ALA A 86 -7.20 0.45 8.89
N ALA A 87 -6.78 -0.36 7.93
CA ALA A 87 -7.64 -0.72 6.80
C ALA A 87 -6.96 -1.77 5.91
N THR A 88 -7.72 -2.78 5.48
CA THR A 88 -7.18 -3.82 4.63
C THR A 88 -8.16 -4.20 3.53
N LYS A 89 -7.73 -4.08 2.28
CA LYS A 89 -8.58 -4.40 1.14
C LYS A 89 -7.93 -5.49 0.28
N VAL A 90 -8.77 -6.36 -0.28
CA VAL A 90 -8.31 -7.46 -1.12
C VAL A 90 -8.89 -7.39 -2.52
N GLY A 91 -8.12 -7.83 -3.52
CA GLY A 91 -8.58 -7.81 -4.89
C GLY A 91 -8.47 -6.45 -5.52
N ALA A 92 -8.53 -6.44 -6.86
CA ALA A 92 -8.42 -5.20 -7.62
C ALA A 92 -9.63 -4.30 -7.41
N LEU A 93 -9.45 -3.02 -7.67
CA LEU A 93 -10.51 -2.03 -7.51
C LEU A 93 -10.27 -0.84 -8.42
N SER A 94 -11.34 -0.18 -8.84
CA SER A 94 -11.24 0.98 -9.71
C SER A 94 -10.62 2.16 -8.98
N LYS A 95 -10.52 3.29 -9.68
CA LYS A 95 -9.93 4.50 -9.10
C LYS A 95 -10.87 5.14 -8.07
N GLY A 96 -12.18 4.97 -8.27
CA GLY A 96 -13.14 5.54 -7.35
C GLY A 96 -13.28 4.76 -6.06
N GLN A 97 -13.14 3.44 -6.14
CA GLN A 97 -13.26 2.61 -4.95
C GLN A 97 -12.01 2.74 -4.09
N LEU A 98 -10.88 2.96 -4.75
CA LEU A 98 -9.63 3.12 -4.05
C LEU A 98 -9.63 4.46 -3.32
N LYS A 99 -9.96 5.52 -4.06
CA LYS A 99 -10.01 6.87 -3.49
C LYS A 99 -11.04 6.95 -2.37
N GLU A 100 -12.21 6.32 -2.57
CA GLU A 100 -13.25 6.35 -1.55
C GLU A 100 -12.74 5.71 -0.26
N PHE A 101 -11.95 4.65 -0.39
CA PHE A 101 -11.35 3.97 0.74
C PHE A 101 -10.42 4.90 1.50
N LEU A 102 -9.63 5.66 0.73
CA LEU A 102 -8.68 6.59 1.31
C LEU A 102 -9.42 7.71 2.02
N ASP A 103 -10.27 8.42 1.29
CA ASP A 103 -11.05 9.51 1.88
C ASP A 103 -11.74 9.07 3.16
N ALA A 104 -12.19 7.81 3.19
CA ALA A 104 -12.88 7.25 4.35
C ALA A 104 -11.93 6.99 5.52
N ASN A 105 -10.63 6.86 5.24
CA ASN A 105 -9.65 6.59 6.30
C ASN A 105 -8.78 7.81 6.59
N LEU A 106 -8.52 8.60 5.55
CA LEU A 106 -7.72 9.82 5.67
C LEU A 106 -8.53 10.91 6.36
N VAL A 107 -8.31 11.07 7.65
CA VAL A 107 -9.01 12.08 8.44
C VAL A 107 -8.55 12.03 9.90
N MET A 1 6.17 11.16 -1.45
CA MET A 1 7.08 10.47 -2.40
C MET A 1 7.02 8.95 -2.22
N VAL A 2 6.56 8.25 -3.25
CA VAL A 2 6.45 6.80 -3.19
C VAL A 2 7.82 6.15 -3.08
N LYS A 3 7.89 5.05 -2.34
CA LYS A 3 9.14 4.35 -2.15
C LYS A 3 8.90 2.85 -2.10
N GLN A 4 9.54 2.13 -3.01
CA GLN A 4 9.39 0.69 -3.07
C GLN A 4 10.18 0.04 -1.95
N ILE A 5 9.51 -0.83 -1.19
CA ILE A 5 10.15 -1.52 -0.07
C ILE A 5 10.53 -2.95 -0.48
N GLU A 6 11.83 -3.18 -0.68
CA GLU A 6 12.31 -4.51 -1.08
C GLU A 6 12.78 -5.33 0.12
N SER A 7 12.38 -4.92 1.32
CA SER A 7 12.78 -5.63 2.54
C SER A 7 11.78 -5.40 3.67
N LYS A 8 11.82 -6.27 4.68
CA LYS A 8 10.92 -6.14 5.82
C LYS A 8 11.34 -4.97 6.71
N THR A 9 12.61 -4.60 6.64
CA THR A 9 13.12 -3.49 7.43
C THR A 9 12.77 -2.16 6.78
N ALA A 10 12.71 -2.16 5.45
CA ALA A 10 12.38 -0.95 4.70
C ALA A 10 10.94 -0.52 4.98
N PHE A 11 10.04 -1.49 5.07
CA PHE A 11 8.63 -1.19 5.34
C PHE A 11 8.50 -0.41 6.65
N GLN A 12 9.26 -0.82 7.65
CA GLN A 12 9.25 -0.14 8.95
C GLN A 12 9.89 1.23 8.80
N GLU A 13 11.03 1.28 8.11
CA GLU A 13 11.76 2.53 7.90
C GLU A 13 10.88 3.56 7.20
N ALA A 14 10.17 3.12 6.16
CA ALA A 14 9.29 4.01 5.42
C ALA A 14 8.12 4.46 6.28
N LEU A 15 7.69 3.59 7.19
CA LEU A 15 6.58 3.88 8.09
C LEU A 15 6.98 4.95 9.10
N ASP A 16 8.23 4.89 9.57
CA ASP A 16 8.73 5.86 10.52
C ASP A 16 8.68 7.26 9.93
N ALA A 17 8.91 7.34 8.62
CA ALA A 17 8.87 8.61 7.91
C ALA A 17 7.44 9.07 7.68
N ALA A 18 6.51 8.12 7.70
CA ALA A 18 5.10 8.42 7.49
C ALA A 18 4.54 9.25 8.65
N GLY A 19 5.02 8.99 9.86
CA GLY A 19 4.56 9.73 11.01
C GLY A 19 3.06 9.62 11.23
N ASP A 20 2.40 10.77 11.26
CA ASP A 20 0.96 10.81 11.47
C ASP A 20 0.21 10.82 10.14
N LYS A 21 0.93 10.68 9.04
CA LYS A 21 0.32 10.65 7.72
C LYS A 21 -0.27 9.28 7.45
N LEU A 22 -1.32 9.25 6.64
CA LEU A 22 -1.96 7.99 6.29
C LEU A 22 -1.11 7.28 5.24
N VAL A 23 -0.85 6.00 5.46
CA VAL A 23 -0.03 5.24 4.52
C VAL A 23 -0.85 4.19 3.79
N VAL A 24 -1.08 4.44 2.52
CA VAL A 24 -1.81 3.51 1.68
C VAL A 24 -0.84 2.77 0.81
N VAL A 25 -0.76 1.47 1.01
CA VAL A 25 0.19 0.63 0.28
C VAL A 25 -0.51 -0.52 -0.43
N ASP A 26 0.22 -1.16 -1.33
CA ASP A 26 -0.34 -2.27 -2.09
C ASP A 26 0.63 -3.44 -2.18
N PHE A 27 0.11 -4.65 -2.00
CA PHE A 27 0.90 -5.87 -2.08
C PHE A 27 0.70 -6.51 -3.45
N SER A 28 1.75 -6.53 -4.27
CA SER A 28 1.65 -7.10 -5.62
C SER A 28 2.65 -8.23 -5.84
N ALA A 29 2.82 -8.59 -7.11
CA ALA A 29 3.74 -9.65 -7.51
C ALA A 29 4.23 -9.40 -8.93
N THR A 30 5.42 -9.91 -9.25
CA THR A 30 5.96 -9.76 -10.59
C THR A 30 5.19 -10.64 -11.56
N TRP A 31 4.78 -11.81 -11.06
CA TRP A 31 4.04 -12.80 -11.85
C TRP A 31 2.53 -12.54 -11.84
N CYS A 32 2.11 -11.40 -11.33
CA CYS A 32 0.69 -11.09 -11.27
C CYS A 32 0.25 -10.22 -12.46
N GLY A 33 -1.03 -10.28 -12.77
CA GLY A 33 -1.57 -9.49 -13.87
C GLY A 33 -2.39 -8.32 -13.40
N PRO A 34 -3.59 -8.56 -12.84
CA PRO A 34 -4.47 -7.49 -12.34
C PRO A 34 -3.76 -6.59 -11.33
N CYS A 35 -2.76 -7.15 -10.65
CA CYS A 35 -2.00 -6.40 -9.65
C CYS A 35 -1.34 -5.17 -10.27
N LYS A 36 -0.74 -5.35 -11.44
CA LYS A 36 -0.06 -4.25 -12.12
C LYS A 36 -1.04 -3.18 -12.57
N MET A 37 -2.31 -3.56 -12.74
CA MET A 37 -3.33 -2.62 -13.18
C MET A 37 -3.63 -1.57 -12.12
N ILE A 38 -3.26 -1.84 -10.87
CA ILE A 38 -3.50 -0.90 -9.79
C ILE A 38 -2.37 0.11 -9.66
N LYS A 39 -1.19 -0.28 -10.13
CA LYS A 39 -0.01 0.59 -10.08
C LYS A 39 -0.29 1.96 -10.70
N PRO A 40 -0.77 1.99 -11.95
CA PRO A 40 -1.08 3.23 -12.66
C PRO A 40 -1.89 4.21 -11.83
N PHE A 41 -2.99 3.74 -11.24
CA PHE A 41 -3.87 4.60 -10.45
C PHE A 41 -3.33 4.84 -9.04
N PHE A 42 -2.56 3.90 -8.52
CA PHE A 42 -2.00 4.05 -7.18
C PHE A 42 -1.01 5.19 -7.14
N HIS A 43 -0.14 5.24 -8.15
CA HIS A 43 0.89 6.28 -8.24
C HIS A 43 0.27 7.65 -8.50
N SER A 44 -0.72 7.72 -9.38
CA SER A 44 -1.37 8.99 -9.70
C SER A 44 -2.00 9.61 -8.45
N LEU A 45 -2.67 8.78 -7.66
CA LEU A 45 -3.31 9.26 -6.45
C LEU A 45 -2.26 9.84 -5.52
N SER A 46 -1.11 9.19 -5.46
CA SER A 46 0.00 9.64 -4.62
C SER A 46 0.41 11.07 -4.97
N GLU A 47 0.17 11.47 -6.21
CA GLU A 47 0.52 12.82 -6.66
C GLU A 47 -0.61 13.81 -6.40
N LYS A 48 -1.82 13.30 -6.17
CA LYS A 48 -2.97 14.16 -5.89
C LYS A 48 -3.17 14.28 -4.38
N TYR A 49 -2.64 13.32 -3.65
CA TYR A 49 -2.74 13.30 -2.19
C TYR A 49 -1.46 13.85 -1.56
N SER A 50 -1.44 15.15 -1.28
CA SER A 50 -0.28 15.78 -0.66
C SER A 50 -0.37 15.71 0.86
N ASN A 51 -0.64 14.51 1.38
CA ASN A 51 -0.76 14.29 2.81
C ASN A 51 -0.42 12.85 3.17
N VAL A 52 -0.89 11.91 2.35
CA VAL A 52 -0.66 10.49 2.58
C VAL A 52 0.56 9.98 1.84
N ILE A 53 1.15 8.91 2.35
CA ILE A 53 2.33 8.33 1.72
C ILE A 53 1.98 7.03 0.99
N PHE A 54 2.10 7.07 -0.33
CA PHE A 54 1.82 5.92 -1.17
C PHE A 54 3.10 5.17 -1.46
N LEU A 55 3.21 3.93 -1.01
CA LEU A 55 4.42 3.16 -1.28
C LEU A 55 4.09 1.82 -1.89
N GLU A 56 5.11 1.19 -2.46
CA GLU A 56 4.95 -0.08 -3.14
C GLU A 56 5.68 -1.22 -2.49
N VAL A 57 4.94 -2.23 -2.06
CA VAL A 57 5.56 -3.39 -1.45
C VAL A 57 5.33 -4.63 -2.30
N ASP A 58 6.41 -5.22 -2.79
CA ASP A 58 6.34 -6.40 -3.61
C ASP A 58 6.62 -7.62 -2.75
N VAL A 59 5.65 -8.54 -2.69
CA VAL A 59 5.80 -9.73 -1.87
C VAL A 59 6.99 -10.57 -2.29
N ASP A 60 7.50 -10.35 -3.49
CA ASP A 60 8.65 -11.11 -3.98
C ASP A 60 9.88 -10.72 -3.16
N ASP A 61 9.97 -9.44 -2.82
CA ASP A 61 11.09 -8.92 -2.02
C ASP A 61 10.68 -8.78 -0.56
N ALA A 62 9.42 -8.41 -0.34
CA ALA A 62 8.89 -8.23 1.00
C ALA A 62 8.15 -9.49 1.45
N GLN A 63 8.76 -10.64 1.18
CA GLN A 63 8.17 -11.93 1.55
C GLN A 63 8.15 -12.13 3.06
N ASP A 64 8.84 -11.27 3.79
CA ASP A 64 8.89 -11.39 5.25
C ASP A 64 7.83 -10.51 5.91
N VAL A 65 7.37 -9.47 5.21
CA VAL A 65 6.35 -8.60 5.78
C VAL A 65 4.96 -9.22 5.67
N ALA A 66 4.62 -9.75 4.50
CA ALA A 66 3.30 -10.35 4.29
C ALA A 66 2.95 -11.35 5.41
N PRO A 67 3.81 -12.36 5.61
CA PRO A 67 3.58 -13.37 6.65
C PRO A 67 3.31 -12.75 8.01
N LYS A 68 3.85 -11.56 8.23
CA LYS A 68 3.64 -10.84 9.48
C LYS A 68 2.24 -10.20 9.52
N TYR A 69 1.60 -10.11 8.36
CA TYR A 69 0.27 -9.51 8.25
C TYR A 69 -0.77 -10.52 7.74
N GLY A 70 -0.30 -11.69 7.34
CA GLY A 70 -1.19 -12.72 6.85
C GLY A 70 -1.89 -12.34 5.55
N ILE A 71 -1.17 -11.70 4.64
CA ILE A 71 -1.74 -11.30 3.36
C ILE A 71 -1.80 -12.48 2.40
N ARG A 72 -2.79 -13.33 2.58
CA ARG A 72 -2.94 -14.51 1.73
C ARG A 72 -3.72 -14.21 0.45
N GLY A 73 -3.02 -13.59 -0.50
CA GLY A 73 -3.64 -13.25 -1.77
C GLY A 73 -3.19 -11.91 -2.33
N ILE A 74 -3.51 -11.68 -3.60
CA ILE A 74 -3.14 -10.43 -4.28
C ILE A 74 -4.17 -10.07 -5.35
N PRO A 75 -4.33 -8.78 -5.70
CA PRO A 75 -3.55 -7.67 -5.13
C PRO A 75 -4.17 -7.12 -3.85
N THR A 76 -3.47 -7.25 -2.73
CA THR A 76 -3.96 -6.75 -1.46
C THR A 76 -3.57 -5.29 -1.23
N LEU A 77 -4.51 -4.50 -0.74
CA LEU A 77 -4.26 -3.10 -0.44
C LEU A 77 -4.21 -2.93 1.07
N LEU A 78 -3.12 -2.37 1.55
CA LEU A 78 -2.95 -2.19 2.98
C LEU A 78 -2.92 -0.72 3.37
N LEU A 79 -3.65 -0.38 4.43
CA LEU A 79 -3.73 0.97 4.93
C LEU A 79 -3.12 1.05 6.32
N PHE A 80 -2.07 1.85 6.47
CA PHE A 80 -1.39 1.98 7.75
C PHE A 80 -1.58 3.38 8.35
N LYS A 81 -1.61 3.43 9.68
CA LYS A 81 -1.78 4.69 10.41
C LYS A 81 -1.02 4.63 11.73
N ASN A 82 0.02 5.45 11.86
CA ASN A 82 0.81 5.47 13.08
C ASN A 82 1.44 4.10 13.33
N GLY A 83 2.01 3.53 12.28
CA GLY A 83 2.66 2.23 12.39
C GLY A 83 1.69 1.09 12.57
N GLU A 84 0.39 1.38 12.55
CA GLU A 84 -0.62 0.34 12.75
C GLU A 84 -1.62 0.30 11.59
N VAL A 85 -1.97 -0.92 11.18
CA VAL A 85 -2.92 -1.11 10.09
C VAL A 85 -4.32 -0.66 10.52
N ALA A 86 -4.85 0.35 9.84
CA ALA A 86 -6.18 0.86 10.18
C ALA A 86 -7.20 0.60 9.06
N ALA A 87 -6.81 -0.23 8.11
CA ALA A 87 -7.67 -0.58 6.99
C ALA A 87 -7.04 -1.66 6.12
N THR A 88 -7.85 -2.63 5.70
CA THR A 88 -7.35 -3.72 4.85
C THR A 88 -8.31 -4.01 3.72
N LYS A 89 -7.79 -3.99 2.48
CA LYS A 89 -8.60 -4.26 1.30
C LYS A 89 -7.96 -5.34 0.46
N VAL A 90 -8.78 -6.25 -0.07
CA VAL A 90 -8.28 -7.35 -0.89
C VAL A 90 -8.89 -7.32 -2.29
N GLY A 91 -8.12 -7.74 -3.29
CA GLY A 91 -8.60 -7.76 -4.65
C GLY A 91 -8.52 -6.41 -5.33
N ALA A 92 -8.64 -6.43 -6.65
CA ALA A 92 -8.55 -5.21 -7.46
C ALA A 92 -9.70 -4.27 -7.17
N LEU A 93 -9.55 -3.02 -7.62
CA LEU A 93 -10.57 -2.00 -7.41
C LEU A 93 -10.36 -0.83 -8.37
N SER A 94 -11.45 -0.24 -8.82
CA SER A 94 -11.37 0.89 -9.74
C SER A 94 -10.71 2.09 -9.05
N LYS A 95 -10.63 3.20 -9.76
CA LYS A 95 -10.02 4.42 -9.21
C LYS A 95 -10.92 5.08 -8.18
N GLY A 96 -12.23 4.94 -8.36
CA GLY A 96 -13.17 5.54 -7.43
C GLY A 96 -13.29 4.76 -6.14
N GLN A 97 -13.10 3.44 -6.22
CA GLN A 97 -13.19 2.59 -5.03
C GLN A 97 -11.95 2.73 -4.18
N LEU A 98 -10.81 2.95 -4.83
CA LEU A 98 -9.55 3.11 -4.11
C LEU A 98 -9.55 4.44 -3.36
N LYS A 99 -9.87 5.51 -4.09
CA LYS A 99 -9.90 6.85 -3.51
C LYS A 99 -10.93 6.94 -2.39
N GLU A 100 -12.09 6.31 -2.58
CA GLU A 100 -13.14 6.32 -1.58
C GLU A 100 -12.63 5.67 -0.29
N PHE A 101 -11.86 4.60 -0.44
CA PHE A 101 -11.29 3.91 0.72
C PHE A 101 -10.37 4.86 1.49
N LEU A 102 -9.62 5.66 0.74
CA LEU A 102 -8.69 6.62 1.33
C LEU A 102 -9.47 7.71 2.07
N ASP A 103 -10.34 8.42 1.35
CA ASP A 103 -11.15 9.48 1.94
C ASP A 103 -11.84 8.99 3.20
N ALA A 104 -12.26 7.73 3.20
CA ALA A 104 -12.94 7.13 4.34
C ALA A 104 -11.98 6.92 5.53
N ASN A 105 -10.69 6.82 5.25
CA ASN A 105 -9.70 6.60 6.30
C ASN A 105 -8.90 7.87 6.59
N LEU A 106 -8.32 8.45 5.55
CA LEU A 106 -7.53 9.66 5.67
C LEU A 106 -8.25 10.71 6.51
N VAL A 107 -9.56 10.85 6.27
CA VAL A 107 -10.39 11.81 7.00
C VAL A 107 -9.70 13.15 7.18
N MET A 1 5.86 11.47 -2.67
CA MET A 1 6.82 10.49 -3.24
C MET A 1 6.47 9.05 -2.86
N VAL A 2 6.77 8.12 -3.75
CA VAL A 2 6.51 6.69 -3.55
C VAL A 2 7.83 5.96 -3.31
N LYS A 3 7.84 4.85 -2.54
CA LYS A 3 9.10 4.16 -2.33
C LYS A 3 8.92 2.66 -2.28
N GLN A 4 9.68 2.00 -3.15
CA GLN A 4 9.65 0.56 -3.28
C GLN A 4 10.41 -0.09 -2.13
N ILE A 5 9.73 -0.93 -1.34
CA ILE A 5 10.40 -1.61 -0.22
C ILE A 5 10.72 -3.05 -0.58
N GLU A 6 12.01 -3.35 -0.67
CA GLU A 6 12.44 -4.70 -0.99
C GLU A 6 12.90 -5.48 0.25
N SER A 7 12.54 -4.99 1.43
CA SER A 7 12.92 -5.66 2.67
C SER A 7 11.93 -5.35 3.79
N LYS A 8 11.93 -6.20 4.81
CA LYS A 8 11.03 -6.02 5.94
C LYS A 8 11.50 -4.89 6.84
N THR A 9 12.80 -4.60 6.79
CA THR A 9 13.37 -3.53 7.59
C THR A 9 13.08 -2.18 6.94
N ALA A 10 12.98 -2.20 5.61
CA ALA A 10 12.69 -1.00 4.84
C ALA A 10 11.27 -0.52 5.11
N PHE A 11 10.33 -1.48 5.16
CA PHE A 11 8.92 -1.18 5.41
C PHE A 11 8.76 -0.42 6.72
N GLN A 12 9.38 -0.93 7.77
CA GLN A 12 9.32 -0.24 9.06
C GLN A 12 9.96 1.13 8.91
N GLU A 13 11.01 1.18 8.11
CA GLU A 13 11.75 2.40 7.86
C GLU A 13 10.88 3.46 7.19
N ALA A 14 10.10 3.06 6.18
CA ALA A 14 9.23 3.99 5.48
C ALA A 14 8.04 4.40 6.34
N LEU A 15 7.59 3.49 7.18
CA LEU A 15 6.45 3.77 8.06
C LEU A 15 6.80 4.86 9.07
N ASP A 16 8.02 4.80 9.59
CA ASP A 16 8.48 5.79 10.55
C ASP A 16 8.47 7.17 9.93
N ALA A 17 8.68 7.23 8.61
CA ALA A 17 8.68 8.50 7.89
C ALA A 17 7.26 9.02 7.66
N ALA A 18 6.28 8.11 7.67
CA ALA A 18 4.89 8.50 7.47
C ALA A 18 4.35 9.23 8.67
N GLY A 19 4.89 8.96 9.86
CA GLY A 19 4.40 9.65 11.05
C GLY A 19 2.90 9.57 11.21
N ASP A 20 2.26 10.72 11.17
CA ASP A 20 0.82 10.80 11.33
C ASP A 20 0.12 10.83 9.98
N LYS A 21 0.87 10.58 8.91
CA LYS A 21 0.30 10.57 7.58
C LYS A 21 -0.34 9.23 7.31
N LEU A 22 -1.37 9.24 6.47
CA LEU A 22 -2.05 8.02 6.13
C LEU A 22 -1.20 7.21 5.15
N VAL A 23 -0.85 5.99 5.52
CA VAL A 23 -0.03 5.16 4.67
C VAL A 23 -0.85 4.12 3.93
N VAL A 24 -0.93 4.30 2.62
CA VAL A 24 -1.64 3.37 1.77
C VAL A 24 -0.60 2.61 0.97
N VAL A 25 -0.62 1.30 1.09
CA VAL A 25 0.37 0.50 0.41
C VAL A 25 -0.26 -0.70 -0.30
N ASP A 26 0.27 -1.01 -1.47
CA ASP A 26 -0.24 -2.12 -2.27
C ASP A 26 0.71 -3.31 -2.29
N PHE A 27 0.14 -4.48 -2.03
CA PHE A 27 0.91 -5.73 -2.04
C PHE A 27 0.73 -6.38 -3.41
N SER A 28 1.80 -6.40 -4.21
CA SER A 28 1.73 -6.96 -5.55
C SER A 28 2.71 -8.12 -5.77
N ALA A 29 2.85 -8.50 -7.04
CA ALA A 29 3.76 -9.59 -7.44
C ALA A 29 4.25 -9.39 -8.87
N THR A 30 5.39 -9.97 -9.19
CA THR A 30 5.94 -9.87 -10.54
C THR A 30 5.10 -10.69 -11.51
N TRP A 31 4.65 -11.83 -11.02
CA TRP A 31 3.84 -12.76 -11.82
C TRP A 31 2.35 -12.40 -11.75
N CYS A 32 2.04 -11.23 -11.20
CA CYS A 32 0.65 -10.79 -11.10
C CYS A 32 0.34 -9.81 -12.22
N GLY A 33 -0.85 -9.92 -12.79
CA GLY A 33 -1.25 -9.02 -13.86
C GLY A 33 -2.10 -7.87 -13.36
N PRO A 34 -3.32 -8.16 -12.86
CA PRO A 34 -4.23 -7.13 -12.35
C PRO A 34 -3.53 -6.21 -11.35
N CYS A 35 -2.56 -6.77 -10.63
CA CYS A 35 -1.80 -6.00 -9.65
C CYS A 35 -1.12 -4.80 -10.30
N LYS A 36 -0.58 -5.03 -11.50
CA LYS A 36 0.09 -3.96 -12.25
C LYS A 36 -0.91 -2.92 -12.75
N MET A 37 -2.15 -3.35 -12.95
CA MET A 37 -3.19 -2.46 -13.45
C MET A 37 -3.55 -1.40 -12.40
N ILE A 38 -3.24 -1.67 -11.14
CA ILE A 38 -3.55 -0.72 -10.07
C ILE A 38 -2.39 0.28 -9.90
N LYS A 39 -1.22 -0.09 -10.42
CA LYS A 39 -0.04 0.78 -10.32
C LYS A 39 -0.36 2.18 -10.85
N PRO A 40 -0.86 2.28 -12.09
CA PRO A 40 -1.21 3.56 -12.71
C PRO A 40 -2.06 4.44 -11.80
N PHE A 41 -3.15 3.88 -11.27
CA PHE A 41 -4.07 4.63 -10.41
C PHE A 41 -3.49 4.82 -9.03
N PHE A 42 -2.77 3.83 -8.52
CA PHE A 42 -2.16 3.95 -7.21
C PHE A 42 -1.11 5.06 -7.20
N HIS A 43 -0.25 5.07 -8.23
CA HIS A 43 0.79 6.09 -8.33
C HIS A 43 0.20 7.48 -8.57
N SER A 44 -0.80 7.57 -9.45
CA SER A 44 -1.42 8.86 -9.75
C SER A 44 -2.03 9.47 -8.49
N LEU A 45 -2.77 8.66 -7.74
CA LEU A 45 -3.39 9.13 -6.51
C LEU A 45 -2.34 9.75 -5.61
N SER A 46 -1.15 9.15 -5.63
CA SER A 46 -0.03 9.63 -4.84
C SER A 46 0.30 11.08 -5.20
N GLU A 47 -0.02 11.50 -6.42
CA GLU A 47 0.24 12.88 -6.84
C GLU A 47 -0.92 13.80 -6.51
N LYS A 48 -2.08 13.21 -6.25
CA LYS A 48 -3.27 13.97 -5.91
C LYS A 48 -3.46 14.03 -4.39
N TYR A 49 -2.75 13.16 -3.69
CA TYR A 49 -2.83 13.10 -2.24
C TYR A 49 -1.59 13.70 -1.59
N SER A 50 -1.60 15.02 -1.44
CA SER A 50 -0.48 15.74 -0.83
C SER A 50 -0.51 15.62 0.70
N ASN A 51 -0.77 14.42 1.20
CA ASN A 51 -0.79 14.19 2.64
C ASN A 51 -0.49 12.72 2.96
N VAL A 52 -0.84 11.81 2.05
CA VAL A 52 -0.60 10.39 2.27
C VAL A 52 0.65 9.91 1.56
N ILE A 53 1.22 8.83 2.07
CA ILE A 53 2.43 8.25 1.53
C ILE A 53 2.12 6.98 0.72
N PHE A 54 2.35 7.06 -0.58
CA PHE A 54 2.09 5.91 -1.46
C PHE A 54 3.35 5.17 -1.77
N LEU A 55 3.42 3.94 -1.34
CA LEU A 55 4.58 3.14 -1.60
C LEU A 55 4.15 1.79 -2.16
N GLU A 56 5.12 1.03 -2.68
CA GLU A 56 4.82 -0.26 -3.26
C GLU A 56 5.59 -1.37 -2.58
N VAL A 57 4.87 -2.37 -2.11
CA VAL A 57 5.50 -3.49 -1.45
C VAL A 57 5.36 -4.76 -2.27
N ASP A 58 6.49 -5.27 -2.72
CA ASP A 58 6.51 -6.46 -3.53
C ASP A 58 6.71 -7.70 -2.65
N VAL A 59 5.70 -8.56 -2.63
CA VAL A 59 5.74 -9.77 -1.80
C VAL A 59 6.87 -10.70 -2.20
N ASP A 60 7.35 -10.55 -3.44
CA ASP A 60 8.45 -11.38 -3.91
C ASP A 60 9.68 -11.10 -3.07
N ASP A 61 9.85 -9.83 -2.70
CA ASP A 61 10.99 -9.39 -1.91
C ASP A 61 10.61 -9.19 -0.44
N ALA A 62 9.46 -8.59 -0.18
CA ALA A 62 9.03 -8.36 1.19
C ALA A 62 8.25 -9.57 1.71
N GLN A 63 8.87 -10.74 1.61
CA GLN A 63 8.26 -11.98 2.06
C GLN A 63 8.26 -12.08 3.58
N ASP A 64 9.01 -11.21 4.24
CA ASP A 64 9.08 -11.22 5.69
C ASP A 64 7.96 -10.39 6.30
N VAL A 65 7.53 -9.36 5.58
CA VAL A 65 6.47 -8.48 6.05
C VAL A 65 5.10 -9.15 5.87
N ALA A 66 4.86 -9.72 4.70
CA ALA A 66 3.58 -10.36 4.38
C ALA A 66 3.11 -11.34 5.46
N PRO A 67 3.95 -12.32 5.81
CA PRO A 67 3.62 -13.35 6.80
C PRO A 67 3.22 -12.78 8.17
N LYS A 68 3.74 -11.61 8.50
CA LYS A 68 3.42 -10.99 9.79
C LYS A 68 2.02 -10.40 9.80
N TYR A 69 1.50 -10.01 8.64
CA TYR A 69 0.17 -9.43 8.54
C TYR A 69 -0.83 -10.48 8.07
N GLY A 70 -0.32 -11.62 7.66
CA GLY A 70 -1.16 -12.69 7.21
C GLY A 70 -1.84 -12.39 5.88
N ILE A 71 -1.10 -11.76 4.96
CA ILE A 71 -1.65 -11.46 3.65
C ILE A 71 -1.65 -12.73 2.81
N ARG A 72 -2.79 -13.06 2.21
CA ARG A 72 -2.88 -14.27 1.40
C ARG A 72 -3.77 -14.07 0.18
N GLY A 73 -3.33 -13.19 -0.71
CA GLY A 73 -4.09 -12.93 -1.92
C GLY A 73 -3.82 -11.55 -2.48
N ILE A 74 -3.34 -11.50 -3.71
CA ILE A 74 -3.04 -10.23 -4.36
C ILE A 74 -4.05 -9.96 -5.47
N PRO A 75 -4.29 -8.67 -5.81
CA PRO A 75 -3.64 -7.52 -5.17
C PRO A 75 -4.28 -7.10 -3.85
N THR A 76 -3.44 -6.94 -2.83
CA THR A 76 -3.92 -6.50 -1.51
C THR A 76 -3.63 -5.03 -1.27
N LEU A 77 -4.58 -4.32 -0.69
CA LEU A 77 -4.39 -2.92 -0.36
C LEU A 77 -4.30 -2.78 1.15
N LEU A 78 -3.12 -2.39 1.63
CA LEU A 78 -2.89 -2.26 3.07
C LEU A 78 -2.89 -0.81 3.50
N LEU A 79 -3.63 -0.53 4.56
CA LEU A 79 -3.75 0.82 5.09
C LEU A 79 -3.11 0.91 6.46
N PHE A 80 -2.07 1.73 6.59
CA PHE A 80 -1.41 1.91 7.88
C PHE A 80 -1.66 3.33 8.39
N LYS A 81 -1.88 3.43 9.69
CA LYS A 81 -2.16 4.71 10.35
C LYS A 81 -1.45 4.74 11.69
N ASN A 82 -0.37 5.50 11.78
CA ASN A 82 0.39 5.55 13.02
C ASN A 82 1.05 4.19 13.27
N GLY A 83 1.68 3.66 12.21
CA GLY A 83 2.36 2.38 12.30
C GLY A 83 1.43 1.21 12.56
N GLU A 84 0.14 1.46 12.57
CA GLU A 84 -0.84 0.40 12.80
C GLU A 84 -1.74 0.28 11.59
N VAL A 85 -1.91 -0.95 11.10
CA VAL A 85 -2.76 -1.15 9.94
C VAL A 85 -4.15 -0.58 10.24
N ALA A 86 -4.54 0.42 9.47
CA ALA A 86 -5.80 1.10 9.68
C ALA A 86 -6.92 0.57 8.79
N ALA A 87 -6.55 -0.29 7.87
CA ALA A 87 -7.54 -0.87 6.97
C ALA A 87 -6.92 -1.90 6.04
N THR A 88 -7.72 -2.88 5.66
CA THR A 88 -7.27 -3.91 4.73
C THR A 88 -8.26 -4.02 3.58
N LYS A 89 -7.74 -4.39 2.41
CA LYS A 89 -8.57 -4.53 1.24
C LYS A 89 -7.96 -5.59 0.33
N VAL A 90 -8.78 -6.53 -0.13
CA VAL A 90 -8.31 -7.61 -0.98
C VAL A 90 -8.91 -7.52 -2.38
N GLY A 91 -8.15 -7.94 -3.39
CA GLY A 91 -8.62 -7.90 -4.75
C GLY A 91 -8.49 -6.53 -5.39
N ALA A 92 -8.53 -6.50 -6.72
CA ALA A 92 -8.40 -5.26 -7.46
C ALA A 92 -9.63 -4.37 -7.29
N LEU A 93 -9.53 -3.13 -7.74
CA LEU A 93 -10.62 -2.18 -7.63
C LEU A 93 -10.49 -1.06 -8.65
N SER A 94 -11.49 -0.17 -8.67
CA SER A 94 -11.49 0.97 -9.58
C SER A 94 -10.84 2.17 -8.92
N LYS A 95 -10.69 3.25 -9.67
CA LYS A 95 -10.07 4.46 -9.13
C LYS A 95 -10.98 5.15 -8.12
N GLY A 96 -12.29 5.01 -8.31
CA GLY A 96 -13.22 5.66 -7.40
C GLY A 96 -13.36 4.92 -6.08
N GLN A 97 -13.23 3.60 -6.10
CA GLN A 97 -13.33 2.80 -4.88
C GLN A 97 -12.08 2.94 -4.03
N LEU A 98 -10.95 3.16 -4.68
CA LEU A 98 -9.69 3.32 -3.97
C LEU A 98 -9.66 4.68 -3.28
N LYS A 99 -9.96 5.72 -4.05
CA LYS A 99 -9.97 7.09 -3.53
C LYS A 99 -11.01 7.22 -2.41
N GLU A 100 -12.19 6.66 -2.66
CA GLU A 100 -13.25 6.71 -1.67
C GLU A 100 -12.81 6.03 -0.37
N PHE A 101 -12.07 4.94 -0.52
CA PHE A 101 -11.55 4.19 0.62
C PHE A 101 -10.59 5.04 1.45
N LEU A 102 -9.74 5.78 0.75
CA LEU A 102 -8.76 6.63 1.42
C LEU A 102 -9.46 7.76 2.15
N ASP A 103 -10.24 8.54 1.41
CA ASP A 103 -10.97 9.65 2.00
C ASP A 103 -11.64 9.19 3.30
N ALA A 104 -12.06 7.92 3.30
CA ALA A 104 -12.73 7.32 4.45
C ALA A 104 -11.76 7.00 5.61
N ASN A 105 -10.48 6.83 5.32
CA ASN A 105 -9.49 6.50 6.35
C ASN A 105 -8.55 7.69 6.64
N LEU A 106 -8.35 8.51 5.63
CA LEU A 106 -7.47 9.69 5.71
C LEU A 106 -8.00 10.74 6.71
N VAL A 107 -9.11 10.44 7.35
CA VAL A 107 -9.73 11.36 8.30
C VAL A 107 -9.26 11.13 9.73
N MET A 1 7.29 11.10 -1.93
CA MET A 1 7.04 10.28 -3.15
C MET A 1 6.93 8.79 -2.81
N VAL A 2 6.55 8.00 -3.80
CA VAL A 2 6.40 6.56 -3.63
C VAL A 2 7.75 5.89 -3.46
N LYS A 3 7.83 4.81 -2.67
CA LYS A 3 9.10 4.14 -2.46
C LYS A 3 8.92 2.63 -2.41
N GLN A 4 9.69 1.97 -3.26
CA GLN A 4 9.67 0.52 -3.37
C GLN A 4 10.45 -0.13 -2.23
N ILE A 5 9.79 -0.99 -1.45
CA ILE A 5 10.45 -1.65 -0.32
C ILE A 5 10.78 -3.09 -0.63
N GLU A 6 12.06 -3.38 -0.75
CA GLU A 6 12.50 -4.74 -1.04
C GLU A 6 12.96 -5.47 0.21
N SER A 7 12.55 -4.99 1.37
CA SER A 7 12.95 -5.62 2.63
C SER A 7 11.93 -5.34 3.72
N LYS A 8 11.93 -6.15 4.78
CA LYS A 8 11.00 -5.96 5.88
C LYS A 8 11.47 -4.82 6.79
N THR A 9 12.76 -4.51 6.72
CA THR A 9 13.31 -3.43 7.52
C THR A 9 13.00 -2.09 6.87
N ALA A 10 12.93 -2.11 5.53
CA ALA A 10 12.61 -0.93 4.75
C ALA A 10 11.17 -0.48 4.97
N PHE A 11 10.26 -1.47 5.08
CA PHE A 11 8.84 -1.20 5.31
C PHE A 11 8.66 -0.41 6.60
N GLN A 12 9.30 -0.86 7.66
CA GLN A 12 9.22 -0.17 8.93
C GLN A 12 9.83 1.22 8.79
N GLU A 13 10.91 1.30 8.02
CA GLU A 13 11.63 2.56 7.80
C GLU A 13 10.73 3.61 7.13
N ALA A 14 10.01 3.20 6.09
CA ALA A 14 9.13 4.10 5.37
C ALA A 14 7.94 4.49 6.24
N LEU A 15 7.50 3.57 7.07
CA LEU A 15 6.38 3.82 7.97
C LEU A 15 6.74 4.89 9.00
N ASP A 16 7.95 4.82 9.54
CA ASP A 16 8.41 5.79 10.52
C ASP A 16 8.46 7.18 9.89
N ALA A 17 8.71 7.22 8.58
CA ALA A 17 8.76 8.47 7.85
C ALA A 17 7.36 9.00 7.57
N ALA A 18 6.38 8.09 7.61
CA ALA A 18 4.99 8.46 7.39
C ALA A 18 4.46 9.26 8.54
N GLY A 19 4.91 8.97 9.77
CA GLY A 19 4.45 9.73 10.91
C GLY A 19 2.96 9.61 11.13
N ASP A 20 2.29 10.76 11.21
CA ASP A 20 0.86 10.79 11.42
C ASP A 20 0.08 10.78 10.12
N LYS A 21 0.79 10.59 9.01
CA LYS A 21 0.17 10.56 7.71
C LYS A 21 -0.41 9.18 7.43
N LEU A 22 -1.45 9.13 6.61
CA LEU A 22 -2.08 7.87 6.25
C LEU A 22 -1.22 7.14 5.21
N VAL A 23 -0.90 5.89 5.48
CA VAL A 23 -0.08 5.09 4.57
C VAL A 23 -0.91 4.03 3.86
N VAL A 24 -1.00 4.17 2.54
CA VAL A 24 -1.72 3.23 1.72
C VAL A 24 -0.72 2.46 0.89
N VAL A 25 -0.64 1.17 1.13
CA VAL A 25 0.32 0.36 0.43
C VAL A 25 -0.35 -0.82 -0.28
N ASP A 26 0.19 -1.11 -1.47
CA ASP A 26 -0.32 -2.18 -2.30
C ASP A 26 0.63 -3.37 -2.32
N PHE A 27 0.10 -4.55 -2.05
CA PHE A 27 0.90 -5.77 -2.07
C PHE A 27 0.75 -6.45 -3.42
N SER A 28 1.81 -6.40 -4.23
CA SER A 28 1.76 -6.97 -5.58
C SER A 28 2.77 -8.08 -5.79
N ALA A 29 2.90 -8.50 -7.04
CA ALA A 29 3.83 -9.54 -7.44
C ALA A 29 4.26 -9.34 -8.89
N THR A 30 5.41 -9.89 -9.26
CA THR A 30 5.91 -9.78 -10.62
C THR A 30 5.06 -10.62 -11.57
N TRP A 31 4.61 -11.75 -11.06
CA TRP A 31 3.79 -12.69 -11.82
C TRP A 31 2.31 -12.33 -11.72
N CYS A 32 2.02 -11.14 -11.19
CA CYS A 32 0.63 -10.68 -11.05
C CYS A 32 0.28 -9.68 -12.16
N GLY A 33 -0.87 -9.89 -12.80
CA GLY A 33 -1.30 -9.00 -13.86
C GLY A 33 -2.12 -7.84 -13.34
N PRO A 34 -3.31 -8.12 -12.74
CA PRO A 34 -4.18 -7.06 -12.21
C PRO A 34 -3.44 -6.12 -11.27
N CYS A 35 -2.46 -6.66 -10.56
CA CYS A 35 -1.66 -5.87 -9.62
C CYS A 35 -0.99 -4.71 -10.34
N LYS A 36 -0.48 -4.99 -11.53
CA LYS A 36 0.18 -3.97 -12.34
C LYS A 36 -0.83 -2.97 -12.89
N MET A 37 -2.09 -3.37 -12.93
CA MET A 37 -3.16 -2.51 -13.43
C MET A 37 -3.52 -1.41 -12.43
N ILE A 38 -3.25 -1.66 -11.15
CA ILE A 38 -3.54 -0.69 -10.11
C ILE A 38 -2.39 0.30 -9.94
N LYS A 39 -1.20 -0.05 -10.43
CA LYS A 39 -0.05 0.83 -10.33
C LYS A 39 -0.36 2.22 -10.87
N PRO A 40 -0.85 2.30 -12.12
CA PRO A 40 -1.19 3.57 -12.76
C PRO A 40 -2.05 4.46 -11.87
N PHE A 41 -3.12 3.90 -11.32
CA PHE A 41 -4.04 4.68 -10.47
C PHE A 41 -3.46 4.88 -9.07
N PHE A 42 -2.68 3.92 -8.61
CA PHE A 42 -2.07 4.04 -7.29
C PHE A 42 -1.08 5.19 -7.26
N HIS A 43 -0.22 5.25 -8.28
CA HIS A 43 0.78 6.31 -8.36
C HIS A 43 0.13 7.68 -8.58
N SER A 44 -0.89 7.74 -9.44
CA SER A 44 -1.57 9.00 -9.71
C SER A 44 -2.17 9.59 -8.44
N LEU A 45 -2.83 8.74 -7.65
CA LEU A 45 -3.44 9.20 -6.40
C LEU A 45 -2.37 9.81 -5.50
N SER A 46 -1.18 9.21 -5.53
CA SER A 46 -0.05 9.71 -4.74
C SER A 46 0.23 11.17 -5.05
N GLU A 47 -0.02 11.59 -6.29
CA GLU A 47 0.21 12.97 -6.69
C GLU A 47 -1.00 13.83 -6.33
N LYS A 48 -2.15 13.19 -6.16
CA LYS A 48 -3.39 13.89 -5.80
C LYS A 48 -3.56 13.94 -4.29
N TYR A 49 -2.70 13.21 -3.57
CA TYR A 49 -2.76 13.16 -2.12
C TYR A 49 -1.51 13.76 -1.49
N SER A 50 -1.56 15.05 -1.18
CA SER A 50 -0.42 15.73 -0.57
C SER A 50 -0.48 15.58 0.96
N ASN A 51 -0.73 14.36 1.45
CA ASN A 51 -0.78 14.10 2.88
C ASN A 51 -0.46 12.64 3.21
N VAL A 52 -0.80 11.74 2.28
CA VAL A 52 -0.56 10.30 2.47
C VAL A 52 0.67 9.85 1.71
N ILE A 53 1.21 8.70 2.13
CA ILE A 53 2.40 8.16 1.51
C ILE A 53 2.08 6.91 0.72
N PHE A 54 2.30 6.99 -0.59
CA PHE A 54 2.02 5.87 -1.47
C PHE A 54 3.27 5.10 -1.80
N LEU A 55 3.33 3.86 -1.38
CA LEU A 55 4.49 3.03 -1.66
C LEU A 55 4.10 1.66 -2.19
N GLU A 56 5.08 0.95 -2.74
CA GLU A 56 4.85 -0.36 -3.31
C GLU A 56 5.65 -1.46 -2.63
N VAL A 57 4.95 -2.47 -2.15
CA VAL A 57 5.59 -3.59 -1.49
C VAL A 57 5.42 -4.86 -2.31
N ASP A 58 6.54 -5.39 -2.80
CA ASP A 58 6.53 -6.60 -3.59
C ASP A 58 6.72 -7.81 -2.69
N VAL A 59 5.70 -8.65 -2.63
CA VAL A 59 5.73 -9.83 -1.78
C VAL A 59 6.89 -10.74 -2.14
N ASP A 60 7.40 -10.60 -3.36
CA ASP A 60 8.52 -11.41 -3.78
C ASP A 60 9.75 -11.07 -2.94
N ASP A 61 9.94 -9.78 -2.68
CA ASP A 61 11.08 -9.31 -1.89
C ASP A 61 10.71 -9.12 -0.43
N ALA A 62 9.54 -8.55 -0.18
CA ALA A 62 9.08 -8.32 1.19
C ALA A 62 8.27 -9.49 1.69
N GLN A 63 8.79 -10.69 1.51
CA GLN A 63 8.10 -11.89 1.97
C GLN A 63 8.22 -12.04 3.48
N ASP A 64 8.96 -11.13 4.12
CA ASP A 64 9.13 -11.18 5.56
C ASP A 64 8.04 -10.35 6.23
N VAL A 65 7.47 -9.38 5.52
CA VAL A 65 6.42 -8.51 6.07
C VAL A 65 5.04 -9.15 5.92
N ALA A 66 4.79 -9.70 4.73
CA ALA A 66 3.50 -10.31 4.41
C ALA A 66 3.03 -11.29 5.47
N PRO A 67 3.87 -12.27 5.82
CA PRO A 67 3.54 -13.31 6.81
C PRO A 67 3.15 -12.75 8.17
N LYS A 68 3.67 -11.58 8.49
CA LYS A 68 3.38 -10.96 9.78
C LYS A 68 2.00 -10.32 9.79
N TYR A 69 1.47 -10.00 8.61
CA TYR A 69 0.13 -9.40 8.51
C TYR A 69 -0.88 -10.43 8.07
N GLY A 70 -0.38 -11.58 7.67
CA GLY A 70 -1.24 -12.66 7.23
C GLY A 70 -1.91 -12.36 5.92
N ILE A 71 -1.18 -11.73 4.99
CA ILE A 71 -1.73 -11.43 3.69
C ILE A 71 -1.74 -12.69 2.83
N ARG A 72 -2.88 -13.00 2.21
CA ARG A 72 -2.98 -14.21 1.40
C ARG A 72 -3.88 -13.98 0.18
N GLY A 73 -3.42 -13.13 -0.73
CA GLY A 73 -4.19 -12.84 -1.92
C GLY A 73 -3.90 -11.47 -2.49
N ILE A 74 -3.38 -11.44 -3.72
CA ILE A 74 -3.08 -10.19 -4.38
C ILE A 74 -4.11 -9.90 -5.48
N PRO A 75 -4.32 -8.63 -5.84
CA PRO A 75 -3.64 -7.48 -5.24
C PRO A 75 -4.27 -7.02 -3.92
N THR A 76 -3.49 -7.03 -2.86
CA THR A 76 -3.95 -6.61 -1.55
C THR A 76 -3.64 -5.13 -1.30
N LEU A 77 -4.57 -4.42 -0.67
CA LEU A 77 -4.37 -3.02 -0.34
C LEU A 77 -4.31 -2.86 1.18
N LEU A 78 -3.16 -2.41 1.68
CA LEU A 78 -2.96 -2.22 3.12
C LEU A 78 -2.97 -0.75 3.49
N LEU A 79 -3.72 -0.44 4.53
CA LEU A 79 -3.84 0.91 5.04
C LEU A 79 -3.21 1.00 6.42
N PHE A 80 -2.13 1.77 6.55
CA PHE A 80 -1.44 1.91 7.83
C PHE A 80 -1.68 3.31 8.39
N LYS A 81 -1.78 3.38 9.72
CA LYS A 81 -2.02 4.63 10.41
C LYS A 81 -1.26 4.64 11.72
N ASN A 82 -0.23 5.48 11.81
CA ASN A 82 0.57 5.55 13.02
C ASN A 82 1.20 4.19 13.30
N GLY A 83 1.80 3.60 12.27
CA GLY A 83 2.45 2.31 12.42
C GLY A 83 1.46 1.16 12.67
N GLU A 84 0.17 1.45 12.60
CA GLU A 84 -0.84 0.43 12.83
C GLU A 84 -1.76 0.28 11.63
N VAL A 85 -2.01 -0.96 11.20
CA VAL A 85 -2.91 -1.19 10.07
C VAL A 85 -4.28 -0.58 10.39
N ALA A 86 -4.72 0.34 9.54
CA ALA A 86 -5.98 1.03 9.76
C ALA A 86 -7.08 0.50 8.87
N ALA A 87 -6.68 -0.30 7.91
CA ALA A 87 -7.62 -0.89 6.98
C ALA A 87 -6.94 -1.90 6.08
N THR A 88 -7.70 -2.90 5.68
CA THR A 88 -7.20 -3.93 4.78
C THR A 88 -8.16 -4.11 3.64
N LYS A 89 -7.64 -4.41 2.46
CA LYS A 89 -8.47 -4.60 1.29
C LYS A 89 -7.88 -5.72 0.42
N VAL A 90 -8.73 -6.59 -0.07
CA VAL A 90 -8.27 -7.69 -0.91
C VAL A 90 -8.86 -7.59 -2.32
N GLY A 91 -8.08 -8.01 -3.30
CA GLY A 91 -8.53 -7.95 -4.67
C GLY A 91 -8.37 -6.58 -5.29
N ALA A 92 -8.38 -6.56 -6.62
CA ALA A 92 -8.23 -5.32 -7.37
C ALA A 92 -9.49 -4.46 -7.27
N LEU A 93 -9.30 -3.15 -7.39
CA LEU A 93 -10.42 -2.21 -7.31
C LEU A 93 -10.28 -1.12 -8.36
N SER A 94 -11.33 -0.32 -8.50
CA SER A 94 -11.32 0.78 -9.45
C SER A 94 -10.71 2.03 -8.83
N LYS A 95 -10.55 3.08 -9.63
CA LYS A 95 -9.98 4.32 -9.12
C LYS A 95 -10.88 5.00 -8.12
N GLY A 96 -12.19 4.87 -8.30
CA GLY A 96 -13.13 5.51 -7.39
C GLY A 96 -13.27 4.74 -6.09
N GLN A 97 -13.11 3.43 -6.15
CA GLN A 97 -13.23 2.62 -4.95
C GLN A 97 -11.98 2.77 -4.08
N LEU A 98 -10.85 3.04 -4.73
CA LEU A 98 -9.61 3.22 -3.99
C LEU A 98 -9.62 4.59 -3.30
N LYS A 99 -9.97 5.61 -4.07
CA LYS A 99 -10.03 6.98 -3.56
C LYS A 99 -11.07 7.10 -2.45
N GLU A 100 -12.24 6.54 -2.67
CA GLU A 100 -13.30 6.58 -1.68
C GLU A 100 -12.83 5.93 -0.39
N PHE A 101 -12.09 4.83 -0.54
CA PHE A 101 -11.55 4.11 0.61
C PHE A 101 -10.60 4.99 1.40
N LEU A 102 -9.78 5.75 0.68
CA LEU A 102 -8.82 6.65 1.31
C LEU A 102 -9.56 7.78 2.00
N ASP A 103 -10.44 8.45 1.26
CA ASP A 103 -11.22 9.55 1.83
C ASP A 103 -11.90 9.10 3.13
N ALA A 104 -12.34 7.85 3.16
CA ALA A 104 -13.01 7.28 4.32
C ALA A 104 -12.06 6.99 5.48
N ASN A 105 -10.75 6.89 5.18
CA ASN A 105 -9.77 6.59 6.21
C ASN A 105 -8.94 7.84 6.53
N LEU A 106 -8.53 8.54 5.49
CA LEU A 106 -7.77 9.76 5.65
C LEU A 106 -8.61 10.81 6.36
N VAL A 107 -8.21 11.16 7.58
CA VAL A 107 -8.94 12.15 8.37
C VAL A 107 -8.02 12.81 9.40
N MET A 1 5.52 11.24 -2.67
CA MET A 1 6.67 10.35 -3.03
C MET A 1 6.36 8.90 -2.72
N VAL A 2 6.67 8.02 -3.67
CA VAL A 2 6.44 6.59 -3.52
C VAL A 2 7.78 5.88 -3.33
N LYS A 3 7.81 4.77 -2.58
CA LYS A 3 9.09 4.09 -2.36
C LYS A 3 8.93 2.59 -2.32
N GLN A 4 9.57 1.95 -3.28
CA GLN A 4 9.54 0.50 -3.39
C GLN A 4 10.33 -0.13 -2.24
N ILE A 5 9.69 -1.01 -1.47
CA ILE A 5 10.37 -1.65 -0.35
C ILE A 5 10.76 -3.09 -0.68
N GLU A 6 12.06 -3.34 -0.80
CA GLU A 6 12.56 -4.66 -1.11
C GLU A 6 12.99 -5.43 0.13
N SER A 7 12.60 -4.94 1.29
CA SER A 7 12.97 -5.59 2.55
C SER A 7 11.96 -5.27 3.65
N LYS A 8 11.87 -6.14 4.64
CA LYS A 8 10.93 -5.94 5.75
C LYS A 8 11.40 -4.81 6.66
N THR A 9 12.69 -4.50 6.61
CA THR A 9 13.22 -3.41 7.42
C THR A 9 12.91 -2.08 6.75
N ALA A 10 12.88 -2.10 5.42
CA ALA A 10 12.58 -0.92 4.63
C ALA A 10 11.12 -0.51 4.86
N PHE A 11 10.23 -1.50 4.91
CA PHE A 11 8.81 -1.26 5.15
C PHE A 11 8.64 -0.50 6.45
N GLN A 12 9.40 -0.90 7.47
CA GLN A 12 9.35 -0.24 8.76
C GLN A 12 9.86 1.19 8.60
N GLU A 13 10.92 1.33 7.81
CA GLU A 13 11.54 2.63 7.55
C GLU A 13 10.56 3.60 6.91
N ALA A 14 9.88 3.16 5.86
CA ALA A 14 8.92 3.99 5.15
C ALA A 14 7.74 4.34 6.04
N LEU A 15 7.36 3.42 6.92
CA LEU A 15 6.25 3.65 7.82
C LEU A 15 6.59 4.73 8.85
N ASP A 16 7.80 4.64 9.40
CA ASP A 16 8.25 5.61 10.40
C ASP A 16 8.30 7.01 9.81
N ALA A 17 8.59 7.09 8.52
CA ALA A 17 8.67 8.37 7.83
C ALA A 17 7.27 8.93 7.57
N ALA A 18 6.30 8.04 7.46
CA ALA A 18 4.92 8.45 7.22
C ALA A 18 4.30 9.05 8.48
N GLY A 19 4.86 8.74 9.66
CA GLY A 19 4.35 9.30 10.89
C GLY A 19 2.84 9.24 11.04
N ASP A 20 2.24 10.41 11.18
CA ASP A 20 0.80 10.52 11.35
C ASP A 20 0.07 10.61 10.02
N LYS A 21 0.82 10.53 8.93
CA LYS A 21 0.22 10.56 7.61
C LYS A 21 -0.36 9.19 7.30
N LEU A 22 -1.39 9.16 6.47
CA LEU A 22 -2.03 7.90 6.12
C LEU A 22 -1.12 7.14 5.17
N VAL A 23 -0.79 5.89 5.53
CA VAL A 23 0.07 5.07 4.70
C VAL A 23 -0.73 3.99 4.00
N VAL A 24 -0.91 4.19 2.71
CA VAL A 24 -1.62 3.23 1.89
C VAL A 24 -0.58 2.52 1.05
N VAL A 25 -0.44 1.23 1.27
CA VAL A 25 0.55 0.45 0.56
C VAL A 25 -0.04 -0.80 -0.05
N ASP A 26 0.19 -0.96 -1.36
CA ASP A 26 -0.34 -2.09 -2.10
C ASP A 26 0.65 -3.24 -2.14
N PHE A 27 0.15 -4.45 -1.91
CA PHE A 27 0.97 -5.67 -1.95
C PHE A 27 0.78 -6.34 -3.30
N SER A 28 1.85 -6.43 -4.08
CA SER A 28 1.76 -7.02 -5.42
C SER A 28 2.76 -8.16 -5.63
N ALA A 29 2.88 -8.58 -6.88
CA ALA A 29 3.79 -9.64 -7.28
C ALA A 29 4.23 -9.44 -8.73
N THR A 30 5.40 -9.96 -9.08
CA THR A 30 5.90 -9.83 -10.44
C THR A 30 5.07 -10.69 -11.38
N TRP A 31 4.66 -11.85 -10.86
CA TRP A 31 3.85 -12.79 -11.63
C TRP A 31 2.36 -12.46 -11.54
N CYS A 32 2.05 -11.27 -11.02
CA CYS A 32 0.66 -10.84 -10.91
C CYS A 32 0.26 -9.94 -12.08
N GLY A 33 -0.96 -10.11 -12.57
CA GLY A 33 -1.42 -9.30 -13.67
C GLY A 33 -2.24 -8.10 -13.22
N PRO A 34 -3.42 -8.33 -12.62
CA PRO A 34 -4.28 -7.24 -12.14
C PRO A 34 -3.53 -6.27 -11.22
N CYS A 35 -2.46 -6.76 -10.59
CA CYS A 35 -1.67 -5.94 -9.69
C CYS A 35 -1.02 -4.79 -10.45
N LYS A 36 -0.51 -5.09 -11.65
CA LYS A 36 0.13 -4.08 -12.48
C LYS A 36 -0.88 -3.02 -12.96
N MET A 37 -2.15 -3.39 -12.94
CA MET A 37 -3.21 -2.48 -13.37
C MET A 37 -3.46 -1.38 -12.35
N ILE A 38 -3.15 -1.64 -11.08
CA ILE A 38 -3.35 -0.65 -10.03
C ILE A 38 -2.16 0.29 -9.91
N LYS A 39 -1.00 -0.16 -10.38
CA LYS A 39 0.21 0.64 -10.33
C LYS A 39 -0.05 2.06 -10.85
N PRO A 40 -0.53 2.19 -12.10
CA PRO A 40 -0.81 3.50 -12.70
C PRO A 40 -1.80 4.33 -11.86
N PHE A 41 -2.86 3.70 -11.37
CA PHE A 41 -3.88 4.41 -10.59
C PHE A 41 -3.37 4.74 -9.19
N PHE A 42 -2.61 3.83 -8.59
CA PHE A 42 -2.09 4.05 -7.26
C PHE A 42 -1.11 5.22 -7.24
N HIS A 43 -0.23 5.27 -8.24
CA HIS A 43 0.74 6.35 -8.31
C HIS A 43 0.06 7.69 -8.54
N SER A 44 -0.98 7.71 -9.37
CA SER A 44 -1.70 8.94 -9.67
C SER A 44 -2.28 9.56 -8.41
N LEU A 45 -2.92 8.72 -7.59
CA LEU A 45 -3.51 9.20 -6.34
C LEU A 45 -2.43 9.84 -5.46
N SER A 46 -1.26 9.22 -5.43
CA SER A 46 -0.14 9.71 -4.65
C SER A 46 0.18 11.16 -5.02
N GLU A 47 -0.10 11.54 -6.27
CA GLU A 47 0.13 12.90 -6.73
C GLU A 47 -1.07 13.76 -6.43
N LYS A 48 -2.22 13.11 -6.23
CA LYS A 48 -3.46 13.81 -5.93
C LYS A 48 -3.75 13.77 -4.42
N TYR A 49 -2.77 13.31 -3.65
CA TYR A 49 -2.89 13.23 -2.20
C TYR A 49 -1.67 13.88 -1.55
N SER A 50 -1.86 15.05 -0.96
CA SER A 50 -0.75 15.77 -0.31
C SER A 50 -0.75 15.57 1.20
N ASN A 51 -0.89 14.34 1.65
CA ASN A 51 -0.85 14.05 3.09
C ASN A 51 -0.50 12.59 3.35
N VAL A 52 -0.93 11.71 2.46
CA VAL A 52 -0.68 10.28 2.60
C VAL A 52 0.58 9.83 1.88
N ILE A 53 1.22 8.78 2.40
CA ILE A 53 2.44 8.25 1.80
C ILE A 53 2.13 7.00 0.98
N PHE A 54 2.44 7.07 -0.31
CA PHE A 54 2.19 5.95 -1.21
C PHE A 54 3.46 5.20 -1.49
N LEU A 55 3.45 3.91 -1.23
CA LEU A 55 4.61 3.11 -1.52
C LEU A 55 4.20 1.77 -2.10
N GLU A 56 5.17 1.05 -2.63
CA GLU A 56 4.89 -0.24 -3.23
C GLU A 56 5.69 -1.36 -2.59
N VAL A 57 4.99 -2.38 -2.16
CA VAL A 57 5.64 -3.52 -1.54
C VAL A 57 5.47 -4.78 -2.37
N ASP A 58 6.58 -5.35 -2.81
CA ASP A 58 6.55 -6.56 -3.60
C ASP A 58 6.73 -7.76 -2.69
N VAL A 59 5.70 -8.60 -2.61
CA VAL A 59 5.74 -9.77 -1.74
C VAL A 59 6.90 -10.68 -2.10
N ASP A 60 7.44 -10.54 -3.31
CA ASP A 60 8.56 -11.35 -3.75
C ASP A 60 9.79 -11.04 -2.91
N ASP A 61 9.96 -9.75 -2.58
CA ASP A 61 11.09 -9.30 -1.77
C ASP A 61 10.66 -9.11 -0.33
N ALA A 62 9.51 -8.49 -0.14
CA ALA A 62 8.98 -8.24 1.19
C ALA A 62 8.19 -9.43 1.71
N GLN A 63 8.76 -10.62 1.55
CA GLN A 63 8.09 -11.83 2.01
C GLN A 63 8.16 -11.94 3.52
N ASP A 64 8.99 -11.12 4.14
CA ASP A 64 9.13 -11.14 5.60
C ASP A 64 8.02 -10.29 6.24
N VAL A 65 7.48 -9.35 5.47
CA VAL A 65 6.42 -8.47 5.97
C VAL A 65 5.03 -9.13 5.86
N ALA A 66 4.72 -9.67 4.67
CA ALA A 66 3.41 -10.28 4.43
C ALA A 66 2.99 -11.28 5.51
N PRO A 67 3.83 -12.29 5.79
CA PRO A 67 3.54 -13.32 6.79
C PRO A 67 3.21 -12.73 8.15
N LYS A 68 3.74 -11.55 8.42
CA LYS A 68 3.49 -10.86 9.68
C LYS A 68 2.10 -10.22 9.69
N TYR A 69 1.51 -10.03 8.50
CA TYR A 69 0.19 -9.44 8.37
C TYR A 69 -0.84 -10.48 7.94
N GLY A 70 -0.34 -11.66 7.59
CA GLY A 70 -1.20 -12.74 7.16
C GLY A 70 -1.90 -12.44 5.84
N ILE A 71 -1.22 -11.77 4.93
CA ILE A 71 -1.79 -11.47 3.63
C ILE A 71 -1.79 -12.72 2.76
N ARG A 72 -2.91 -13.01 2.13
CA ARG A 72 -3.02 -14.20 1.28
C ARG A 72 -3.98 -13.96 0.12
N GLY A 73 -3.78 -12.86 -0.60
CA GLY A 73 -4.64 -12.56 -1.73
C GLY A 73 -4.28 -11.24 -2.38
N ILE A 74 -3.62 -11.31 -3.53
CA ILE A 74 -3.21 -10.11 -4.26
C ILE A 74 -4.19 -9.81 -5.39
N PRO A 75 -4.32 -8.53 -5.78
CA PRO A 75 -3.57 -7.42 -5.19
C PRO A 75 -4.20 -6.93 -3.90
N THR A 76 -3.46 -7.01 -2.80
CA THR A 76 -3.94 -6.57 -1.50
C THR A 76 -3.60 -5.10 -1.25
N LEU A 77 -4.56 -4.36 -0.70
CA LEU A 77 -4.33 -2.96 -0.38
C LEU A 77 -4.20 -2.84 1.13
N LEU A 78 -3.04 -2.37 1.57
CA LEU A 78 -2.77 -2.23 3.00
C LEU A 78 -2.80 -0.78 3.42
N LEU A 79 -3.58 -0.52 4.45
CA LEU A 79 -3.70 0.82 4.98
C LEU A 79 -3.06 0.85 6.36
N PHE A 80 -2.21 1.83 6.61
CA PHE A 80 -1.56 1.93 7.91
C PHE A 80 -1.83 3.31 8.53
N LYS A 81 -1.82 3.35 9.86
CA LYS A 81 -2.08 4.55 10.62
C LYS A 81 -1.21 4.56 11.86
N ASN A 82 -0.28 5.51 11.97
CA ASN A 82 0.59 5.56 13.14
C ASN A 82 1.28 4.21 13.35
N GLY A 83 1.87 3.67 12.28
CA GLY A 83 2.57 2.40 12.36
C GLY A 83 1.65 1.21 12.60
N GLU A 84 0.35 1.45 12.64
CA GLU A 84 -0.62 0.38 12.87
C GLU A 84 -1.55 0.26 11.68
N VAL A 85 -1.92 -0.95 11.29
CA VAL A 85 -2.83 -1.14 10.17
C VAL A 85 -4.06 -0.25 10.35
N ALA A 86 -4.44 0.45 9.31
CA ALA A 86 -5.58 1.36 9.35
C ALA A 86 -6.77 0.78 8.65
N ALA A 87 -6.48 -0.09 7.72
CA ALA A 87 -7.51 -0.77 6.94
C ALA A 87 -6.89 -1.85 6.06
N THR A 88 -7.72 -2.77 5.60
CA THR A 88 -7.26 -3.85 4.74
C THR A 88 -8.23 -4.09 3.59
N LYS A 89 -7.68 -4.23 2.39
CA LYS A 89 -8.50 -4.47 1.20
C LYS A 89 -7.87 -5.56 0.35
N VAL A 90 -8.71 -6.45 -0.17
CA VAL A 90 -8.23 -7.55 -1.01
C VAL A 90 -8.83 -7.48 -2.40
N GLY A 91 -8.05 -7.90 -3.40
CA GLY A 91 -8.52 -7.87 -4.77
C GLY A 91 -8.41 -6.51 -5.41
N ALA A 92 -8.44 -6.49 -6.75
CA ALA A 92 -8.32 -5.25 -7.51
C ALA A 92 -9.55 -4.36 -7.32
N LEU A 93 -9.34 -3.06 -7.47
CA LEU A 93 -10.42 -2.09 -7.33
C LEU A 93 -10.21 -0.92 -8.28
N SER A 94 -11.29 -0.29 -8.71
CA SER A 94 -11.21 0.84 -9.62
C SER A 94 -10.60 2.06 -8.94
N LYS A 95 -10.46 3.15 -9.69
CA LYS A 95 -9.87 4.38 -9.17
C LYS A 95 -10.81 5.09 -8.21
N GLY A 96 -12.12 4.95 -8.42
CA GLY A 96 -13.07 5.62 -7.56
C GLY A 96 -13.22 4.91 -6.23
N GLN A 97 -13.07 3.59 -6.21
CA GLN A 97 -13.18 2.82 -4.99
C GLN A 97 -11.93 3.00 -4.13
N LEU A 98 -10.78 3.16 -4.78
CA LEU A 98 -9.54 3.35 -4.06
C LEU A 98 -9.57 4.71 -3.37
N LYS A 99 -9.93 5.74 -4.14
CA LYS A 99 -10.01 7.09 -3.60
C LYS A 99 -11.04 7.16 -2.47
N GLU A 100 -12.18 6.50 -2.67
CA GLU A 100 -13.23 6.47 -1.67
C GLU A 100 -12.70 5.84 -0.38
N PHE A 101 -11.90 4.78 -0.54
CA PHE A 101 -11.32 4.07 0.59
C PHE A 101 -10.38 4.98 1.39
N LEU A 102 -9.56 5.74 0.67
CA LEU A 102 -8.63 6.66 1.31
C LEU A 102 -9.40 7.77 2.00
N ASP A 103 -10.27 8.44 1.25
CA ASP A 103 -11.07 9.53 1.81
C ASP A 103 -11.80 9.08 3.08
N ALA A 104 -12.25 7.83 3.10
CA ALA A 104 -12.96 7.28 4.25
C ALA A 104 -12.02 7.05 5.44
N ASN A 105 -10.72 6.93 5.17
CA ASN A 105 -9.75 6.68 6.23
C ASN A 105 -8.93 7.94 6.53
N LEU A 106 -8.43 8.58 5.49
CA LEU A 106 -7.65 9.80 5.64
C LEU A 106 -8.48 10.88 6.32
N VAL A 107 -8.41 10.92 7.63
CA VAL A 107 -9.17 11.90 8.40
C VAL A 107 -8.87 11.77 9.89
N MET A 1 5.45 11.27 -2.38
CA MET A 1 6.48 10.40 -3.00
C MET A 1 6.23 8.92 -2.69
N VAL A 2 6.59 8.05 -3.63
CA VAL A 2 6.42 6.61 -3.44
C VAL A 2 7.77 5.92 -3.30
N LYS A 3 7.83 4.82 -2.55
CA LYS A 3 9.09 4.15 -2.35
C LYS A 3 8.92 2.64 -2.36
N GLN A 4 9.70 1.98 -3.22
CA GLN A 4 9.65 0.54 -3.35
C GLN A 4 10.46 -0.10 -2.22
N ILE A 5 9.83 -0.97 -1.43
CA ILE A 5 10.50 -1.62 -0.30
C ILE A 5 10.87 -3.07 -0.60
N GLU A 6 12.16 -3.34 -0.70
CA GLU A 6 12.64 -4.68 -0.99
C GLU A 6 13.09 -5.43 0.27
N SER A 7 12.72 -4.92 1.43
CA SER A 7 13.10 -5.55 2.70
C SER A 7 12.14 -5.17 3.83
N LYS A 8 11.82 -6.14 4.69
CA LYS A 8 10.91 -5.90 5.82
C LYS A 8 11.44 -4.80 6.73
N THR A 9 12.74 -4.58 6.72
CA THR A 9 13.33 -3.53 7.54
C THR A 9 13.08 -2.18 6.87
N ALA A 10 13.07 -2.19 5.55
CA ALA A 10 12.83 -0.98 4.78
C ALA A 10 11.39 -0.52 4.97
N PHE A 11 10.46 -1.49 5.02
CA PHE A 11 9.05 -1.20 5.21
C PHE A 11 8.83 -0.42 6.50
N GLN A 12 9.44 -0.90 7.58
CA GLN A 12 9.33 -0.22 8.86
C GLN A 12 9.93 1.18 8.76
N GLU A 13 11.04 1.27 8.03
CA GLU A 13 11.73 2.53 7.83
C GLU A 13 10.84 3.57 7.17
N ALA A 14 10.19 3.18 6.07
CA ALA A 14 9.31 4.09 5.34
C ALA A 14 8.09 4.47 6.18
N LEU A 15 7.65 3.53 7.02
CA LEU A 15 6.51 3.77 7.88
C LEU A 15 6.83 4.83 8.94
N ASP A 16 8.02 4.72 9.53
CA ASP A 16 8.45 5.68 10.53
C ASP A 16 8.48 7.09 9.96
N ALA A 17 8.78 7.18 8.66
CA ALA A 17 8.81 8.46 7.97
C ALA A 17 7.39 8.95 7.68
N ALA A 18 6.44 8.01 7.67
CA ALA A 18 5.04 8.34 7.43
C ALA A 18 4.46 9.12 8.59
N GLY A 19 4.96 8.88 9.80
CA GLY A 19 4.47 9.59 10.96
C GLY A 19 2.99 9.41 11.19
N ASP A 20 2.30 10.53 11.29
CA ASP A 20 0.86 10.52 11.52
C ASP A 20 0.10 10.58 10.20
N LYS A 21 0.82 10.44 9.09
CA LYS A 21 0.21 10.45 7.78
C LYS A 21 -0.38 9.09 7.46
N LEU A 22 -1.39 9.07 6.61
CA LEU A 22 -2.04 7.82 6.22
C LEU A 22 -1.17 7.09 5.21
N VAL A 23 -0.86 5.83 5.49
CA VAL A 23 -0.03 5.04 4.60
C VAL A 23 -0.81 3.94 3.92
N VAL A 24 -1.04 4.12 2.63
CA VAL A 24 -1.74 3.13 1.84
C VAL A 24 -0.71 2.41 1.00
N VAL A 25 -0.57 1.13 1.23
CA VAL A 25 0.41 0.35 0.50
C VAL A 25 -0.22 -0.83 -0.21
N ASP A 26 0.20 -1.04 -1.44
CA ASP A 26 -0.33 -2.12 -2.26
C ASP A 26 0.61 -3.31 -2.30
N PHE A 27 0.06 -4.49 -2.02
CA PHE A 27 0.83 -5.72 -2.05
C PHE A 27 0.65 -6.41 -3.39
N SER A 28 1.68 -6.38 -4.22
CA SER A 28 1.60 -6.98 -5.56
C SER A 28 2.61 -8.10 -5.76
N ALA A 29 2.78 -8.49 -7.02
CA ALA A 29 3.72 -9.55 -7.39
C ALA A 29 4.22 -9.33 -8.81
N THR A 30 5.41 -9.84 -9.11
CA THR A 30 5.98 -9.71 -10.45
C THR A 30 5.17 -10.57 -11.42
N TRP A 31 4.77 -11.74 -10.93
CA TRP A 31 4.00 -12.71 -11.71
C TRP A 31 2.51 -12.40 -11.66
N CYS A 32 2.14 -11.20 -11.20
CA CYS A 32 0.74 -10.80 -11.12
C CYS A 32 0.38 -9.85 -12.25
N GLY A 33 -0.85 -9.98 -12.75
CA GLY A 33 -1.30 -9.12 -13.83
C GLY A 33 -2.13 -7.95 -13.33
N PRO A 34 -3.34 -8.22 -12.80
CA PRO A 34 -4.23 -7.16 -12.28
C PRO A 34 -3.52 -6.25 -11.30
N CYS A 35 -2.52 -6.78 -10.62
CA CYS A 35 -1.75 -6.02 -9.65
C CYS A 35 -1.10 -4.80 -10.31
N LYS A 36 -0.53 -5.02 -11.47
CA LYS A 36 0.13 -3.96 -12.23
C LYS A 36 -0.88 -2.93 -12.74
N MET A 37 -2.12 -3.37 -12.93
CA MET A 37 -3.17 -2.50 -13.43
C MET A 37 -3.55 -1.43 -12.41
N ILE A 38 -3.23 -1.68 -11.14
CA ILE A 38 -3.54 -0.71 -10.08
C ILE A 38 -2.42 0.31 -9.93
N LYS A 39 -1.23 -0.04 -10.41
CA LYS A 39 -0.08 0.84 -10.32
C LYS A 39 -0.40 2.22 -10.89
N PRO A 40 -0.90 2.28 -12.13
CA PRO A 40 -1.25 3.55 -12.78
C PRO A 40 -2.12 4.44 -11.90
N PHE A 41 -3.17 3.87 -11.32
CA PHE A 41 -4.09 4.63 -10.47
C PHE A 41 -3.52 4.86 -9.08
N PHE A 42 -2.71 3.93 -8.60
CA PHE A 42 -2.11 4.07 -7.28
C PHE A 42 -1.11 5.21 -7.28
N HIS A 43 -0.22 5.22 -8.27
CA HIS A 43 0.78 6.26 -8.37
C HIS A 43 0.17 7.62 -8.66
N SER A 44 -0.86 7.64 -9.51
CA SER A 44 -1.53 8.89 -9.85
C SER A 44 -2.14 9.55 -8.62
N LEU A 45 -2.82 8.75 -7.81
CA LEU A 45 -3.46 9.25 -6.59
C LEU A 45 -2.42 9.87 -5.67
N SER A 46 -1.25 9.24 -5.60
CA SER A 46 -0.16 9.72 -4.78
C SER A 46 0.18 11.16 -5.14
N GLU A 47 -0.12 11.55 -6.38
CA GLU A 47 0.12 12.91 -6.84
C GLU A 47 -1.07 13.80 -6.49
N LYS A 48 -2.23 13.17 -6.32
CA LYS A 48 -3.46 13.87 -5.97
C LYS A 48 -3.73 13.79 -4.47
N TYR A 49 -2.74 13.32 -3.71
CA TYR A 49 -2.87 13.21 -2.26
C TYR A 49 -1.64 13.81 -1.57
N SER A 50 -1.73 15.08 -1.21
CA SER A 50 -0.62 15.77 -0.56
C SER A 50 -0.68 15.61 0.97
N ASN A 51 -0.87 14.38 1.42
CA ASN A 51 -0.91 14.11 2.86
C ASN A 51 -0.56 12.65 3.18
N VAL A 52 -1.00 11.74 2.32
CA VAL A 52 -0.78 10.31 2.52
C VAL A 52 0.49 9.84 1.81
N ILE A 53 1.13 8.81 2.36
CA ILE A 53 2.34 8.25 1.78
C ILE A 53 2.01 7.00 0.98
N PHE A 54 2.33 7.03 -0.31
CA PHE A 54 2.07 5.90 -1.19
C PHE A 54 3.35 5.12 -1.44
N LEU A 55 3.38 3.87 -1.02
CA LEU A 55 4.55 3.06 -1.26
C LEU A 55 4.17 1.72 -1.83
N GLU A 56 5.15 1.06 -2.42
CA GLU A 56 4.92 -0.21 -3.07
C GLU A 56 5.74 -1.32 -2.44
N VAL A 57 5.03 -2.35 -1.98
CA VAL A 57 5.69 -3.49 -1.38
C VAL A 57 5.46 -4.74 -2.21
N ASP A 58 6.54 -5.32 -2.71
CA ASP A 58 6.44 -6.52 -3.52
C ASP A 58 6.60 -7.73 -2.61
N VAL A 59 5.56 -8.55 -2.52
CA VAL A 59 5.61 -9.73 -1.67
C VAL A 59 6.76 -10.65 -2.05
N ASP A 60 7.24 -10.52 -3.28
CA ASP A 60 8.35 -11.34 -3.75
C ASP A 60 9.60 -11.03 -2.94
N ASP A 61 9.80 -9.75 -2.63
CA ASP A 61 10.97 -9.30 -1.87
C ASP A 61 10.62 -9.13 -0.40
N ALA A 62 9.45 -8.56 -0.13
CA ALA A 62 9.00 -8.34 1.25
C ALA A 62 8.29 -9.59 1.76
N GLN A 63 8.95 -10.74 1.61
CA GLN A 63 8.38 -12.00 2.05
C GLN A 63 8.35 -12.10 3.57
N ASP A 64 9.04 -11.19 4.24
CA ASP A 64 9.10 -11.20 5.69
C ASP A 64 7.99 -10.33 6.31
N VAL A 65 7.50 -9.36 5.55
CA VAL A 65 6.45 -8.47 6.04
C VAL A 65 5.05 -9.10 5.94
N ALA A 66 4.71 -9.63 4.76
CA ALA A 66 3.39 -10.23 4.54
C ALA A 66 3.00 -11.25 5.60
N PRO A 67 3.82 -12.28 5.80
CA PRO A 67 3.53 -13.34 6.80
C PRO A 67 3.21 -12.78 8.16
N LYS A 68 3.73 -11.59 8.46
CA LYS A 68 3.48 -10.94 9.74
C LYS A 68 2.10 -10.29 9.76
N TYR A 69 1.52 -10.06 8.59
CA TYR A 69 0.19 -9.46 8.48
C TYR A 69 -0.83 -10.50 8.05
N GLY A 70 -0.33 -11.67 7.68
CA GLY A 70 -1.19 -12.75 7.26
C GLY A 70 -1.90 -12.49 5.95
N ILE A 71 -1.21 -11.85 5.01
CA ILE A 71 -1.80 -11.57 3.71
C ILE A 71 -1.76 -12.83 2.84
N ARG A 72 -2.87 -13.16 2.21
CA ARG A 72 -2.94 -14.35 1.37
C ARG A 72 -3.81 -14.11 0.15
N GLY A 73 -3.27 -13.35 -0.79
CA GLY A 73 -3.99 -13.04 -2.01
C GLY A 73 -3.66 -11.67 -2.54
N ILE A 74 -3.60 -11.54 -3.85
CA ILE A 74 -3.28 -10.27 -4.48
C ILE A 74 -4.31 -9.91 -5.56
N PRO A 75 -4.45 -8.62 -5.90
CA PRO A 75 -3.67 -7.53 -5.30
C PRO A 75 -4.28 -7.03 -3.99
N THR A 76 -3.50 -7.09 -2.91
CA THR A 76 -3.97 -6.64 -1.61
C THR A 76 -3.65 -5.17 -1.38
N LEU A 77 -4.60 -4.46 -0.77
CA LEU A 77 -4.41 -3.07 -0.45
C LEU A 77 -4.33 -2.93 1.05
N LEU A 78 -3.19 -2.44 1.54
CA LEU A 78 -2.99 -2.28 2.96
C LEU A 78 -2.98 -0.82 3.38
N LEU A 79 -3.73 -0.53 4.43
CA LEU A 79 -3.81 0.82 4.96
C LEU A 79 -3.15 0.85 6.32
N PHE A 80 -2.34 1.87 6.57
CA PHE A 80 -1.66 1.98 7.86
C PHE A 80 -1.92 3.35 8.49
N LYS A 81 -1.86 3.39 9.81
CA LYS A 81 -2.11 4.60 10.58
C LYS A 81 -1.27 4.59 11.84
N ASN A 82 -0.27 5.46 11.91
CA ASN A 82 0.59 5.50 13.09
C ASN A 82 1.33 4.18 13.27
N GLY A 83 1.93 3.69 12.18
CA GLY A 83 2.67 2.44 12.24
C GLY A 83 1.78 1.24 12.48
N GLU A 84 0.47 1.44 12.45
CA GLU A 84 -0.49 0.36 12.68
C GLU A 84 -1.44 0.23 11.52
N VAL A 85 -1.82 -0.99 11.17
CA VAL A 85 -2.74 -1.20 10.06
C VAL A 85 -4.03 -0.44 10.34
N ALA A 86 -4.47 0.35 9.37
CA ALA A 86 -5.66 1.16 9.52
C ALA A 86 -6.86 0.58 8.79
N ALA A 87 -6.56 -0.23 7.82
CA ALA A 87 -7.58 -0.86 7.02
C ALA A 87 -6.98 -1.91 6.09
N THR A 88 -7.80 -2.85 5.65
CA THR A 88 -7.34 -3.90 4.75
C THR A 88 -8.33 -4.08 3.60
N LYS A 89 -7.80 -4.21 2.39
CA LYS A 89 -8.63 -4.42 1.22
C LYS A 89 -8.01 -5.49 0.34
N VAL A 90 -8.82 -6.44 -0.11
CA VAL A 90 -8.33 -7.53 -0.95
C VAL A 90 -8.95 -7.49 -2.33
N GLY A 91 -8.19 -7.89 -3.34
CA GLY A 91 -8.69 -7.87 -4.70
C GLY A 91 -8.57 -6.51 -5.35
N ALA A 92 -8.60 -6.50 -6.67
CA ALA A 92 -8.47 -5.27 -7.44
C ALA A 92 -9.67 -4.36 -7.24
N LEU A 93 -9.47 -3.07 -7.51
CA LEU A 93 -10.51 -2.07 -7.36
C LEU A 93 -10.29 -0.91 -8.32
N SER A 94 -11.37 -0.25 -8.71
CA SER A 94 -11.27 0.88 -9.63
C SER A 94 -10.63 2.08 -8.95
N LYS A 95 -10.50 3.18 -9.69
CA LYS A 95 -9.91 4.41 -9.17
C LYS A 95 -10.84 5.11 -8.18
N GLY A 96 -12.15 4.97 -8.39
CA GLY A 96 -13.09 5.61 -7.51
C GLY A 96 -13.26 4.89 -6.19
N GLN A 97 -13.12 3.57 -6.21
CA GLN A 97 -13.24 2.77 -5.00
C GLN A 97 -12.01 2.94 -4.12
N LEU A 98 -10.86 3.10 -4.76
CA LEU A 98 -9.61 3.30 -4.04
C LEU A 98 -9.63 4.68 -3.39
N LYS A 99 -10.01 5.68 -4.16
CA LYS A 99 -10.08 7.06 -3.65
C LYS A 99 -11.08 7.15 -2.51
N GLU A 100 -12.23 6.50 -2.67
CA GLU A 100 -13.26 6.50 -1.65
C GLU A 100 -12.73 5.88 -0.36
N PHE A 101 -11.99 4.78 -0.49
CA PHE A 101 -11.41 4.09 0.63
C PHE A 101 -10.46 5.00 1.40
N LEU A 102 -9.66 5.76 0.66
CA LEU A 102 -8.71 6.68 1.25
C LEU A 102 -9.44 7.83 1.92
N ASP A 103 -10.28 8.54 1.17
CA ASP A 103 -11.04 9.65 1.73
C ASP A 103 -11.75 9.23 3.01
N ALA A 104 -12.24 7.99 3.04
CA ALA A 104 -12.93 7.47 4.21
C ALA A 104 -11.98 7.17 5.35
N ASN A 105 -10.69 7.02 5.06
CA ASN A 105 -9.71 6.71 6.09
C ASN A 105 -8.79 7.91 6.38
N LEU A 106 -8.44 8.65 5.35
CA LEU A 106 -7.58 9.82 5.48
C LEU A 106 -8.36 10.95 6.15
N VAL A 107 -8.22 11.04 7.46
CA VAL A 107 -8.91 12.07 8.23
C VAL A 107 -8.44 12.07 9.68
N MET A 1 5.87 11.26 -1.31
CA MET A 1 6.44 10.49 -2.44
C MET A 1 6.27 8.99 -2.24
N VAL A 2 6.48 8.24 -3.31
CA VAL A 2 6.35 6.79 -3.25
C VAL A 2 7.73 6.12 -3.18
N LYS A 3 7.82 5.02 -2.45
CA LYS A 3 9.08 4.32 -2.30
C LYS A 3 8.84 2.81 -2.26
N GLN A 4 9.45 2.11 -3.20
CA GLN A 4 9.31 0.67 -3.28
C GLN A 4 10.11 0.02 -2.15
N ILE A 5 9.43 -0.81 -1.37
CA ILE A 5 10.06 -1.49 -0.24
C ILE A 5 10.47 -2.92 -0.63
N GLU A 6 11.78 -3.12 -0.79
CA GLU A 6 12.32 -4.42 -1.18
C GLU A 6 12.80 -5.23 0.02
N SER A 7 12.36 -4.88 1.21
CA SER A 7 12.77 -5.60 2.42
C SER A 7 11.75 -5.42 3.54
N LYS A 8 11.81 -6.31 4.53
CA LYS A 8 10.90 -6.26 5.66
C LYS A 8 11.27 -5.09 6.59
N THR A 9 12.56 -4.72 6.58
CA THR A 9 13.04 -3.62 7.41
C THR A 9 12.72 -2.28 6.76
N ALA A 10 12.71 -2.27 5.42
CA ALA A 10 12.43 -1.06 4.67
C ALA A 10 10.99 -0.61 4.93
N PHE A 11 10.08 -1.57 5.02
CA PHE A 11 8.67 -1.25 5.28
C PHE A 11 8.54 -0.48 6.59
N GLN A 12 9.31 -0.92 7.60
CA GLN A 12 9.30 -0.26 8.90
C GLN A 12 9.91 1.13 8.76
N GLU A 13 11.03 1.21 8.05
CA GLU A 13 11.72 2.48 7.84
C GLU A 13 10.81 3.51 7.18
N ALA A 14 10.12 3.09 6.13
CA ALA A 14 9.21 3.99 5.41
C ALA A 14 8.05 4.41 6.30
N LEU A 15 7.65 3.52 7.20
CA LEU A 15 6.54 3.80 8.11
C LEU A 15 6.94 4.89 9.12
N ASP A 16 8.19 4.82 9.55
CA ASP A 16 8.70 5.80 10.51
C ASP A 16 8.63 7.20 9.93
N ALA A 17 8.85 7.30 8.63
CA ALA A 17 8.79 8.57 7.93
C ALA A 17 7.35 9.00 7.70
N ALA A 18 6.44 8.03 7.72
CA ALA A 18 5.02 8.31 7.52
C ALA A 18 4.47 9.14 8.67
N GLY A 19 4.96 8.90 9.88
CA GLY A 19 4.49 9.67 11.03
C GLY A 19 3.00 9.60 11.23
N ASP A 20 2.35 10.76 11.19
CA ASP A 20 0.92 10.84 11.39
C ASP A 20 0.17 10.86 10.06
N LYS A 21 0.90 10.68 8.95
CA LYS A 21 0.29 10.66 7.65
C LYS A 21 -0.33 9.30 7.38
N LEU A 22 -1.39 9.27 6.59
CA LEU A 22 -2.05 8.02 6.25
C LEU A 22 -1.23 7.30 5.19
N VAL A 23 -0.99 6.01 5.39
CA VAL A 23 -0.19 5.24 4.45
C VAL A 23 -1.01 4.18 3.74
N VAL A 24 -1.24 4.41 2.46
CA VAL A 24 -1.97 3.47 1.64
C VAL A 24 -0.98 2.74 0.76
N VAL A 25 -0.86 1.44 0.98
CA VAL A 25 0.08 0.63 0.23
C VAL A 25 -0.60 -0.52 -0.51
N ASP A 26 0.14 -1.13 -1.42
CA ASP A 26 -0.38 -2.24 -2.21
C ASP A 26 0.60 -3.41 -2.26
N PHE A 27 0.07 -4.61 -2.05
CA PHE A 27 0.87 -5.83 -2.10
C PHE A 27 0.74 -6.46 -3.49
N SER A 28 1.79 -6.38 -4.29
CA SER A 28 1.74 -6.93 -5.64
C SER A 28 2.72 -8.08 -5.83
N ALA A 29 2.91 -8.46 -7.09
CA ALA A 29 3.81 -9.54 -7.47
C ALA A 29 4.35 -9.32 -8.87
N THR A 30 5.53 -9.84 -9.16
CA THR A 30 6.11 -9.71 -10.49
C THR A 30 5.34 -10.58 -11.47
N TRP A 31 4.94 -11.74 -10.98
CA TRP A 31 4.21 -12.73 -11.77
C TRP A 31 2.70 -12.49 -11.76
N CYS A 32 2.28 -11.32 -11.27
CA CYS A 32 0.85 -11.00 -11.20
C CYS A 32 0.40 -10.20 -12.42
N GLY A 33 -0.90 -10.24 -12.69
CA GLY A 33 -1.45 -9.52 -13.82
C GLY A 33 -2.26 -8.30 -13.40
N PRO A 34 -3.42 -8.51 -12.73
CA PRO A 34 -4.28 -7.41 -12.27
C PRO A 34 -3.57 -6.50 -11.28
N CYS A 35 -2.53 -7.04 -10.63
CA CYS A 35 -1.77 -6.27 -9.65
C CYS A 35 -1.11 -5.08 -10.33
N LYS A 36 -0.57 -5.33 -11.51
CA LYS A 36 0.11 -4.30 -12.29
C LYS A 36 -0.86 -3.21 -12.73
N MET A 37 -2.12 -3.59 -12.93
CA MET A 37 -3.14 -2.64 -13.37
C MET A 37 -3.47 -1.58 -12.32
N ILE A 38 -3.12 -1.85 -11.05
CA ILE A 38 -3.40 -0.90 -9.97
C ILE A 38 -2.26 0.11 -9.82
N LYS A 39 -1.07 -0.25 -10.27
CA LYS A 39 0.10 0.62 -10.17
C LYS A 39 -0.18 2.00 -10.78
N PRO A 40 -0.67 2.05 -12.02
CA PRO A 40 -0.95 3.31 -12.72
C PRO A 40 -1.81 4.28 -11.90
N PHE A 41 -2.91 3.78 -11.36
CA PHE A 41 -3.83 4.63 -10.59
C PHE A 41 -3.32 4.85 -9.16
N PHE A 42 -2.60 3.88 -8.61
CA PHE A 42 -2.07 4.01 -7.26
C PHE A 42 -1.04 5.13 -7.20
N HIS A 43 -0.14 5.14 -8.18
CA HIS A 43 0.90 6.15 -8.25
C HIS A 43 0.32 7.54 -8.50
N SER A 44 -0.70 7.61 -9.35
CA SER A 44 -1.33 8.89 -9.67
C SER A 44 -1.92 9.54 -8.43
N LEU A 45 -2.60 8.75 -7.61
CA LEU A 45 -3.20 9.25 -6.39
C LEU A 45 -2.14 9.85 -5.48
N SER A 46 -0.98 9.22 -5.44
CA SER A 46 0.14 9.68 -4.62
C SER A 46 0.53 11.12 -4.96
N GLU A 47 0.35 11.52 -6.22
CA GLU A 47 0.71 12.87 -6.64
C GLU A 47 -0.43 13.86 -6.39
N LYS A 48 -1.64 13.34 -6.21
CA LYS A 48 -2.79 14.19 -5.94
C LYS A 48 -3.04 14.29 -4.43
N TYR A 49 -2.52 13.31 -3.69
CA TYR A 49 -2.67 13.27 -2.24
C TYR A 49 -1.44 13.83 -1.55
N SER A 50 -1.46 15.12 -1.25
CA SER A 50 -0.34 15.78 -0.58
C SER A 50 -0.49 15.69 0.94
N ASN A 51 -0.78 14.49 1.42
CA ASN A 51 -0.94 14.24 2.84
C ASN A 51 -0.60 12.80 3.19
N VAL A 52 -1.06 11.88 2.35
CA VAL A 52 -0.83 10.46 2.55
C VAL A 52 0.40 9.96 1.79
N ILE A 53 1.01 8.91 2.30
CA ILE A 53 2.20 8.33 1.68
C ILE A 53 1.85 7.04 0.95
N PHE A 54 2.01 7.07 -0.37
CA PHE A 54 1.73 5.91 -1.21
C PHE A 54 3.02 5.16 -1.51
N LEU A 55 3.15 3.92 -1.05
CA LEU A 55 4.35 3.16 -1.33
C LEU A 55 4.03 1.81 -1.94
N GLU A 56 5.04 1.19 -2.52
CA GLU A 56 4.86 -0.08 -3.20
C GLU A 56 5.62 -1.22 -2.55
N VAL A 57 4.88 -2.23 -2.11
CA VAL A 57 5.51 -3.39 -1.50
C VAL A 57 5.27 -4.64 -2.33
N ASP A 58 6.36 -5.23 -2.82
CA ASP A 58 6.28 -6.43 -3.63
C ASP A 58 6.56 -7.64 -2.74
N VAL A 59 5.60 -8.54 -2.65
CA VAL A 59 5.73 -9.72 -1.81
C VAL A 59 6.90 -10.61 -2.23
N ASP A 60 7.36 -10.43 -3.47
CA ASP A 60 8.48 -11.22 -3.95
C ASP A 60 9.73 -10.89 -3.14
N ASP A 61 9.87 -9.61 -2.81
CA ASP A 61 11.01 -9.13 -2.03
C ASP A 61 10.61 -8.94 -0.57
N ALA A 62 9.35 -8.57 -0.36
CA ALA A 62 8.83 -8.34 0.98
C ALA A 62 8.09 -9.58 1.49
N GLN A 63 8.69 -10.74 1.25
CA GLN A 63 8.10 -12.01 1.66
C GLN A 63 8.11 -12.16 3.18
N ASP A 64 8.82 -11.28 3.88
CA ASP A 64 8.91 -11.35 5.33
C ASP A 64 7.87 -10.46 5.98
N VAL A 65 7.38 -9.45 5.26
CA VAL A 65 6.37 -8.55 5.82
C VAL A 65 4.99 -9.20 5.78
N ALA A 66 4.63 -9.77 4.62
CA ALA A 66 3.33 -10.42 4.47
C ALA A 66 3.03 -11.41 5.61
N PRO A 67 3.89 -12.43 5.79
CA PRO A 67 3.71 -13.43 6.84
C PRO A 67 3.47 -12.79 8.20
N LYS A 68 4.01 -11.59 8.39
CA LYS A 68 3.85 -10.86 9.63
C LYS A 68 2.46 -10.23 9.70
N TYR A 69 1.84 -9.98 8.54
CA TYR A 69 0.51 -9.36 8.47
C TYR A 69 -0.57 -10.38 8.10
N GLY A 70 -0.17 -11.60 7.82
CA GLY A 70 -1.11 -12.65 7.48
C GLY A 70 -1.83 -12.41 6.16
N ILE A 71 -1.14 -11.83 5.18
CA ILE A 71 -1.73 -11.57 3.88
C ILE A 71 -1.79 -12.86 3.05
N ARG A 72 -2.92 -13.11 2.39
CA ARG A 72 -3.09 -14.31 1.58
C ARG A 72 -3.90 -14.03 0.32
N GLY A 73 -3.29 -13.30 -0.62
CA GLY A 73 -3.96 -12.97 -1.86
C GLY A 73 -3.44 -11.70 -2.49
N ILE A 74 -3.75 -11.51 -3.77
CA ILE A 74 -3.29 -10.33 -4.49
C ILE A 74 -4.30 -9.93 -5.56
N PRO A 75 -4.40 -8.63 -5.89
CA PRO A 75 -3.60 -7.56 -5.28
C PRO A 75 -4.22 -7.03 -3.98
N THR A 76 -3.48 -7.15 -2.88
CA THR A 76 -3.95 -6.67 -1.59
C THR A 76 -3.62 -5.20 -1.37
N LEU A 77 -4.58 -4.46 -0.83
CA LEU A 77 -4.37 -3.06 -0.53
C LEU A 77 -4.31 -2.90 0.99
N LEU A 78 -3.19 -2.37 1.49
CA LEU A 78 -3.01 -2.22 2.92
C LEU A 78 -2.95 -0.75 3.33
N LEU A 79 -3.66 -0.42 4.40
CA LEU A 79 -3.70 0.95 4.91
C LEU A 79 -3.06 0.99 6.29
N PHE A 80 -2.10 1.88 6.47
CA PHE A 80 -1.40 1.99 7.76
C PHE A 80 -1.61 3.38 8.37
N LYS A 81 -1.66 3.41 9.70
CA LYS A 81 -1.84 4.66 10.44
C LYS A 81 -1.08 4.60 11.76
N ASN A 82 -0.09 5.47 11.91
CA ASN A 82 0.70 5.48 13.14
C ASN A 82 1.37 4.12 13.35
N GLY A 83 1.95 3.59 12.29
CA GLY A 83 2.65 2.31 12.38
C GLY A 83 1.71 1.11 12.55
N GLU A 84 0.40 1.35 12.53
CA GLU A 84 -0.56 0.26 12.71
C GLU A 84 -1.55 0.20 11.55
N VAL A 85 -1.89 -1.02 11.14
CA VAL A 85 -2.84 -1.22 10.05
C VAL A 85 -4.25 -0.77 10.46
N ALA A 86 -4.79 0.22 9.77
CA ALA A 86 -6.12 0.72 10.10
C ALA A 86 -7.14 0.41 9.00
N ALA A 87 -6.74 -0.43 8.06
CA ALA A 87 -7.61 -0.82 6.96
C ALA A 87 -6.92 -1.87 6.07
N THR A 88 -7.68 -2.88 5.67
CA THR A 88 -7.14 -3.93 4.81
C THR A 88 -8.12 -4.31 3.71
N LYS A 89 -7.67 -4.21 2.46
CA LYS A 89 -8.51 -4.54 1.32
C LYS A 89 -7.85 -5.62 0.45
N VAL A 90 -8.66 -6.52 -0.07
CA VAL A 90 -8.17 -7.60 -0.92
C VAL A 90 -8.74 -7.50 -2.34
N GLY A 91 -7.95 -7.89 -3.33
CA GLY A 91 -8.41 -7.84 -4.70
C GLY A 91 -8.33 -6.45 -5.30
N ALA A 92 -8.37 -6.40 -6.63
CA ALA A 92 -8.28 -5.15 -7.36
C ALA A 92 -9.48 -4.25 -7.06
N LEU A 93 -9.41 -3.01 -7.52
CA LEU A 93 -10.47 -2.05 -7.29
C LEU A 93 -10.33 -0.86 -8.24
N SER A 94 -11.45 -0.29 -8.65
CA SER A 94 -11.45 0.86 -9.55
C SER A 94 -10.80 2.06 -8.89
N LYS A 95 -10.72 3.16 -9.62
CA LYS A 95 -10.11 4.39 -9.12
C LYS A 95 -11.03 5.06 -8.10
N GLY A 96 -12.33 4.89 -8.28
CA GLY A 96 -13.28 5.52 -7.37
C GLY A 96 -13.39 4.78 -6.05
N GLN A 97 -13.21 3.46 -6.08
CA GLN A 97 -13.28 2.66 -4.86
C GLN A 97 -12.02 2.83 -4.02
N LEU A 98 -10.90 3.05 -4.69
CA LEU A 98 -9.64 3.25 -4.00
C LEU A 98 -9.63 4.60 -3.30
N LYS A 99 -9.97 5.64 -4.05
CA LYS A 99 -10.02 7.00 -3.51
C LYS A 99 -11.04 7.11 -2.38
N GLU A 100 -12.21 6.50 -2.57
CA GLU A 100 -13.25 6.54 -1.56
C GLU A 100 -12.75 5.89 -0.27
N PHE A 101 -12.00 4.80 -0.42
CA PHE A 101 -11.43 4.09 0.71
C PHE A 101 -10.47 5.01 1.47
N LEU A 102 -9.69 5.78 0.72
CA LEU A 102 -8.73 6.71 1.29
C LEU A 102 -9.46 7.81 2.06
N ASP A 103 -10.29 8.57 1.35
CA ASP A 103 -11.04 9.65 1.98
C ASP A 103 -11.74 9.16 3.25
N ALA A 104 -12.17 7.91 3.25
CA ALA A 104 -12.84 7.32 4.41
C ALA A 104 -11.89 7.05 5.58
N ASN A 105 -10.61 6.90 5.28
CA ASN A 105 -9.63 6.62 6.33
C ASN A 105 -8.70 7.80 6.58
N LEU A 106 -8.45 8.61 5.56
CA LEU A 106 -7.59 9.77 5.68
C LEU A 106 -8.19 10.79 6.65
N VAL A 107 -9.42 11.20 6.36
CA VAL A 107 -10.13 12.17 7.19
C VAL A 107 -9.25 13.36 7.56
N MET A 1 5.40 11.29 -3.11
CA MET A 1 6.57 10.40 -3.31
C MET A 1 6.24 8.96 -2.97
N VAL A 2 6.75 8.05 -3.79
CA VAL A 2 6.54 6.62 -3.59
C VAL A 2 7.87 5.93 -3.38
N LYS A 3 7.89 4.80 -2.65
CA LYS A 3 9.16 4.14 -2.41
C LYS A 3 8.97 2.64 -2.37
N GLN A 4 9.70 1.98 -3.26
CA GLN A 4 9.65 0.53 -3.37
C GLN A 4 10.42 -0.11 -2.22
N ILE A 5 9.76 -0.98 -1.46
CA ILE A 5 10.41 -1.65 -0.33
C ILE A 5 10.71 -3.11 -0.66
N GLU A 6 12.00 -3.43 -0.73
CA GLU A 6 12.42 -4.79 -1.02
C GLU A 6 12.91 -5.54 0.23
N SER A 7 12.58 -5.02 1.40
CA SER A 7 13.00 -5.66 2.65
C SER A 7 12.07 -5.30 3.80
N LYS A 8 11.88 -6.24 4.73
CA LYS A 8 11.00 -6.04 5.88
C LYS A 8 11.46 -4.86 6.74
N THR A 9 12.75 -4.54 6.68
CA THR A 9 13.31 -3.45 7.46
C THR A 9 13.00 -2.11 6.78
N ALA A 10 12.94 -2.14 5.44
CA ALA A 10 12.64 -0.94 4.67
C ALA A 10 11.20 -0.49 4.92
N PHE A 11 10.29 -1.46 4.97
CA PHE A 11 8.87 -1.20 5.21
C PHE A 11 8.69 -0.42 6.51
N GLN A 12 9.38 -0.85 7.55
CA GLN A 12 9.31 -0.17 8.83
C GLN A 12 9.90 1.22 8.71
N GLU A 13 10.99 1.32 7.95
CA GLU A 13 11.67 2.59 7.71
C GLU A 13 10.73 3.61 7.09
N ALA A 14 10.02 3.18 6.04
CA ALA A 14 9.09 4.06 5.35
C ALA A 14 7.91 4.42 6.24
N LEU A 15 7.50 3.47 7.08
CA LEU A 15 6.36 3.70 7.99
C LEU A 15 6.72 4.76 9.03
N ASP A 16 7.95 4.71 9.52
CA ASP A 16 8.42 5.66 10.51
C ASP A 16 8.44 7.08 9.93
N ALA A 17 8.69 7.18 8.63
CA ALA A 17 8.72 8.47 7.96
C ALA A 17 7.31 9.01 7.73
N ALA A 18 6.33 8.11 7.73
CA ALA A 18 4.95 8.50 7.53
C ALA A 18 4.40 9.24 8.75
N GLY A 19 4.80 8.85 9.95
CA GLY A 19 4.33 9.53 11.15
C GLY A 19 2.83 9.47 11.32
N ASP A 20 2.21 10.64 11.33
CA ASP A 20 0.76 10.75 11.52
C ASP A 20 0.04 10.79 10.18
N LYS A 21 0.79 10.68 9.08
CA LYS A 21 0.21 10.69 7.75
C LYS A 21 -0.38 9.32 7.44
N LEU A 22 -1.44 9.29 6.65
CA LEU A 22 -2.07 8.04 6.28
C LEU A 22 -1.20 7.28 5.29
N VAL A 23 -0.90 6.03 5.60
CA VAL A 23 -0.06 5.23 4.72
C VAL A 23 -0.86 4.16 4.00
N VAL A 24 -1.06 4.38 2.71
CA VAL A 24 -1.77 3.44 1.88
C VAL A 24 -0.76 2.71 1.01
N VAL A 25 -0.66 1.41 1.21
CA VAL A 25 0.30 0.63 0.46
C VAL A 25 -0.38 -0.50 -0.31
N ASP A 26 0.36 -1.10 -1.22
CA ASP A 26 -0.15 -2.18 -2.05
C ASP A 26 0.80 -3.36 -2.11
N PHE A 27 0.26 -4.56 -1.93
CA PHE A 27 1.04 -5.78 -2.00
C PHE A 27 0.89 -6.39 -3.38
N SER A 28 1.95 -6.37 -4.19
CA SER A 28 1.88 -6.90 -5.54
C SER A 28 2.99 -7.90 -5.86
N ALA A 29 2.74 -8.71 -6.87
CA ALA A 29 3.69 -9.73 -7.31
C ALA A 29 4.18 -9.46 -8.73
N THR A 30 5.35 -9.98 -9.07
CA THR A 30 5.90 -9.82 -10.40
C THR A 30 5.09 -10.65 -11.40
N TRP A 31 4.65 -11.81 -10.92
CA TRP A 31 3.87 -12.76 -11.72
C TRP A 31 2.38 -12.42 -11.68
N CYS A 32 2.03 -11.25 -11.16
CA CYS A 32 0.64 -10.81 -11.08
C CYS A 32 0.30 -9.87 -12.24
N GLY A 33 -0.95 -9.92 -12.69
CA GLY A 33 -1.38 -9.06 -13.77
C GLY A 33 -2.22 -7.90 -13.28
N PRO A 34 -3.42 -8.17 -12.75
CA PRO A 34 -4.32 -7.12 -12.25
C PRO A 34 -3.60 -6.21 -11.25
N CYS A 35 -2.57 -6.73 -10.62
CA CYS A 35 -1.81 -5.96 -9.64
C CYS A 35 -1.15 -4.75 -10.29
N LYS A 36 -0.57 -4.96 -11.47
CA LYS A 36 0.09 -3.89 -12.21
C LYS A 36 -0.93 -2.88 -12.73
N MET A 37 -2.17 -3.32 -12.89
CA MET A 37 -3.24 -2.45 -13.37
C MET A 37 -3.58 -1.38 -12.34
N ILE A 38 -3.26 -1.66 -11.08
CA ILE A 38 -3.54 -0.72 -9.99
C ILE A 38 -2.41 0.29 -9.85
N LYS A 39 -1.22 -0.07 -10.34
CA LYS A 39 -0.07 0.81 -10.26
C LYS A 39 -0.38 2.19 -10.82
N PRO A 40 -0.87 2.26 -12.07
CA PRO A 40 -1.22 3.54 -12.72
C PRO A 40 -2.07 4.42 -11.82
N PHE A 41 -3.13 3.85 -11.25
CA PHE A 41 -4.05 4.60 -10.40
C PHE A 41 -3.46 4.83 -9.01
N PHE A 42 -2.62 3.91 -8.56
CA PHE A 42 -2.00 4.04 -7.26
C PHE A 42 -1.03 5.22 -7.25
N HIS A 43 -0.19 5.27 -8.29
CA HIS A 43 0.80 6.34 -8.41
C HIS A 43 0.16 7.70 -8.64
N SER A 44 -0.84 7.75 -9.52
CA SER A 44 -1.50 9.02 -9.82
C SER A 44 -2.11 9.61 -8.55
N LEU A 45 -2.77 8.77 -7.77
CA LEU A 45 -3.37 9.22 -6.52
C LEU A 45 -2.30 9.82 -5.62
N SER A 46 -1.14 9.17 -5.59
CA SER A 46 -0.03 9.64 -4.78
C SER A 46 0.32 11.09 -5.10
N GLU A 47 0.03 11.51 -6.32
CA GLU A 47 0.31 12.89 -6.74
C GLU A 47 -0.87 13.80 -6.42
N LYS A 48 -2.03 13.21 -6.18
CA LYS A 48 -3.23 13.97 -5.88
C LYS A 48 -3.39 14.09 -4.36
N TYR A 49 -2.73 13.20 -3.62
CA TYR A 49 -2.79 13.19 -2.17
C TYR A 49 -1.54 13.80 -1.55
N SER A 50 -1.63 15.08 -1.18
CA SER A 50 -0.50 15.77 -0.56
C SER A 50 -0.54 15.65 0.96
N ASN A 51 -0.77 14.43 1.44
CA ASN A 51 -0.81 14.17 2.87
C ASN A 51 -0.46 12.71 3.19
N VAL A 52 -0.84 11.81 2.29
CA VAL A 52 -0.59 10.38 2.48
C VAL A 52 0.66 9.93 1.73
N ILE A 53 1.26 8.84 2.18
CA ILE A 53 2.47 8.31 1.56
C ILE A 53 2.16 7.03 0.77
N PHE A 54 2.31 7.09 -0.55
CA PHE A 54 2.05 5.94 -1.40
C PHE A 54 3.32 5.19 -1.69
N LEU A 55 3.38 3.92 -1.32
CA LEU A 55 4.56 3.14 -1.57
C LEU A 55 4.20 1.78 -2.16
N GLU A 56 5.19 1.05 -2.65
CA GLU A 56 4.95 -0.24 -3.27
C GLU A 56 5.70 -1.36 -2.59
N VAL A 57 4.97 -2.38 -2.17
CA VAL A 57 5.59 -3.52 -1.53
C VAL A 57 5.45 -4.77 -2.39
N ASP A 58 6.57 -5.32 -2.81
CA ASP A 58 6.58 -6.52 -3.64
C ASP A 58 6.71 -7.74 -2.75
N VAL A 59 5.66 -8.56 -2.68
CA VAL A 59 5.68 -9.75 -1.84
C VAL A 59 6.82 -10.69 -2.21
N ASP A 60 7.36 -10.53 -3.42
CA ASP A 60 8.47 -11.36 -3.89
C ASP A 60 9.72 -11.08 -3.05
N ASP A 61 9.91 -9.82 -2.68
CA ASP A 61 11.06 -9.42 -1.87
C ASP A 61 10.66 -9.19 -0.42
N ALA A 62 9.51 -8.58 -0.21
CA ALA A 62 9.03 -8.32 1.13
C ALA A 62 8.21 -9.50 1.65
N GLN A 63 8.78 -10.69 1.50
CA GLN A 63 8.15 -11.93 1.94
C GLN A 63 8.21 -12.07 3.46
N ASP A 64 8.94 -11.17 4.11
CA ASP A 64 9.07 -11.21 5.56
C ASP A 64 7.98 -10.37 6.22
N VAL A 65 7.47 -9.38 5.49
CA VAL A 65 6.42 -8.51 5.99
C VAL A 65 5.03 -9.16 5.89
N ALA A 66 4.72 -9.71 4.71
CA ALA A 66 3.41 -10.32 4.47
C ALA A 66 3.02 -11.31 5.56
N PRO A 67 3.86 -12.31 5.82
CA PRO A 67 3.59 -13.34 6.84
C PRO A 67 3.23 -12.76 8.20
N LYS A 68 3.73 -11.56 8.46
CA LYS A 68 3.46 -10.89 9.73
C LYS A 68 2.05 -10.29 9.77
N TYR A 69 1.46 -10.05 8.59
CA TYR A 69 0.11 -9.48 8.49
C TYR A 69 -0.90 -10.52 8.03
N GLY A 70 -0.40 -11.69 7.66
CA GLY A 70 -1.25 -12.76 7.20
C GLY A 70 -1.94 -12.47 5.87
N ILE A 71 -1.23 -11.80 4.96
CA ILE A 71 -1.79 -11.51 3.65
C ILE A 71 -1.82 -12.77 2.81
N ARG A 72 -2.97 -13.05 2.20
CA ARG A 72 -3.11 -14.25 1.39
C ARG A 72 -3.96 -14.00 0.16
N GLY A 73 -3.51 -13.08 -0.68
CA GLY A 73 -4.26 -12.77 -1.89
C GLY A 73 -3.93 -11.40 -2.47
N ILE A 74 -3.40 -11.41 -3.69
CA ILE A 74 -3.06 -10.16 -4.37
C ILE A 74 -4.09 -9.84 -5.46
N PRO A 75 -4.27 -8.55 -5.79
CA PRO A 75 -3.55 -7.44 -5.18
C PRO A 75 -4.18 -6.98 -3.87
N THR A 76 -3.42 -7.04 -2.78
CA THR A 76 -3.89 -6.62 -1.47
C THR A 76 -3.58 -5.15 -1.22
N LEU A 77 -4.55 -4.41 -0.71
CA LEU A 77 -4.33 -3.00 -0.39
C LEU A 77 -4.28 -2.87 1.12
N LEU A 78 -3.18 -2.32 1.63
CA LEU A 78 -3.00 -2.17 3.06
C LEU A 78 -2.97 -0.71 3.47
N LEU A 79 -3.65 -0.40 4.57
CA LEU A 79 -3.71 0.96 5.07
C LEU A 79 -3.11 1.04 6.47
N PHE A 80 -1.99 1.74 6.58
CA PHE A 80 -1.31 1.89 7.86
C PHE A 80 -1.53 3.29 8.42
N LYS A 81 -1.70 3.36 9.73
CA LYS A 81 -1.93 4.62 10.42
C LYS A 81 -1.19 4.61 11.75
N ASN A 82 -0.14 5.42 11.85
CA ASN A 82 0.65 5.47 13.07
C ASN A 82 1.28 4.10 13.31
N GLY A 83 1.87 3.54 12.25
CA GLY A 83 2.53 2.24 12.34
C GLY A 83 1.57 1.08 12.57
N GLU A 84 0.27 1.36 12.59
CA GLU A 84 -0.72 0.32 12.80
C GLU A 84 -1.69 0.23 11.62
N VAL A 85 -1.93 -0.98 11.16
CA VAL A 85 -2.85 -1.19 10.04
C VAL A 85 -4.25 -0.73 10.43
N ALA A 86 -4.78 0.28 9.74
CA ALA A 86 -6.10 0.78 10.04
C ALA A 86 -7.14 0.39 9.00
N ALA A 87 -6.72 -0.41 8.04
CA ALA A 87 -7.62 -0.86 6.99
C ALA A 87 -6.97 -1.93 6.11
N THR A 88 -7.78 -2.86 5.63
CA THR A 88 -7.29 -3.93 4.75
C THR A 88 -8.23 -4.15 3.58
N LYS A 89 -7.67 -4.26 2.39
CA LYS A 89 -8.47 -4.49 1.19
C LYS A 89 -7.85 -5.61 0.36
N VAL A 90 -8.70 -6.47 -0.19
CA VAL A 90 -8.25 -7.59 -1.00
C VAL A 90 -8.84 -7.53 -2.39
N GLY A 91 -8.07 -7.95 -3.39
CA GLY A 91 -8.55 -7.94 -4.76
C GLY A 91 -8.43 -6.56 -5.40
N ALA A 92 -8.45 -6.55 -6.73
CA ALA A 92 -8.33 -5.30 -7.48
C ALA A 92 -9.55 -4.41 -7.30
N LEU A 93 -9.34 -3.10 -7.40
CA LEU A 93 -10.42 -2.14 -7.25
C LEU A 93 -10.22 -0.97 -8.22
N SER A 94 -11.33 -0.39 -8.68
CA SER A 94 -11.25 0.73 -9.60
C SER A 94 -10.63 1.94 -8.93
N LYS A 95 -10.52 3.05 -9.67
CA LYS A 95 -9.92 4.27 -9.16
C LYS A 95 -10.85 4.95 -8.15
N GLY A 96 -12.15 4.83 -8.35
CA GLY A 96 -13.09 5.46 -7.45
C GLY A 96 -13.24 4.71 -6.16
N GLN A 97 -13.07 3.40 -6.19
CA GLN A 97 -13.19 2.59 -4.99
C GLN A 97 -11.94 2.78 -4.12
N LEU A 98 -10.81 3.01 -4.76
CA LEU A 98 -9.56 3.23 -4.04
C LEU A 98 -9.59 4.59 -3.36
N LYS A 99 -9.93 5.62 -4.14
CA LYS A 99 -9.99 6.99 -3.64
C LYS A 99 -11.03 7.12 -2.53
N GLU A 100 -12.21 6.53 -2.76
CA GLU A 100 -13.28 6.59 -1.77
C GLU A 100 -12.85 5.93 -0.47
N PHE A 101 -12.15 4.79 -0.59
CA PHE A 101 -11.65 4.06 0.57
C PHE A 101 -10.64 4.88 1.35
N LEU A 102 -9.74 5.54 0.62
CA LEU A 102 -8.71 6.38 1.23
C LEU A 102 -9.37 7.54 1.95
N ASP A 103 -10.13 8.33 1.21
CA ASP A 103 -10.83 9.47 1.78
C ASP A 103 -11.59 9.07 3.04
N ALA A 104 -12.10 7.84 3.05
CA ALA A 104 -12.84 7.32 4.20
C ALA A 104 -11.93 7.08 5.41
N ASN A 105 -10.64 6.88 5.14
CA ASN A 105 -9.68 6.63 6.22
C ASN A 105 -8.82 7.87 6.48
N LEU A 106 -8.57 8.65 5.44
CA LEU A 106 -7.78 9.86 5.55
C LEU A 106 -8.63 10.96 6.20
N VAL A 107 -8.47 11.10 7.50
CA VAL A 107 -9.24 12.11 8.24
C VAL A 107 -8.82 12.16 9.71
N MET A 1 5.37 11.32 -1.74
CA MET A 1 6.07 10.52 -2.77
C MET A 1 5.85 9.03 -2.55
N VAL A 2 6.49 8.21 -3.37
CA VAL A 2 6.37 6.77 -3.26
C VAL A 2 7.75 6.12 -3.15
N LYS A 3 7.82 5.04 -2.39
CA LYS A 3 9.08 4.34 -2.20
C LYS A 3 8.87 2.84 -2.15
N GLN A 4 9.48 2.14 -3.09
CA GLN A 4 9.36 0.70 -3.16
C GLN A 4 10.15 0.05 -2.04
N ILE A 5 9.50 -0.82 -1.29
CA ILE A 5 10.14 -1.51 -0.18
C ILE A 5 10.52 -2.94 -0.58
N GLU A 6 11.82 -3.17 -0.76
CA GLU A 6 12.32 -4.48 -1.15
C GLU A 6 12.82 -5.29 0.04
N SER A 7 12.39 -4.91 1.25
CA SER A 7 12.82 -5.62 2.45
C SER A 7 11.80 -5.44 3.58
N LYS A 8 11.85 -6.33 4.56
CA LYS A 8 10.94 -6.27 5.70
C LYS A 8 11.32 -5.11 6.63
N THR A 9 12.59 -4.73 6.62
CA THR A 9 13.08 -3.64 7.45
C THR A 9 12.73 -2.29 6.82
N ALA A 10 12.73 -2.25 5.49
CA ALA A 10 12.44 -1.02 4.78
C ALA A 10 11.00 -0.58 5.04
N PHE A 11 10.09 -1.55 5.11
CA PHE A 11 8.69 -1.25 5.38
C PHE A 11 8.56 -0.48 6.70
N GLN A 12 9.30 -0.93 7.70
CA GLN A 12 9.28 -0.27 9.00
C GLN A 12 9.89 1.12 8.87
N GLU A 13 11.02 1.20 8.15
CA GLU A 13 11.71 2.47 7.94
C GLU A 13 10.83 3.50 7.24
N ALA A 14 10.14 3.06 6.18
CA ALA A 14 9.26 3.96 5.43
C ALA A 14 8.09 4.40 6.30
N LEU A 15 7.66 3.51 7.21
CA LEU A 15 6.56 3.82 8.11
C LEU A 15 6.95 4.91 9.10
N ASP A 16 8.20 4.87 9.54
CA ASP A 16 8.71 5.86 10.48
C ASP A 16 8.65 7.25 9.86
N ALA A 17 8.86 7.32 8.56
CA ALA A 17 8.80 8.58 7.83
C ALA A 17 7.36 9.03 7.63
N ALA A 18 6.43 8.07 7.67
CA ALA A 18 5.01 8.37 7.50
C ALA A 18 4.48 9.20 8.66
N GLY A 19 4.96 8.93 9.87
CA GLY A 19 4.51 9.68 11.03
C GLY A 19 3.02 9.57 11.26
N ASP A 20 2.34 10.70 11.28
CA ASP A 20 0.91 10.73 11.50
C ASP A 20 0.15 10.75 10.18
N LYS A 21 0.87 10.66 9.07
CA LYS A 21 0.26 10.65 7.76
C LYS A 21 -0.36 9.28 7.47
N LEU A 22 -1.42 9.26 6.70
CA LEU A 22 -2.06 8.01 6.35
C LEU A 22 -1.23 7.31 5.28
N VAL A 23 -0.99 6.03 5.47
CA VAL A 23 -0.17 5.27 4.54
C VAL A 23 -0.98 4.21 3.79
N VAL A 24 -1.18 4.46 2.50
CA VAL A 24 -1.90 3.51 1.67
C VAL A 24 -0.89 2.80 0.79
N VAL A 25 -0.78 1.49 0.99
CA VAL A 25 0.18 0.70 0.24
C VAL A 25 -0.51 -0.44 -0.53
N ASP A 26 0.24 -1.05 -1.42
CA ASP A 26 -0.30 -2.14 -2.23
C ASP A 26 0.66 -3.32 -2.29
N PHE A 27 0.12 -4.53 -2.08
CA PHE A 27 0.92 -5.74 -2.13
C PHE A 27 0.75 -6.39 -3.50
N SER A 28 1.81 -6.40 -4.30
CA SER A 28 1.76 -6.97 -5.64
C SER A 28 2.73 -8.14 -5.82
N ALA A 29 2.91 -8.53 -7.07
CA ALA A 29 3.81 -9.62 -7.42
C ALA A 29 4.35 -9.42 -8.84
N THR A 30 5.51 -9.98 -9.13
CA THR A 30 6.08 -9.87 -10.46
C THR A 30 5.30 -10.76 -11.42
N TRP A 31 4.87 -11.90 -10.90
CA TRP A 31 4.13 -12.89 -11.67
C TRP A 31 2.62 -12.62 -11.66
N CYS A 32 2.22 -11.44 -11.17
CA CYS A 32 0.81 -11.08 -11.12
C CYS A 32 0.37 -10.33 -12.37
N GLY A 33 -0.93 -10.37 -12.64
CA GLY A 33 -1.45 -9.69 -13.80
C GLY A 33 -2.28 -8.47 -13.43
N PRO A 34 -3.42 -8.67 -12.73
CA PRO A 34 -4.29 -7.56 -12.32
C PRO A 34 -3.60 -6.60 -11.35
N CYS A 35 -2.56 -7.10 -10.67
CA CYS A 35 -1.83 -6.29 -9.72
C CYS A 35 -1.23 -5.04 -10.38
N LYS A 36 -0.71 -5.23 -11.58
CA LYS A 36 -0.11 -4.12 -12.33
C LYS A 36 -1.17 -3.10 -12.76
N MET A 37 -2.44 -3.50 -12.67
CA MET A 37 -3.54 -2.62 -13.06
C MET A 37 -3.73 -1.48 -12.06
N ILE A 38 -3.35 -1.70 -10.81
CA ILE A 38 -3.50 -0.68 -9.77
C ILE A 38 -2.31 0.30 -9.79
N LYS A 39 -1.17 -0.15 -10.31
CA LYS A 39 0.04 0.68 -10.37
C LYS A 39 -0.23 2.07 -10.94
N PRO A 40 -0.73 2.16 -12.18
CA PRO A 40 -1.01 3.46 -12.83
C PRO A 40 -1.85 4.38 -11.96
N PHE A 41 -2.91 3.83 -11.38
CA PHE A 41 -3.83 4.62 -10.56
C PHE A 41 -3.28 4.85 -9.15
N PHE A 42 -2.50 3.91 -8.63
CA PHE A 42 -1.94 4.05 -7.30
C PHE A 42 -0.96 5.20 -7.25
N HIS A 43 -0.09 5.26 -8.25
CA HIS A 43 0.93 6.30 -8.33
C HIS A 43 0.31 7.68 -8.57
N SER A 44 -0.72 7.75 -9.42
CA SER A 44 -1.38 9.02 -9.71
C SER A 44 -2.00 9.62 -8.45
N LEU A 45 -2.66 8.77 -7.66
CA LEU A 45 -3.29 9.23 -6.43
C LEU A 45 -2.24 9.83 -5.50
N SER A 46 -1.08 9.19 -5.46
CA SER A 46 0.02 9.64 -4.61
C SER A 46 0.38 11.11 -4.92
N GLU A 47 0.14 11.53 -6.16
CA GLU A 47 0.45 12.91 -6.57
C GLU A 47 -0.70 13.86 -6.26
N LYS A 48 -1.90 13.30 -6.08
CA LYS A 48 -3.07 14.13 -5.78
C LYS A 48 -3.30 14.19 -4.28
N TYR A 49 -2.73 13.23 -3.57
CA TYR A 49 -2.86 13.17 -2.12
C TYR A 49 -1.62 13.75 -1.44
N SER A 50 -1.70 15.03 -1.06
CA SER A 50 -0.59 15.71 -0.41
C SER A 50 -0.72 15.58 1.10
N ASN A 51 -0.97 14.35 1.56
CA ASN A 51 -1.12 14.08 2.99
C ASN A 51 -0.74 12.64 3.30
N VAL A 52 -1.18 11.73 2.44
CA VAL A 52 -0.91 10.30 2.62
C VAL A 52 0.34 9.87 1.86
N ILE A 53 0.97 8.81 2.35
CA ILE A 53 2.17 8.29 1.72
C ILE A 53 1.86 6.99 0.98
N PHE A 54 1.99 7.04 -0.34
CA PHE A 54 1.72 5.89 -1.20
C PHE A 54 3.03 5.15 -1.48
N LEU A 55 3.14 3.91 -1.04
CA LEU A 55 4.35 3.14 -1.29
C LEU A 55 4.04 1.78 -1.89
N GLU A 56 5.07 1.15 -2.41
CA GLU A 56 4.91 -0.13 -3.08
C GLU A 56 5.64 -1.28 -2.41
N VAL A 57 4.91 -2.28 -1.97
CA VAL A 57 5.51 -3.44 -1.34
C VAL A 57 5.28 -4.69 -2.18
N ASP A 58 6.36 -5.29 -2.65
CA ASP A 58 6.28 -6.49 -3.45
C ASP A 58 6.55 -7.71 -2.58
N VAL A 59 5.58 -8.61 -2.50
CA VAL A 59 5.72 -9.79 -1.66
C VAL A 59 6.90 -10.67 -2.10
N ASP A 60 7.37 -10.48 -3.31
CA ASP A 60 8.50 -11.25 -3.81
C ASP A 60 9.76 -10.85 -3.05
N ASP A 61 9.87 -9.57 -2.75
CA ASP A 61 11.02 -9.04 -2.01
C ASP A 61 10.67 -8.88 -0.54
N ALA A 62 9.42 -8.53 -0.28
CA ALA A 62 8.94 -8.34 1.09
C ALA A 62 8.26 -9.62 1.58
N GLN A 63 8.93 -10.75 1.37
CA GLN A 63 8.40 -12.04 1.76
C GLN A 63 8.35 -12.21 3.28
N ASP A 64 8.93 -11.26 4.01
CA ASP A 64 8.93 -11.34 5.47
C ASP A 64 7.82 -10.49 6.08
N VAL A 65 7.37 -9.46 5.36
CA VAL A 65 6.31 -8.61 5.87
C VAL A 65 4.96 -9.29 5.72
N ALA A 66 4.65 -9.83 4.53
CA ALA A 66 3.35 -10.48 4.30
C ALA A 66 3.02 -11.50 5.39
N PRO A 67 3.85 -12.54 5.56
CA PRO A 67 3.63 -13.57 6.58
C PRO A 67 3.35 -12.97 7.95
N LYS A 68 3.89 -11.76 8.17
CA LYS A 68 3.69 -11.06 9.43
C LYS A 68 2.26 -10.51 9.53
N TYR A 69 1.66 -10.22 8.38
CA TYR A 69 0.30 -9.67 8.32
C TYR A 69 -0.69 -10.70 7.79
N GLY A 70 -0.18 -11.84 7.35
CA GLY A 70 -1.03 -12.89 6.83
C GLY A 70 -1.77 -12.50 5.56
N ILE A 71 -1.08 -11.79 4.67
CA ILE A 71 -1.70 -11.35 3.41
C ILE A 71 -1.74 -12.51 2.42
N ARG A 72 -2.73 -13.38 2.55
CA ARG A 72 -2.86 -14.54 1.68
C ARG A 72 -3.65 -14.21 0.40
N GLY A 73 -2.98 -13.55 -0.54
CA GLY A 73 -3.62 -13.20 -1.80
C GLY A 73 -3.18 -11.85 -2.34
N ILE A 74 -3.47 -11.61 -3.62
CA ILE A 74 -3.11 -10.36 -4.28
C ILE A 74 -4.12 -10.00 -5.36
N PRO A 75 -4.26 -8.70 -5.73
CA PRO A 75 -3.49 -7.60 -5.14
C PRO A 75 -4.12 -7.06 -3.86
N THR A 76 -3.40 -7.18 -2.75
CA THR A 76 -3.90 -6.70 -1.47
C THR A 76 -3.56 -5.23 -1.25
N LEU A 77 -4.51 -4.47 -0.74
CA LEU A 77 -4.31 -3.07 -0.44
C LEU A 77 -4.24 -2.90 1.07
N LEU A 78 -3.15 -2.33 1.55
CA LEU A 78 -2.97 -2.17 2.99
C LEU A 78 -2.89 -0.69 3.39
N LEU A 79 -3.60 -0.35 4.45
CA LEU A 79 -3.63 1.01 4.95
C LEU A 79 -3.00 1.06 6.34
N PHE A 80 -1.93 1.83 6.48
CA PHE A 80 -1.24 1.95 7.76
C PHE A 80 -1.43 3.34 8.37
N LYS A 81 -1.47 3.38 9.69
CA LYS A 81 -1.65 4.64 10.42
C LYS A 81 -0.90 4.60 11.74
N ASN A 82 0.17 5.38 11.85
CA ASN A 82 0.96 5.41 13.07
C ASN A 82 1.57 4.03 13.33
N GLY A 83 2.14 3.43 12.30
CA GLY A 83 2.77 2.13 12.44
C GLY A 83 1.79 0.99 12.60
N GLU A 84 0.50 1.27 12.56
CA GLU A 84 -0.52 0.24 12.72
C GLU A 84 -1.51 0.22 11.56
N VAL A 85 -1.86 -0.98 11.12
CA VAL A 85 -2.81 -1.16 10.02
C VAL A 85 -4.21 -0.72 10.45
N ALA A 86 -4.77 0.28 9.77
CA ALA A 86 -6.10 0.77 10.11
C ALA A 86 -7.12 0.47 9.02
N ALA A 87 -6.74 -0.37 8.08
CA ALA A 87 -7.63 -0.74 6.98
C ALA A 87 -7.00 -1.84 6.12
N THR A 88 -7.81 -2.80 5.68
CA THR A 88 -7.32 -3.88 4.83
C THR A 88 -8.28 -4.15 3.68
N LYS A 89 -7.77 -4.10 2.45
CA LYS A 89 -8.58 -4.35 1.27
C LYS A 89 -7.92 -5.42 0.41
N VAL A 90 -8.73 -6.32 -0.15
CA VAL A 90 -8.23 -7.41 -0.98
C VAL A 90 -8.82 -7.36 -2.39
N GLY A 91 -8.03 -7.76 -3.38
CA GLY A 91 -8.50 -7.76 -4.75
C GLY A 91 -8.42 -6.40 -5.40
N ALA A 92 -8.46 -6.39 -6.74
CA ALA A 92 -8.37 -5.16 -7.51
C ALA A 92 -9.62 -4.30 -7.35
N LEU A 93 -9.43 -2.99 -7.42
CA LEU A 93 -10.54 -2.05 -7.28
C LEU A 93 -10.35 -0.87 -8.22
N SER A 94 -11.46 -0.27 -8.64
CA SER A 94 -11.41 0.87 -9.55
C SER A 94 -10.76 2.08 -8.88
N LYS A 95 -10.66 3.17 -9.62
CA LYS A 95 -10.04 4.40 -9.11
C LYS A 95 -10.95 5.09 -8.09
N GLY A 96 -12.26 4.96 -8.27
CA GLY A 96 -13.18 5.59 -7.35
C GLY A 96 -13.32 4.84 -6.05
N GLN A 97 -13.14 3.52 -6.10
CA GLN A 97 -13.23 2.69 -4.90
C GLN A 97 -11.98 2.83 -4.06
N LEU A 98 -10.84 3.04 -4.71
CA LEU A 98 -9.58 3.22 -4.00
C LEU A 98 -9.57 4.57 -3.31
N LYS A 99 -9.89 5.61 -4.07
CA LYS A 99 -9.94 6.98 -3.54
C LYS A 99 -10.97 7.11 -2.43
N GLU A 100 -12.14 6.50 -2.61
CA GLU A 100 -13.19 6.55 -1.59
C GLU A 100 -12.70 5.93 -0.29
N PHE A 101 -11.96 4.83 -0.41
CA PHE A 101 -11.41 4.13 0.75
C PHE A 101 -10.44 5.04 1.49
N LEU A 102 -9.61 5.75 0.74
CA LEU A 102 -8.63 6.65 1.31
C LEU A 102 -9.33 7.83 1.98
N ASP A 103 -10.18 8.51 1.22
CA ASP A 103 -10.93 9.65 1.73
C ASP A 103 -11.63 9.28 3.04
N ALA A 104 -12.12 8.04 3.11
CA ALA A 104 -12.83 7.56 4.29
C ALA A 104 -11.89 7.29 5.47
N ASN A 105 -10.60 7.10 5.18
CA ASN A 105 -9.63 6.81 6.25
C ASN A 105 -8.69 8.00 6.50
N LEU A 106 -8.50 8.82 5.47
CA LEU A 106 -7.63 9.98 5.57
C LEU A 106 -8.34 11.12 6.33
N VAL A 107 -9.25 11.82 5.64
CA VAL A 107 -10.01 12.91 6.24
C VAL A 107 -9.12 13.82 7.10
N MET A 1 6.59 11.21 -1.00
CA MET A 1 7.02 10.53 -2.26
C MET A 1 6.98 9.02 -2.11
N VAL A 2 6.47 8.35 -3.14
CA VAL A 2 6.37 6.90 -3.14
C VAL A 2 7.74 6.24 -3.06
N LYS A 3 7.82 5.10 -2.38
CA LYS A 3 9.07 4.39 -2.24
C LYS A 3 8.82 2.89 -2.22
N GLN A 4 9.45 2.20 -3.16
CA GLN A 4 9.30 0.76 -3.25
C GLN A 4 10.08 0.09 -2.13
N ILE A 5 9.42 -0.77 -1.37
CA ILE A 5 10.06 -1.46 -0.27
C ILE A 5 10.44 -2.89 -0.69
N GLU A 6 11.73 -3.11 -0.89
CA GLU A 6 12.23 -4.42 -1.30
C GLU A 6 12.76 -5.23 -0.10
N SER A 7 12.35 -4.86 1.10
CA SER A 7 12.80 -5.55 2.30
C SER A 7 11.80 -5.36 3.45
N LYS A 8 11.88 -6.25 4.44
CA LYS A 8 11.01 -6.18 5.60
C LYS A 8 11.40 -5.02 6.50
N THR A 9 12.66 -4.62 6.44
CA THR A 9 13.16 -3.52 7.26
C THR A 9 12.78 -2.17 6.65
N ALA A 10 12.71 -2.14 5.32
CA ALA A 10 12.36 -0.92 4.60
C ALA A 10 10.92 -0.51 4.90
N PHE A 11 10.02 -1.49 4.98
CA PHE A 11 8.62 -1.20 5.26
C PHE A 11 8.50 -0.47 6.58
N GLN A 12 9.23 -0.93 7.59
CA GLN A 12 9.23 -0.29 8.90
C GLN A 12 9.82 1.11 8.79
N GLU A 13 10.94 1.20 8.08
CA GLU A 13 11.63 2.47 7.89
C GLU A 13 10.73 3.50 7.22
N ALA A 14 10.06 3.10 6.14
CA ALA A 14 9.15 3.99 5.43
C ALA A 14 7.98 4.40 6.31
N LEU A 15 7.57 3.51 7.20
CA LEU A 15 6.47 3.78 8.11
C LEU A 15 6.85 4.84 9.13
N ASP A 16 8.10 4.78 9.59
CA ASP A 16 8.61 5.74 10.55
C ASP A 16 8.56 7.14 9.96
N ALA A 17 8.77 7.21 8.65
CA ALA A 17 8.73 8.48 7.93
C ALA A 17 7.30 8.94 7.72
N ALA A 18 6.37 8.00 7.74
CA ALA A 18 4.96 8.31 7.55
C ALA A 18 4.41 9.12 8.72
N GLY A 19 4.90 8.86 9.93
CA GLY A 19 4.43 9.60 11.08
C GLY A 19 2.93 9.52 11.27
N ASP A 20 2.29 10.68 11.29
CA ASP A 20 0.85 10.74 11.47
C ASP A 20 0.12 10.80 10.13
N LYS A 21 0.87 10.67 9.04
CA LYS A 21 0.27 10.67 7.72
C LYS A 21 -0.33 9.31 7.42
N LEU A 22 -1.40 9.28 6.64
CA LEU A 22 -2.04 8.02 6.30
C LEU A 22 -1.19 7.31 5.24
N VAL A 23 -0.98 6.02 5.42
CA VAL A 23 -0.17 5.26 4.48
C VAL A 23 -0.98 4.21 3.74
N VAL A 24 -1.19 4.46 2.45
CA VAL A 24 -1.92 3.54 1.61
C VAL A 24 -0.92 2.80 0.75
N VAL A 25 -0.84 1.49 0.93
CA VAL A 25 0.11 0.68 0.19
C VAL A 25 -0.57 -0.45 -0.57
N ASP A 26 0.18 -1.05 -1.50
CA ASP A 26 -0.34 -2.14 -2.32
C ASP A 26 0.60 -3.34 -2.32
N PHE A 27 0.05 -4.52 -2.07
CA PHE A 27 0.82 -5.75 -2.07
C PHE A 27 0.67 -6.45 -3.41
N SER A 28 1.74 -6.48 -4.20
CA SER A 28 1.70 -7.10 -5.52
C SER A 28 2.92 -7.98 -5.77
N ALA A 29 2.72 -9.03 -6.57
CA ALA A 29 3.82 -9.93 -6.93
C ALA A 29 4.37 -9.51 -8.29
N THR A 30 5.60 -9.90 -8.59
CA THR A 30 6.18 -9.58 -9.88
C THR A 30 5.46 -10.37 -10.97
N TRP A 31 5.12 -11.62 -10.61
CA TRP A 31 4.43 -12.53 -11.52
C TRP A 31 2.90 -12.33 -11.50
N CYS A 32 2.44 -11.21 -10.97
CA CYS A 32 1.01 -10.94 -10.90
C CYS A 32 0.53 -10.19 -12.14
N GLY A 33 -0.77 -10.31 -12.42
CA GLY A 33 -1.34 -9.63 -13.58
C GLY A 33 -2.18 -8.43 -13.18
N PRO A 34 -3.38 -8.66 -12.64
CA PRO A 34 -4.28 -7.56 -12.22
C PRO A 34 -3.59 -6.57 -11.29
N CYS A 35 -2.53 -7.03 -10.62
CA CYS A 35 -1.78 -6.18 -9.70
C CYS A 35 -1.20 -4.99 -10.45
N LYS A 36 -0.75 -5.26 -11.66
CA LYS A 36 -0.16 -4.22 -12.52
C LYS A 36 -1.21 -3.21 -12.99
N MET A 37 -2.48 -3.57 -12.86
CA MET A 37 -3.58 -2.69 -13.27
C MET A 37 -3.76 -1.53 -12.28
N ILE A 38 -3.32 -1.74 -11.05
CA ILE A 38 -3.46 -0.71 -10.01
C ILE A 38 -2.29 0.27 -10.01
N LYS A 39 -1.15 -0.16 -10.57
CA LYS A 39 0.05 0.67 -10.60
C LYS A 39 -0.23 2.09 -11.11
N PRO A 40 -0.73 2.24 -12.35
CA PRO A 40 -1.01 3.56 -12.94
C PRO A 40 -1.90 4.44 -12.06
N PHE A 41 -2.96 3.86 -11.50
CA PHE A 41 -3.90 4.63 -10.68
C PHE A 41 -3.38 4.86 -9.26
N PHE A 42 -2.62 3.91 -8.73
CA PHE A 42 -2.10 4.04 -7.37
C PHE A 42 -1.10 5.19 -7.29
N HIS A 43 -0.22 5.27 -8.29
CA HIS A 43 0.79 6.31 -8.34
C HIS A 43 0.18 7.70 -8.57
N SER A 44 -0.83 7.78 -9.43
CA SER A 44 -1.47 9.06 -9.72
C SER A 44 -2.10 9.66 -8.47
N LEU A 45 -2.78 8.81 -7.70
CA LEU A 45 -3.42 9.26 -6.47
C LEU A 45 -2.38 9.85 -5.52
N SER A 46 -1.20 9.25 -5.51
CA SER A 46 -0.10 9.71 -4.67
C SER A 46 0.25 11.16 -4.96
N GLU A 47 0.02 11.59 -6.21
CA GLU A 47 0.32 12.96 -6.62
C GLU A 47 -0.82 13.91 -6.32
N LYS A 48 -2.02 13.35 -6.13
CA LYS A 48 -3.20 14.17 -5.82
C LYS A 48 -3.42 14.24 -4.32
N TYR A 49 -2.84 13.27 -3.60
CA TYR A 49 -2.96 13.20 -2.16
C TYR A 49 -1.72 13.78 -1.47
N SER A 50 -1.77 15.06 -1.11
CA SER A 50 -0.64 15.71 -0.46
C SER A 50 -0.77 15.59 1.06
N ASN A 51 -1.02 14.37 1.53
CA ASN A 51 -1.15 14.10 2.96
C ASN A 51 -0.74 12.66 3.27
N VAL A 52 -1.20 11.74 2.43
CA VAL A 52 -0.93 10.32 2.59
C VAL A 52 0.32 9.88 1.83
N ILE A 53 0.96 8.83 2.32
CA ILE A 53 2.15 8.30 1.69
C ILE A 53 1.84 7.01 0.93
N PHE A 54 1.98 7.08 -0.39
CA PHE A 54 1.71 5.92 -1.24
C PHE A 54 3.01 5.17 -1.53
N LEU A 55 3.12 3.93 -1.08
CA LEU A 55 4.33 3.17 -1.35
C LEU A 55 4.00 1.81 -1.94
N GLU A 56 5.02 1.18 -2.49
CA GLU A 56 4.85 -0.09 -3.16
C GLU A 56 5.62 -1.22 -2.50
N VAL A 57 4.91 -2.22 -2.04
CA VAL A 57 5.53 -3.37 -1.42
C VAL A 57 5.32 -4.62 -2.25
N ASP A 58 6.42 -5.19 -2.73
CA ASP A 58 6.36 -6.39 -3.55
C ASP A 58 6.61 -7.62 -2.69
N VAL A 59 5.63 -8.51 -2.61
CA VAL A 59 5.74 -9.70 -1.79
C VAL A 59 6.89 -10.59 -2.25
N ASP A 60 7.35 -10.40 -3.48
CA ASP A 60 8.47 -11.18 -3.99
C ASP A 60 9.72 -10.88 -3.18
N ASP A 61 9.88 -9.61 -2.83
CA ASP A 61 11.02 -9.16 -2.03
C ASP A 61 10.62 -9.00 -0.56
N ALA A 62 9.39 -8.58 -0.34
CA ALA A 62 8.87 -8.38 1.01
C ALA A 62 8.12 -9.62 1.49
N GLN A 63 8.72 -10.78 1.25
CA GLN A 63 8.12 -12.05 1.65
C GLN A 63 8.14 -12.22 3.17
N ASP A 64 8.86 -11.33 3.86
CA ASP A 64 8.97 -11.39 5.31
C ASP A 64 7.93 -10.50 5.98
N VAL A 65 7.41 -9.51 5.26
CA VAL A 65 6.41 -8.62 5.82
C VAL A 65 5.02 -9.26 5.78
N ALA A 66 4.65 -9.83 4.63
CA ALA A 66 3.34 -10.45 4.47
C ALA A 66 3.02 -11.42 5.62
N PRO A 67 3.88 -12.44 5.82
CA PRO A 67 3.68 -13.43 6.89
C PRO A 67 3.44 -12.77 8.24
N LYS A 68 3.99 -11.57 8.41
CA LYS A 68 3.82 -10.81 9.64
C LYS A 68 2.42 -10.21 9.73
N TYR A 69 1.78 -10.04 8.58
CA TYR A 69 0.43 -9.46 8.52
C TYR A 69 -0.62 -10.49 8.09
N GLY A 70 -0.15 -11.68 7.75
CA GLY A 70 -1.04 -12.75 7.35
C GLY A 70 -1.77 -12.48 6.03
N ILE A 71 -1.10 -11.81 5.10
CA ILE A 71 -1.71 -11.52 3.81
C ILE A 71 -1.74 -12.78 2.94
N ARG A 72 -2.90 -13.04 2.33
CA ARG A 72 -3.06 -14.23 1.49
C ARG A 72 -4.09 -13.97 0.38
N GLY A 73 -3.94 -12.86 -0.31
CA GLY A 73 -4.86 -12.52 -1.38
C GLY A 73 -4.44 -11.27 -2.13
N ILE A 74 -3.80 -11.44 -3.28
CA ILE A 74 -3.36 -10.30 -4.08
C ILE A 74 -4.30 -10.04 -5.24
N PRO A 75 -4.41 -8.78 -5.71
CA PRO A 75 -3.65 -7.64 -5.16
C PRO A 75 -4.25 -7.11 -3.86
N THR A 76 -3.52 -7.26 -2.76
CA THR A 76 -3.99 -6.76 -1.46
C THR A 76 -3.60 -5.30 -1.25
N LEU A 77 -4.56 -4.52 -0.76
CA LEU A 77 -4.30 -3.12 -0.47
C LEU A 77 -4.25 -2.95 1.04
N LEU A 78 -3.16 -2.37 1.52
CA LEU A 78 -2.98 -2.18 2.95
C LEU A 78 -2.91 -0.71 3.32
N LEU A 79 -3.60 -0.36 4.40
CA LEU A 79 -3.62 1.01 4.89
C LEU A 79 -3.01 1.06 6.29
N PHE A 80 -1.98 1.89 6.44
CA PHE A 80 -1.29 2.01 7.73
C PHE A 80 -1.49 3.39 8.33
N LYS A 81 -1.58 3.44 9.65
CA LYS A 81 -1.78 4.69 10.38
C LYS A 81 -1.06 4.64 11.72
N ASN A 82 -0.01 5.45 11.86
CA ASN A 82 0.76 5.48 13.09
C ASN A 82 1.40 4.11 13.37
N GLY A 83 1.98 3.52 12.32
CA GLY A 83 2.65 2.24 12.47
C GLY A 83 1.70 1.05 12.58
N GLU A 84 0.40 1.31 12.55
CA GLU A 84 -0.59 0.22 12.67
C GLU A 84 -1.55 0.20 11.49
N VAL A 85 -1.89 -1.02 11.04
CA VAL A 85 -2.82 -1.19 9.92
C VAL A 85 -4.22 -0.73 10.33
N ALA A 86 -4.76 0.26 9.63
CA ALA A 86 -6.10 0.77 9.94
C ALA A 86 -7.11 0.45 8.85
N ALA A 87 -6.70 -0.36 7.89
CA ALA A 87 -7.57 -0.76 6.79
C ALA A 87 -6.89 -1.82 5.92
N THR A 88 -7.65 -2.81 5.49
CA THR A 88 -7.12 -3.87 4.64
C THR A 88 -8.11 -4.24 3.54
N LYS A 89 -7.67 -4.10 2.29
CA LYS A 89 -8.52 -4.42 1.15
C LYS A 89 -7.90 -5.52 0.29
N VAL A 90 -8.76 -6.37 -0.28
CA VAL A 90 -8.31 -7.48 -1.12
C VAL A 90 -8.88 -7.38 -2.53
N GLY A 91 -8.10 -7.82 -3.52
CA GLY A 91 -8.57 -7.76 -4.90
C GLY A 91 -8.42 -6.39 -5.52
N ALA A 92 -8.41 -6.35 -6.85
CA ALA A 92 -8.27 -5.10 -7.60
C ALA A 92 -9.53 -4.25 -7.52
N LEU A 93 -9.33 -2.94 -7.34
CA LEU A 93 -10.45 -2.01 -7.25
C LEU A 93 -10.25 -0.86 -8.24
N SER A 94 -11.36 -0.29 -8.71
CA SER A 94 -11.30 0.81 -9.65
C SER A 94 -10.68 2.04 -9.00
N LYS A 95 -10.61 3.13 -9.76
CA LYS A 95 -10.02 4.37 -9.27
C LYS A 95 -10.92 5.03 -8.21
N GLY A 96 -12.23 4.89 -8.37
CA GLY A 96 -13.15 5.50 -7.44
C GLY A 96 -13.27 4.71 -6.14
N GLN A 97 -13.10 3.40 -6.20
CA GLN A 97 -13.20 2.56 -5.02
C GLN A 97 -11.93 2.69 -4.17
N LEU A 98 -10.79 2.89 -4.84
CA LEU A 98 -9.54 3.04 -4.14
C LEU A 98 -9.52 4.39 -3.42
N LYS A 99 -9.85 5.44 -4.17
CA LYS A 99 -9.88 6.81 -3.64
C LYS A 99 -10.90 6.94 -2.51
N GLU A 100 -12.08 6.35 -2.70
CA GLU A 100 -13.13 6.43 -1.68
C GLU A 100 -12.68 5.78 -0.38
N PHE A 101 -12.02 4.63 -0.48
CA PHE A 101 -11.49 3.94 0.68
C PHE A 101 -10.46 4.79 1.41
N LEU A 102 -9.59 5.42 0.62
CA LEU A 102 -8.57 6.28 1.18
C LEU A 102 -9.19 7.50 1.81
N ASP A 103 -10.01 8.22 1.05
CA ASP A 103 -10.69 9.40 1.56
C ASP A 103 -11.45 9.08 2.84
N ALA A 104 -12.01 7.86 2.91
CA ALA A 104 -12.76 7.43 4.09
C ALA A 104 -11.85 7.15 5.28
N ASN A 105 -10.56 6.94 5.01
CA ASN A 105 -9.60 6.65 6.07
C ASN A 105 -8.67 7.84 6.33
N LEU A 106 -8.45 8.65 5.31
CA LEU A 106 -7.58 9.82 5.43
C LEU A 106 -8.24 10.90 6.28
N VAL A 107 -7.65 11.19 7.42
CA VAL A 107 -8.18 12.20 8.33
C VAL A 107 -7.11 12.68 9.31
N MET A 1 7.88 10.71 -3.25
CA MET A 1 6.51 10.42 -2.73
C MET A 1 6.31 8.94 -2.45
N VAL A 2 6.50 8.13 -3.49
CA VAL A 2 6.36 6.68 -3.37
C VAL A 2 7.71 6.01 -3.28
N LYS A 3 7.77 4.90 -2.55
CA LYS A 3 9.03 4.19 -2.38
C LYS A 3 8.79 2.69 -2.31
N GLN A 4 9.39 1.97 -3.24
CA GLN A 4 9.24 0.52 -3.29
C GLN A 4 10.02 -0.10 -2.15
N ILE A 5 9.36 -0.96 -1.38
CA ILE A 5 10.00 -1.62 -0.25
C ILE A 5 10.37 -3.06 -0.62
N GLU A 6 11.67 -3.31 -0.75
CA GLU A 6 12.15 -4.63 -1.10
C GLU A 6 12.69 -5.38 0.11
N SER A 7 12.30 -4.95 1.30
CA SER A 7 12.78 -5.59 2.53
C SER A 7 11.80 -5.40 3.68
N LYS A 8 11.93 -6.24 4.70
CA LYS A 8 11.07 -6.17 5.87
C LYS A 8 11.45 -4.98 6.75
N THR A 9 12.72 -4.59 6.68
CA THR A 9 13.22 -3.45 7.45
C THR A 9 12.84 -2.13 6.79
N ALA A 10 12.76 -2.16 5.46
CA ALA A 10 12.43 -0.96 4.70
C ALA A 10 11.00 -0.51 4.99
N PHE A 11 10.08 -1.48 5.06
CA PHE A 11 8.68 -1.16 5.34
C PHE A 11 8.57 -0.38 6.64
N GLN A 12 9.34 -0.78 7.64
CA GLN A 12 9.35 -0.10 8.92
C GLN A 12 9.94 1.31 8.76
N GLU A 13 11.04 1.38 8.02
CA GLU A 13 11.73 2.65 7.78
C GLU A 13 10.81 3.66 7.12
N ALA A 14 10.11 3.24 6.08
CA ALA A 14 9.20 4.13 5.37
C ALA A 14 8.03 4.54 6.26
N LEU A 15 7.64 3.65 7.15
CA LEU A 15 6.54 3.92 8.07
C LEU A 15 6.92 5.01 9.08
N ASP A 16 8.17 4.96 9.54
CA ASP A 16 8.66 5.94 10.49
C ASP A 16 8.59 7.34 9.89
N ALA A 17 8.81 7.41 8.58
CA ALA A 17 8.73 8.68 7.86
C ALA A 17 7.28 9.08 7.65
N ALA A 18 6.39 8.10 7.68
CA ALA A 18 4.97 8.34 7.49
C ALA A 18 4.39 9.16 8.64
N GLY A 19 4.96 8.99 9.84
CA GLY A 19 4.48 9.75 10.98
C GLY A 19 3.00 9.61 11.21
N ASP A 20 2.30 10.73 11.25
CA ASP A 20 0.87 10.74 11.48
C ASP A 20 0.11 10.75 10.16
N LYS A 21 0.83 10.64 9.05
CA LYS A 21 0.21 10.62 7.73
C LYS A 21 -0.35 9.23 7.44
N LEU A 22 -1.41 9.18 6.67
CA LEU A 22 -2.03 7.91 6.31
C LEU A 22 -1.18 7.22 5.25
N VAL A 23 -0.94 5.93 5.43
CA VAL A 23 -0.14 5.17 4.48
C VAL A 23 -0.96 4.15 3.72
N VAL A 24 -1.10 4.38 2.42
CA VAL A 24 -1.82 3.47 1.56
C VAL A 24 -0.82 2.71 0.70
N VAL A 25 -0.72 1.42 0.95
CA VAL A 25 0.22 0.58 0.24
C VAL A 25 -0.47 -0.56 -0.49
N ASP A 26 0.27 -1.22 -1.38
CA ASP A 26 -0.27 -2.32 -2.15
C ASP A 26 0.68 -3.51 -2.19
N PHE A 27 0.14 -4.70 -1.97
CA PHE A 27 0.93 -5.93 -2.00
C PHE A 27 0.80 -6.57 -3.38
N SER A 28 1.86 -6.48 -4.19
CA SER A 28 1.83 -7.01 -5.55
C SER A 28 2.81 -8.17 -5.74
N ALA A 29 2.99 -8.54 -7.01
CA ALA A 29 3.90 -9.62 -7.38
C ALA A 29 4.42 -9.39 -8.80
N THR A 30 5.61 -9.92 -9.10
CA THR A 30 6.17 -9.79 -10.43
C THR A 30 5.39 -10.65 -11.41
N TRP A 31 4.97 -11.81 -10.92
CA TRP A 31 4.22 -12.78 -11.70
C TRP A 31 2.71 -12.49 -11.68
N CYS A 32 2.34 -11.31 -11.19
CA CYS A 32 0.93 -10.93 -11.11
C CYS A 32 0.48 -10.16 -12.35
N GLY A 33 -0.83 -10.18 -12.60
CA GLY A 33 -1.39 -9.48 -13.74
C GLY A 33 -2.18 -8.25 -13.34
N PRO A 34 -3.36 -8.44 -12.70
CA PRO A 34 -4.20 -7.31 -12.27
C PRO A 34 -3.47 -6.35 -11.35
N CYS A 35 -2.41 -6.85 -10.71
CA CYS A 35 -1.62 -6.03 -9.79
C CYS A 35 -1.01 -4.84 -10.52
N LYS A 36 -0.50 -5.08 -11.72
CA LYS A 36 0.11 -4.03 -12.53
C LYS A 36 -0.94 -3.02 -13.01
N MET A 37 -2.20 -3.42 -12.98
CA MET A 37 -3.30 -2.55 -13.42
C MET A 37 -3.58 -1.45 -12.40
N ILE A 38 -3.25 -1.69 -11.14
CA ILE A 38 -3.49 -0.71 -10.08
C ILE A 38 -2.34 0.29 -9.96
N LYS A 39 -1.16 -0.11 -10.44
CA LYS A 39 0.02 0.76 -10.40
C LYS A 39 -0.29 2.15 -10.97
N PRO A 40 -0.84 2.21 -12.20
CA PRO A 40 -1.16 3.47 -12.85
C PRO A 40 -1.99 4.41 -11.98
N PHE A 41 -3.07 3.88 -11.40
CA PHE A 41 -3.97 4.69 -10.58
C PHE A 41 -3.42 4.90 -9.17
N PHE A 42 -2.63 3.95 -8.68
CA PHE A 42 -2.06 4.06 -7.35
C PHE A 42 -1.06 5.21 -7.29
N HIS A 43 -0.17 5.25 -8.29
CA HIS A 43 0.84 6.29 -8.36
C HIS A 43 0.23 7.66 -8.60
N SER A 44 -0.80 7.72 -9.46
CA SER A 44 -1.47 8.98 -9.76
C SER A 44 -2.07 9.58 -8.50
N LEU A 45 -2.73 8.75 -7.71
CA LEU A 45 -3.35 9.21 -6.48
C LEU A 45 -2.30 9.80 -5.55
N SER A 46 -1.15 9.14 -5.48
CA SER A 46 -0.05 9.60 -4.64
C SER A 46 0.34 11.05 -4.98
N GLU A 47 0.09 11.45 -6.23
CA GLU A 47 0.42 12.80 -6.68
C GLU A 47 -0.72 13.77 -6.39
N LYS A 48 -1.91 13.24 -6.16
CA LYS A 48 -3.07 14.06 -5.86
C LYS A 48 -3.28 14.15 -4.35
N TYR A 49 -2.68 13.20 -3.63
CA TYR A 49 -2.78 13.15 -2.18
C TYR A 49 -1.53 13.72 -1.52
N SER A 50 -1.55 15.01 -1.22
CA SER A 50 -0.41 15.66 -0.58
C SER A 50 -0.54 15.59 0.94
N ASN A 51 -0.83 14.39 1.44
CA ASN A 51 -0.97 14.17 2.88
C ASN A 51 -0.63 12.73 3.23
N VAL A 52 -1.07 11.79 2.39
CA VAL A 52 -0.82 10.38 2.61
C VAL A 52 0.41 9.91 1.85
N ILE A 53 1.02 8.84 2.35
CA ILE A 53 2.20 8.28 1.72
C ILE A 53 1.86 7.00 0.96
N PHE A 54 2.03 7.04 -0.35
CA PHE A 54 1.73 5.90 -1.20
C PHE A 54 3.02 5.14 -1.51
N LEU A 55 3.13 3.89 -1.06
CA LEU A 55 4.32 3.11 -1.36
C LEU A 55 3.98 1.76 -1.94
N GLU A 56 4.98 1.09 -2.47
CA GLU A 56 4.78 -0.19 -3.11
C GLU A 56 5.58 -1.30 -2.44
N VAL A 57 4.88 -2.34 -1.99
CA VAL A 57 5.54 -3.47 -1.37
C VAL A 57 5.33 -4.73 -2.19
N ASP A 58 6.43 -5.32 -2.63
CA ASP A 58 6.39 -6.52 -3.42
C ASP A 58 6.68 -7.74 -2.55
N VAL A 59 5.72 -8.64 -2.48
CA VAL A 59 5.87 -9.82 -1.64
C VAL A 59 7.05 -10.68 -2.08
N ASP A 60 7.53 -10.49 -3.30
CA ASP A 60 8.66 -11.23 -3.80
C ASP A 60 9.90 -10.90 -2.96
N ASP A 61 10.03 -9.62 -2.63
CA ASP A 61 11.16 -9.15 -1.83
C ASP A 61 10.74 -8.98 -0.38
N ALA A 62 9.49 -8.59 -0.17
CA ALA A 62 8.94 -8.40 1.16
C ALA A 62 8.17 -9.62 1.60
N GLN A 63 8.75 -10.79 1.36
CA GLN A 63 8.12 -12.06 1.72
C GLN A 63 8.12 -12.28 3.22
N ASP A 64 8.83 -11.42 3.96
CA ASP A 64 8.90 -11.55 5.41
C ASP A 64 7.89 -10.64 6.09
N VAL A 65 7.48 -9.57 5.41
CA VAL A 65 6.49 -8.65 5.98
C VAL A 65 5.09 -9.25 5.89
N ALA A 66 4.73 -9.78 4.73
CA ALA A 66 3.41 -10.37 4.53
C ALA A 66 3.06 -11.36 5.64
N PRO A 67 3.89 -12.40 5.82
CA PRO A 67 3.68 -13.41 6.86
C PRO A 67 3.41 -12.77 8.21
N LYS A 68 3.98 -11.59 8.42
CA LYS A 68 3.80 -10.84 9.65
C LYS A 68 2.41 -10.22 9.72
N TYR A 69 1.80 -9.99 8.56
CA TYR A 69 0.47 -9.38 8.47
C TYR A 69 -0.60 -10.41 8.08
N GLY A 70 -0.15 -11.62 7.78
CA GLY A 70 -1.05 -12.70 7.40
C GLY A 70 -1.77 -12.46 6.08
N ILE A 71 -1.10 -11.82 5.13
CA ILE A 71 -1.70 -11.56 3.82
C ILE A 71 -1.73 -12.84 2.99
N ARG A 72 -2.85 -13.10 2.33
CA ARG A 72 -3.01 -14.30 1.51
C ARG A 72 -3.87 -14.02 0.28
N GLY A 73 -3.37 -13.15 -0.60
CA GLY A 73 -4.09 -12.82 -1.80
C GLY A 73 -3.48 -11.64 -2.53
N ILE A 74 -3.85 -11.47 -3.81
CA ILE A 74 -3.33 -10.38 -4.61
C ILE A 74 -4.37 -9.90 -5.63
N PRO A 75 -4.46 -8.58 -5.88
CA PRO A 75 -3.63 -7.56 -5.24
C PRO A 75 -4.24 -7.04 -3.94
N THR A 76 -3.49 -7.17 -2.84
CA THR A 76 -3.97 -6.69 -1.55
C THR A 76 -3.62 -5.23 -1.32
N LEU A 77 -4.57 -4.48 -0.78
CA LEU A 77 -4.35 -3.08 -0.47
C LEU A 77 -4.28 -2.92 1.04
N LEU A 78 -3.18 -2.35 1.53
CA LEU A 78 -2.99 -2.18 2.96
C LEU A 78 -2.92 -0.70 3.34
N LEU A 79 -3.64 -0.35 4.39
CA LEU A 79 -3.67 1.01 4.89
C LEU A 79 -3.07 1.07 6.29
N PHE A 80 -2.04 1.87 6.46
CA PHE A 80 -1.36 1.98 7.74
C PHE A 80 -1.56 3.37 8.35
N LYS A 81 -1.59 3.41 9.68
CA LYS A 81 -1.78 4.65 10.42
C LYS A 81 -1.02 4.59 11.74
N ASN A 82 0.03 5.38 11.86
CA ASN A 82 0.83 5.40 13.08
C ASN A 82 1.45 4.02 13.33
N GLY A 83 2.03 3.45 12.28
CA GLY A 83 2.67 2.15 12.41
C GLY A 83 1.70 0.99 12.54
N GLU A 84 0.40 1.27 12.49
CA GLU A 84 -0.61 0.22 12.63
C GLU A 84 -1.59 0.20 11.47
N VAL A 85 -1.92 -1.01 11.03
CA VAL A 85 -2.88 -1.20 9.93
C VAL A 85 -4.28 -0.76 10.36
N ALA A 86 -4.83 0.26 9.70
CA ALA A 86 -6.16 0.74 10.05
C ALA A 86 -7.18 0.46 8.95
N ALA A 87 -6.79 -0.33 7.97
CA ALA A 87 -7.66 -0.70 6.87
C ALA A 87 -7.04 -1.78 6.01
N THR A 88 -7.85 -2.74 5.58
CA THR A 88 -7.36 -3.84 4.75
C THR A 88 -8.32 -4.13 3.60
N LYS A 89 -7.82 -4.05 2.37
CA LYS A 89 -8.63 -4.32 1.19
C LYS A 89 -7.98 -5.41 0.34
N VAL A 90 -8.79 -6.33 -0.16
CA VAL A 90 -8.29 -7.43 -0.97
C VAL A 90 -8.89 -7.40 -2.38
N GLY A 91 -8.10 -7.82 -3.36
CA GLY A 91 -8.59 -7.84 -4.73
C GLY A 91 -8.52 -6.48 -5.40
N ALA A 92 -8.65 -6.48 -6.73
CA ALA A 92 -8.58 -5.26 -7.51
C ALA A 92 -9.79 -4.37 -7.24
N LEU A 93 -9.71 -3.14 -7.73
CA LEU A 93 -10.78 -2.16 -7.55
C LEU A 93 -10.69 -1.07 -8.62
N SER A 94 -11.48 -0.01 -8.45
CA SER A 94 -11.46 1.09 -9.40
C SER A 94 -10.88 2.34 -8.77
N LYS A 95 -10.55 3.33 -9.61
CA LYS A 95 -9.97 4.58 -9.12
C LYS A 95 -10.88 5.24 -8.08
N GLY A 96 -12.18 5.07 -8.25
CA GLY A 96 -13.12 5.65 -7.33
C GLY A 96 -13.24 4.87 -6.04
N GLN A 97 -13.05 3.56 -6.10
CA GLN A 97 -13.14 2.73 -4.91
C GLN A 97 -11.89 2.88 -4.06
N LEU A 98 -10.75 3.08 -4.72
CA LEU A 98 -9.49 3.28 -4.01
C LEU A 98 -9.51 4.62 -3.31
N LYS A 99 -9.87 5.65 -4.07
CA LYS A 99 -9.94 7.01 -3.54
C LYS A 99 -10.97 7.11 -2.42
N GLU A 100 -12.15 6.51 -2.63
CA GLU A 100 -13.20 6.53 -1.63
C GLU A 100 -12.72 5.86 -0.35
N PHE A 101 -11.97 4.77 -0.51
CA PHE A 101 -11.41 4.04 0.64
C PHE A 101 -10.48 4.94 1.43
N LEU A 102 -9.68 5.72 0.72
CA LEU A 102 -8.75 6.64 1.36
C LEU A 102 -9.53 7.77 2.02
N ASP A 103 -10.43 8.39 1.26
CA ASP A 103 -11.24 9.48 1.79
C ASP A 103 -11.93 9.04 3.08
N ALA A 104 -12.36 7.78 3.10
CA ALA A 104 -13.04 7.21 4.26
C ALA A 104 -12.08 7.02 5.43
N ASN A 105 -10.78 6.93 5.15
CA ASN A 105 -9.80 6.74 6.21
C ASN A 105 -9.04 8.04 6.49
N LEU A 106 -8.43 8.59 5.46
CA LEU A 106 -7.68 9.85 5.57
C LEU A 106 -8.53 10.94 6.22
N VAL A 107 -8.35 11.13 7.51
CA VAL A 107 -9.10 12.13 8.26
C VAL A 107 -8.75 12.09 9.74
N MET A 1 5.83 10.93 -4.23
CA MET A 1 6.04 10.53 -2.79
C MET A 1 5.80 9.04 -2.61
N VAL A 2 6.59 8.22 -3.31
CA VAL A 2 6.47 6.77 -3.21
C VAL A 2 7.84 6.12 -3.11
N LYS A 3 7.92 5.02 -2.37
CA LYS A 3 9.18 4.32 -2.19
C LYS A 3 8.93 2.82 -2.13
N GLN A 4 9.54 2.10 -3.05
CA GLN A 4 9.38 0.66 -3.10
C GLN A 4 10.18 0.01 -1.97
N ILE A 5 9.53 -0.86 -1.22
CA ILE A 5 10.17 -1.53 -0.10
C ILE A 5 10.56 -2.96 -0.49
N GLU A 6 11.87 -3.17 -0.64
CA GLU A 6 12.40 -4.48 -1.03
C GLU A 6 12.92 -5.26 0.17
N SER A 7 12.53 -4.86 1.37
CA SER A 7 12.98 -5.54 2.58
C SER A 7 11.98 -5.37 3.71
N LYS A 8 12.05 -6.27 4.68
CA LYS A 8 11.15 -6.22 5.82
C LYS A 8 11.52 -5.06 6.74
N THR A 9 12.79 -4.66 6.70
CA THR A 9 13.27 -3.56 7.52
C THR A 9 12.91 -2.23 6.89
N ALA A 10 12.85 -2.22 5.56
CA ALA A 10 12.52 -1.00 4.81
C ALA A 10 11.07 -0.59 5.08
N PHE A 11 10.18 -1.57 5.21
CA PHE A 11 8.77 -1.29 5.48
C PHE A 11 8.64 -0.51 6.78
N GLN A 12 9.39 -0.94 7.78
CA GLN A 12 9.37 -0.28 9.08
C GLN A 12 9.98 1.12 8.94
N GLU A 13 11.10 1.20 8.23
CA GLU A 13 11.79 2.46 8.01
C GLU A 13 10.88 3.49 7.34
N ALA A 14 10.18 3.05 6.29
CA ALA A 14 9.29 3.93 5.57
C ALA A 14 8.09 4.33 6.43
N LEU A 15 7.70 3.45 7.33
CA LEU A 15 6.57 3.73 8.22
C LEU A 15 6.95 4.82 9.22
N ASP A 16 8.19 4.77 9.71
CA ASP A 16 8.69 5.77 10.66
C ASP A 16 8.66 7.15 10.03
N ALA A 17 8.89 7.21 8.72
CA ALA A 17 8.88 8.47 7.99
C ALA A 17 7.44 8.94 7.74
N ALA A 18 6.50 7.98 7.75
CA ALA A 18 5.09 8.29 7.53
C ALA A 18 4.52 9.12 8.68
N GLY A 19 5.01 8.88 9.90
CA GLY A 19 4.53 9.64 11.04
C GLY A 19 3.04 9.51 11.25
N ASP A 20 2.34 10.65 11.24
CA ASP A 20 0.90 10.66 11.43
C ASP A 20 0.17 10.68 10.10
N LYS A 21 0.92 10.53 9.00
CA LYS A 21 0.32 10.51 7.68
C LYS A 21 -0.29 9.16 7.40
N LEU A 22 -1.35 9.14 6.61
CA LEU A 22 -2.01 7.88 6.26
C LEU A 22 -1.17 7.17 5.21
N VAL A 23 -0.94 5.88 5.38
CA VAL A 23 -0.12 5.15 4.44
C VAL A 23 -0.91 4.06 3.71
N VAL A 24 -1.18 4.31 2.44
CA VAL A 24 -1.89 3.36 1.61
C VAL A 24 -0.87 2.65 0.74
N VAL A 25 -0.72 1.36 0.97
CA VAL A 25 0.25 0.56 0.24
C VAL A 25 -0.41 -0.60 -0.50
N ASP A 26 0.35 -1.24 -1.38
CA ASP A 26 -0.18 -2.36 -2.16
C ASP A 26 0.79 -3.53 -2.20
N PHE A 27 0.27 -4.73 -1.99
CA PHE A 27 1.07 -5.95 -2.04
C PHE A 27 0.91 -6.58 -3.42
N SER A 28 1.97 -6.56 -4.23
CA SER A 28 1.90 -7.10 -5.58
C SER A 28 2.90 -8.25 -5.79
N ALA A 29 3.07 -8.62 -7.05
CA ALA A 29 3.99 -9.69 -7.42
C ALA A 29 4.50 -9.46 -8.84
N THR A 30 5.66 -10.00 -9.16
CA THR A 30 6.21 -9.87 -10.51
C THR A 30 5.41 -10.75 -11.47
N TRP A 31 4.97 -11.89 -10.95
CA TRP A 31 4.18 -12.84 -11.72
C TRP A 31 2.68 -12.51 -11.66
N CYS A 32 2.34 -11.33 -11.14
CA CYS A 32 0.93 -10.92 -11.05
C CYS A 32 0.47 -10.21 -12.32
N GLY A 33 -0.85 -10.22 -12.54
CA GLY A 33 -1.41 -9.56 -13.70
C GLY A 33 -2.22 -8.34 -13.34
N PRO A 34 -3.35 -8.51 -12.61
CA PRO A 34 -4.20 -7.40 -12.20
C PRO A 34 -3.49 -6.42 -11.26
N CYS A 35 -2.44 -6.90 -10.60
CA CYS A 35 -1.68 -6.05 -9.68
C CYS A 35 -1.14 -4.84 -10.42
N LYS A 36 -0.68 -5.07 -11.64
CA LYS A 36 -0.12 -4.02 -12.48
C LYS A 36 -1.21 -3.03 -12.93
N MET A 37 -2.47 -3.43 -12.81
CA MET A 37 -3.59 -2.57 -13.20
C MET A 37 -3.81 -1.44 -12.19
N ILE A 38 -3.38 -1.66 -10.95
CA ILE A 38 -3.55 -0.66 -9.90
C ILE A 38 -2.40 0.36 -9.90
N LYS A 39 -1.24 -0.05 -10.41
CA LYS A 39 -0.05 0.81 -10.45
C LYS A 39 -0.36 2.18 -11.06
N PRO A 40 -0.99 2.22 -12.24
CA PRO A 40 -1.32 3.48 -12.91
C PRO A 40 -2.18 4.40 -12.05
N PHE A 41 -3.25 3.85 -11.47
CA PHE A 41 -4.17 4.65 -10.65
C PHE A 41 -3.65 4.88 -9.23
N PHE A 42 -2.89 3.92 -8.70
CA PHE A 42 -2.34 4.05 -7.36
C PHE A 42 -1.32 5.18 -7.32
N HIS A 43 -0.43 5.20 -8.31
CA HIS A 43 0.60 6.22 -8.37
C HIS A 43 0.02 7.60 -8.61
N SER A 44 -1.00 7.68 -9.46
CA SER A 44 -1.63 8.96 -9.77
C SER A 44 -2.23 9.60 -8.51
N LEU A 45 -2.88 8.78 -7.70
CA LEU A 45 -3.49 9.27 -6.46
C LEU A 45 -2.43 9.88 -5.56
N SER A 46 -1.30 9.19 -5.43
CA SER A 46 -0.21 9.66 -4.59
C SER A 46 0.22 11.08 -4.99
N GLU A 47 -0.06 11.46 -6.24
CA GLU A 47 0.30 12.80 -6.72
C GLU A 47 -0.80 13.80 -6.41
N LYS A 48 -2.01 13.31 -6.20
CA LYS A 48 -3.14 14.17 -5.88
C LYS A 48 -3.32 14.26 -4.37
N TYR A 49 -2.77 13.28 -3.66
CA TYR A 49 -2.87 13.23 -2.21
C TYR A 49 -1.60 13.78 -1.55
N SER A 50 -1.61 15.07 -1.24
CA SER A 50 -0.46 15.71 -0.60
C SER A 50 -0.57 15.63 0.92
N ASN A 51 -0.83 14.42 1.42
CA ASN A 51 -0.96 14.18 2.87
C ASN A 51 -0.60 12.73 3.19
N VAL A 52 -1.07 11.81 2.36
CA VAL A 52 -0.83 10.38 2.57
C VAL A 52 0.40 9.91 1.81
N ILE A 53 1.01 8.84 2.30
CA ILE A 53 2.21 8.29 1.68
C ILE A 53 1.89 6.99 0.94
N PHE A 54 2.04 7.02 -0.38
CA PHE A 54 1.77 5.87 -1.22
C PHE A 54 3.08 5.13 -1.51
N LEU A 55 3.22 3.89 -1.05
CA LEU A 55 4.43 3.13 -1.31
C LEU A 55 4.13 1.78 -1.91
N GLU A 56 5.16 1.14 -2.45
CA GLU A 56 5.00 -0.14 -3.12
C GLU A 56 5.75 -1.27 -2.45
N VAL A 57 5.02 -2.28 -2.00
CA VAL A 57 5.64 -3.43 -1.37
C VAL A 57 5.38 -4.69 -2.18
N ASP A 58 6.47 -5.27 -2.66
CA ASP A 58 6.41 -6.48 -3.45
C ASP A 58 6.72 -7.68 -2.58
N VAL A 59 5.77 -8.60 -2.48
CA VAL A 59 5.93 -9.77 -1.63
C VAL A 59 7.12 -10.64 -2.08
N ASP A 60 7.59 -10.44 -3.31
CA ASP A 60 8.74 -11.20 -3.81
C ASP A 60 9.96 -10.86 -2.97
N ASP A 61 10.09 -9.59 -2.63
CA ASP A 61 11.20 -9.11 -1.82
C ASP A 61 10.75 -8.98 -0.35
N ALA A 62 9.50 -8.57 -0.18
CA ALA A 62 8.93 -8.37 1.13
C ALA A 62 8.16 -9.61 1.60
N GLN A 63 8.73 -10.78 1.35
CA GLN A 63 8.11 -12.04 1.75
C GLN A 63 8.11 -12.20 3.27
N ASP A 64 8.86 -11.35 3.97
CA ASP A 64 8.94 -11.44 5.43
C ASP A 64 7.91 -10.53 6.09
N VAL A 65 7.44 -9.51 5.37
CA VAL A 65 6.45 -8.59 5.93
C VAL A 65 5.04 -9.19 5.85
N ALA A 66 4.67 -9.75 4.69
CA ALA A 66 3.34 -10.33 4.51
C ALA A 66 3.00 -11.29 5.64
N PRO A 67 3.83 -12.32 5.87
CA PRO A 67 3.60 -13.30 6.94
C PRO A 67 3.36 -12.63 8.29
N LYS A 68 3.92 -11.44 8.45
CA LYS A 68 3.76 -10.67 9.68
C LYS A 68 2.35 -10.06 9.74
N TYR A 69 1.75 -9.87 8.56
CA TYR A 69 0.40 -9.29 8.46
C TYR A 69 -0.63 -10.33 8.04
N GLY A 70 -0.15 -11.52 7.71
CA GLY A 70 -1.04 -12.61 7.31
C GLY A 70 -1.77 -12.35 6.00
N ILE A 71 -1.08 -11.75 5.04
CA ILE A 71 -1.67 -11.48 3.73
C ILE A 71 -1.74 -12.75 2.91
N ARG A 72 -2.90 -12.99 2.31
CA ARG A 72 -3.10 -14.18 1.49
C ARG A 72 -4.09 -13.92 0.37
N GLY A 73 -3.88 -12.83 -0.36
CA GLY A 73 -4.76 -12.48 -1.46
C GLY A 73 -4.30 -11.25 -2.21
N ILE A 74 -3.69 -11.46 -3.37
CA ILE A 74 -3.21 -10.36 -4.20
C ILE A 74 -4.16 -10.10 -5.37
N PRO A 75 -4.26 -8.85 -5.85
CA PRO A 75 -3.50 -7.71 -5.33
C PRO A 75 -4.09 -7.14 -4.04
N THR A 76 -3.35 -7.26 -2.95
CA THR A 76 -3.82 -6.78 -1.64
C THR A 76 -3.48 -5.31 -1.43
N LEU A 77 -4.45 -4.55 -0.93
CA LEU A 77 -4.25 -3.15 -0.62
C LEU A 77 -4.22 -3.00 0.90
N LEU A 78 -3.15 -2.40 1.41
CA LEU A 78 -3.00 -2.24 2.84
C LEU A 78 -2.95 -0.78 3.25
N LEU A 79 -3.70 -0.45 4.30
CA LEU A 79 -3.75 0.90 4.83
C LEU A 79 -3.13 0.94 6.21
N PHE A 80 -2.16 1.81 6.41
CA PHE A 80 -1.48 1.93 7.69
C PHE A 80 -1.68 3.32 8.28
N LYS A 81 -1.76 3.37 9.61
CA LYS A 81 -1.94 4.62 10.32
C LYS A 81 -1.17 4.60 11.63
N ASN A 82 -0.11 5.39 11.71
CA ASN A 82 0.70 5.42 12.92
C ASN A 82 1.29 4.04 13.18
N GLY A 83 1.85 3.43 12.13
CA GLY A 83 2.47 2.12 12.27
C GLY A 83 1.48 0.97 12.42
N GLU A 84 0.19 1.28 12.49
CA GLU A 84 -0.83 0.28 12.67
C GLU A 84 -1.78 0.21 11.48
N VAL A 85 -2.07 -1.00 11.00
CA VAL A 85 -2.96 -1.19 9.87
C VAL A 85 -4.39 -0.82 10.26
N ALA A 86 -4.96 0.20 9.62
CA ALA A 86 -6.32 0.64 9.93
C ALA A 86 -7.30 0.31 8.81
N ALA A 87 -6.85 -0.48 7.84
CA ALA A 87 -7.70 -0.87 6.73
C ALA A 87 -7.00 -1.88 5.83
N THR A 88 -7.73 -2.91 5.40
CA THR A 88 -7.16 -3.93 4.52
C THR A 88 -8.13 -4.30 3.41
N LYS A 89 -7.66 -4.20 2.17
CA LYS A 89 -8.48 -4.51 1.02
C LYS A 89 -7.84 -5.59 0.15
N VAL A 90 -8.67 -6.44 -0.43
CA VAL A 90 -8.21 -7.54 -1.29
C VAL A 90 -8.77 -7.41 -2.70
N GLY A 91 -7.98 -7.83 -3.69
CA GLY A 91 -8.43 -7.75 -5.07
C GLY A 91 -8.33 -6.35 -5.65
N ALA A 92 -8.30 -6.27 -6.97
CA ALA A 92 -8.19 -5.00 -7.66
C ALA A 92 -9.48 -4.18 -7.53
N LEU A 93 -9.33 -2.87 -7.36
CA LEU A 93 -10.47 -1.97 -7.23
C LEU A 93 -10.33 -0.80 -8.19
N SER A 94 -11.46 -0.25 -8.63
CA SER A 94 -11.44 0.88 -9.55
C SER A 94 -10.82 2.10 -8.89
N LYS A 95 -10.74 3.19 -9.64
CA LYS A 95 -10.16 4.43 -9.13
C LYS A 95 -11.07 5.10 -8.11
N GLY A 96 -12.38 4.95 -8.28
CA GLY A 96 -13.33 5.57 -7.37
C GLY A 96 -13.44 4.82 -6.06
N GLN A 97 -13.26 3.50 -6.10
CA GLN A 97 -13.35 2.69 -4.89
C GLN A 97 -12.08 2.85 -4.05
N LEU A 98 -10.96 3.08 -4.71
CA LEU A 98 -9.70 3.26 -4.01
C LEU A 98 -9.69 4.62 -3.30
N LYS A 99 -10.03 5.66 -4.06
CA LYS A 99 -10.06 7.02 -3.54
C LYS A 99 -11.09 7.15 -2.41
N GLU A 100 -12.26 6.52 -2.60
CA GLU A 100 -13.30 6.57 -1.58
C GLU A 100 -12.82 5.92 -0.28
N PHE A 101 -12.06 4.83 -0.42
CA PHE A 101 -11.49 4.13 0.73
C PHE A 101 -10.51 5.04 1.45
N LEU A 102 -9.70 5.75 0.68
CA LEU A 102 -8.72 6.66 1.24
C LEU A 102 -9.43 7.83 1.92
N ASP A 103 -10.25 8.55 1.17
CA ASP A 103 -11.00 9.68 1.72
C ASP A 103 -11.71 9.28 3.01
N ALA A 104 -12.17 8.03 3.07
CA ALA A 104 -12.87 7.51 4.24
C ALA A 104 -11.93 7.23 5.41
N ASN A 105 -10.63 7.07 5.13
CA ASN A 105 -9.65 6.78 6.19
C ASN A 105 -8.74 7.96 6.47
N LEU A 106 -8.43 8.73 5.44
CA LEU A 106 -7.57 9.90 5.57
C LEU A 106 -8.26 11.00 6.37
N VAL A 107 -7.73 11.30 7.55
CA VAL A 107 -8.29 12.33 8.42
C VAL A 107 -7.26 12.86 9.41
N MET A 1 5.89 11.00 -3.97
CA MET A 1 7.24 10.41 -4.19
C MET A 1 7.17 8.88 -4.26
N VAL A 2 6.55 8.28 -3.25
CA VAL A 2 6.42 6.82 -3.20
C VAL A 2 7.78 6.16 -3.11
N LYS A 3 7.86 5.05 -2.39
CA LYS A 3 9.11 4.34 -2.24
C LYS A 3 8.86 2.84 -2.18
N GLN A 4 9.47 2.11 -3.09
CA GLN A 4 9.31 0.67 -3.15
C GLN A 4 10.11 0.01 -2.01
N ILE A 5 9.45 -0.86 -1.26
CA ILE A 5 10.09 -1.54 -0.14
C ILE A 5 10.45 -2.97 -0.54
N GLU A 6 11.76 -3.23 -0.72
CA GLU A 6 12.24 -4.54 -1.10
C GLU A 6 12.76 -5.35 0.09
N SER A 7 12.35 -4.96 1.29
CA SER A 7 12.79 -5.66 2.49
C SER A 7 11.77 -5.48 3.64
N LYS A 8 11.82 -6.38 4.62
CA LYS A 8 10.92 -6.33 5.76
C LYS A 8 11.28 -5.17 6.69
N THR A 9 12.55 -4.78 6.69
CA THR A 9 13.02 -3.69 7.53
C THR A 9 12.67 -2.34 6.90
N ALA A 10 12.68 -2.30 5.57
CA ALA A 10 12.38 -1.08 4.84
C ALA A 10 10.93 -0.65 5.07
N PHE A 11 10.02 -1.61 5.13
CA PHE A 11 8.60 -1.29 5.36
C PHE A 11 8.46 -0.51 6.66
N GLN A 12 9.23 -0.90 7.67
CA GLN A 12 9.22 -0.21 8.96
C GLN A 12 9.84 1.17 8.81
N GLU A 13 10.98 1.22 8.11
CA GLU A 13 11.70 2.47 7.89
C GLU A 13 10.82 3.52 7.20
N ALA A 14 10.15 3.11 6.13
CA ALA A 14 9.27 4.03 5.39
C ALA A 14 8.09 4.47 6.26
N LEU A 15 7.65 3.59 7.15
CA LEU A 15 6.54 3.88 8.04
C LEU A 15 6.93 4.95 9.07
N ASP A 16 8.19 4.92 9.48
CA ASP A 16 8.69 5.89 10.44
C ASP A 16 8.62 7.29 9.85
N ALA A 17 8.84 7.38 8.54
CA ALA A 17 8.77 8.65 7.83
C ALA A 17 7.33 9.08 7.62
N ALA A 18 6.41 8.11 7.67
CA ALA A 18 4.99 8.39 7.49
C ALA A 18 4.44 9.22 8.65
N GLY A 19 4.90 8.96 9.87
CA GLY A 19 4.44 9.72 11.01
C GLY A 19 2.94 9.61 11.23
N ASP A 20 2.27 10.75 11.26
CA ASP A 20 0.82 10.78 11.46
C ASP A 20 0.09 10.82 10.13
N LYS A 21 0.83 10.72 9.03
CA LYS A 21 0.24 10.73 7.71
C LYS A 21 -0.37 9.37 7.41
N LEU A 22 -1.43 9.35 6.63
CA LEU A 22 -2.08 8.11 6.27
C LEU A 22 -1.25 7.39 5.21
N VAL A 23 -1.06 6.09 5.38
CA VAL A 23 -0.27 5.31 4.44
C VAL A 23 -1.08 4.25 3.72
N VAL A 24 -1.27 4.47 2.43
CA VAL A 24 -1.99 3.51 1.60
C VAL A 24 -0.98 2.80 0.73
N VAL A 25 -0.85 1.50 0.93
CA VAL A 25 0.12 0.70 0.20
C VAL A 25 -0.53 -0.45 -0.55
N ASP A 26 0.22 -1.07 -1.45
CA ASP A 26 -0.30 -2.18 -2.23
C ASP A 26 0.68 -3.34 -2.30
N PHE A 27 0.15 -4.55 -2.13
CA PHE A 27 0.95 -5.78 -2.19
C PHE A 27 0.79 -6.42 -3.58
N SER A 28 1.85 -6.37 -4.38
CA SER A 28 1.80 -6.93 -5.73
C SER A 28 2.74 -8.13 -5.89
N ALA A 29 2.93 -8.54 -7.14
CA ALA A 29 3.81 -9.66 -7.45
C ALA A 29 4.39 -9.51 -8.86
N THR A 30 5.54 -10.12 -9.10
CA THR A 30 6.16 -10.09 -10.42
C THR A 30 5.35 -10.95 -11.38
N TRP A 31 4.87 -12.07 -10.85
CA TRP A 31 4.09 -13.03 -11.62
C TRP A 31 2.59 -12.68 -11.64
N CYS A 32 2.25 -11.47 -11.20
CA CYS A 32 0.85 -11.04 -11.18
C CYS A 32 0.48 -10.27 -12.45
N GLY A 33 -0.82 -10.19 -12.72
CA GLY A 33 -1.30 -9.47 -13.88
C GLY A 33 -2.12 -8.26 -13.51
N PRO A 34 -3.28 -8.45 -12.85
CA PRO A 34 -4.15 -7.34 -12.43
C PRO A 34 -3.45 -6.41 -11.44
N CYS A 35 -2.45 -6.95 -10.75
CA CYS A 35 -1.70 -6.17 -9.76
C CYS A 35 -1.04 -4.96 -10.39
N LYS A 36 -0.45 -5.15 -11.57
CA LYS A 36 0.23 -4.07 -12.27
C LYS A 36 -0.77 -3.00 -12.74
N MET A 37 -2.01 -3.40 -12.98
CA MET A 37 -3.04 -2.47 -13.44
C MET A 37 -3.40 -1.43 -12.37
N ILE A 38 -3.06 -1.70 -11.12
CA ILE A 38 -3.36 -0.76 -10.03
C ILE A 38 -2.27 0.30 -9.90
N LYS A 39 -1.08 -0.03 -10.40
CA LYS A 39 0.06 0.87 -10.34
C LYS A 39 -0.26 2.27 -10.88
N PRO A 40 -0.71 2.36 -12.15
CA PRO A 40 -1.04 3.64 -12.77
C PRO A 40 -1.94 4.50 -11.89
N PHE A 41 -2.99 3.90 -11.34
CA PHE A 41 -3.95 4.63 -10.50
C PHE A 41 -3.42 4.86 -9.08
N PHE A 42 -2.65 3.91 -8.56
CA PHE A 42 -2.10 4.05 -7.22
C PHE A 42 -1.11 5.20 -7.18
N HIS A 43 -0.23 5.25 -8.16
CA HIS A 43 0.79 6.30 -8.23
C HIS A 43 0.16 7.66 -8.47
N SER A 44 -0.84 7.73 -9.35
CA SER A 44 -1.50 9.00 -9.66
C SER A 44 -2.12 9.61 -8.41
N LEU A 45 -2.78 8.78 -7.61
CA LEU A 45 -3.41 9.26 -6.38
C LEU A 45 -2.35 9.86 -5.46
N SER A 46 -1.18 9.23 -5.42
CA SER A 46 -0.08 9.71 -4.60
C SER A 46 0.31 11.14 -4.94
N GLU A 47 0.10 11.54 -6.20
CA GLU A 47 0.43 12.89 -6.63
C GLU A 47 -0.71 13.87 -6.36
N LYS A 48 -1.91 13.34 -6.15
CA LYS A 48 -3.07 14.18 -5.86
C LYS A 48 -3.27 14.29 -4.35
N TYR A 49 -2.71 13.34 -3.62
CA TYR A 49 -2.80 13.31 -2.16
C TYR A 49 -1.53 13.86 -1.53
N SER A 50 -1.48 15.17 -1.29
CA SER A 50 -0.32 15.78 -0.68
C SER A 50 -0.40 15.72 0.85
N ASN A 51 -0.66 14.52 1.35
CA ASN A 51 -0.77 14.30 2.79
C ASN A 51 -0.43 12.86 3.16
N VAL A 52 -0.93 11.92 2.34
CA VAL A 52 -0.72 10.49 2.58
C VAL A 52 0.50 9.97 1.83
N ILE A 53 1.09 8.89 2.35
CA ILE A 53 2.26 8.30 1.73
C ILE A 53 1.90 7.02 0.98
N PHE A 54 2.06 7.07 -0.34
CA PHE A 54 1.78 5.93 -1.20
C PHE A 54 3.08 5.18 -1.49
N LEU A 55 3.19 3.94 -1.04
CA LEU A 55 4.40 3.19 -1.32
C LEU A 55 4.07 1.82 -1.91
N GLU A 56 5.08 1.16 -2.43
CA GLU A 56 4.89 -0.11 -3.08
C GLU A 56 5.65 -1.24 -2.43
N VAL A 57 4.93 -2.25 -1.98
CA VAL A 57 5.55 -3.41 -1.36
C VAL A 57 5.31 -4.65 -2.21
N ASP A 58 6.40 -5.23 -2.69
CA ASP A 58 6.32 -6.43 -3.50
C ASP A 58 6.58 -7.64 -2.63
N VAL A 59 5.60 -8.54 -2.54
CA VAL A 59 5.72 -9.72 -1.70
C VAL A 59 6.90 -10.59 -2.12
N ASP A 60 7.39 -10.41 -3.34
CA ASP A 60 8.52 -11.19 -3.81
C ASP A 60 9.76 -10.84 -2.99
N ASP A 61 9.89 -9.56 -2.66
CA ASP A 61 11.02 -9.08 -1.87
C ASP A 61 10.60 -8.92 -0.41
N ALA A 62 9.35 -8.52 -0.21
CA ALA A 62 8.80 -8.32 1.12
C ALA A 62 8.06 -9.57 1.61
N GLN A 63 8.70 -10.73 1.42
CA GLN A 63 8.11 -12.00 1.82
C GLN A 63 8.12 -12.16 3.34
N ASP A 64 8.83 -11.28 4.04
CA ASP A 64 8.91 -11.35 5.49
C ASP A 64 7.83 -10.47 6.14
N VAL A 65 7.35 -9.48 5.41
CA VAL A 65 6.31 -8.61 5.94
C VAL A 65 4.94 -9.27 5.86
N ALA A 66 4.60 -9.85 4.71
CA ALA A 66 3.29 -10.48 4.53
C ALA A 66 2.96 -11.46 5.65
N PRO A 67 3.78 -12.51 5.84
CA PRO A 67 3.58 -13.51 6.89
C PRO A 67 3.35 -12.86 8.25
N LYS A 68 3.94 -11.69 8.45
CA LYS A 68 3.80 -10.95 9.69
C LYS A 68 2.45 -10.24 9.76
N TYR A 69 1.86 -9.98 8.59
CA TYR A 69 0.57 -9.30 8.50
C TYR A 69 -0.56 -10.27 8.12
N GLY A 70 -0.19 -11.52 7.89
CA GLY A 70 -1.17 -12.54 7.54
C GLY A 70 -1.84 -12.29 6.20
N ILE A 71 -1.11 -11.73 5.24
CA ILE A 71 -1.67 -11.47 3.91
C ILE A 71 -1.71 -12.75 3.09
N ARG A 72 -2.85 -13.01 2.44
CA ARG A 72 -3.01 -14.22 1.63
C ARG A 72 -3.86 -13.94 0.39
N GLY A 73 -3.36 -13.09 -0.49
CA GLY A 73 -4.07 -12.76 -1.70
C GLY A 73 -3.43 -11.62 -2.46
N ILE A 74 -3.77 -11.47 -3.73
CA ILE A 74 -3.21 -10.40 -4.56
C ILE A 74 -4.23 -9.92 -5.59
N PRO A 75 -4.31 -8.59 -5.84
CA PRO A 75 -3.48 -7.58 -5.17
C PRO A 75 -4.10 -7.07 -3.87
N THR A 76 -3.36 -7.19 -2.77
CA THR A 76 -3.84 -6.72 -1.48
C THR A 76 -3.53 -5.25 -1.28
N LEU A 77 -4.52 -4.50 -0.80
CA LEU A 77 -4.34 -3.09 -0.52
C LEU A 77 -4.28 -2.91 0.99
N LEU A 78 -3.20 -2.33 1.47
CA LEU A 78 -3.02 -2.15 2.91
C LEU A 78 -2.99 -0.68 3.30
N LEU A 79 -3.70 -0.35 4.38
CA LEU A 79 -3.77 1.00 4.89
C LEU A 79 -3.15 1.05 6.28
N PHE A 80 -2.10 1.87 6.43
CA PHE A 80 -1.41 1.99 7.70
C PHE A 80 -1.64 3.36 8.33
N LYS A 81 -1.71 3.39 9.65
CA LYS A 81 -1.94 4.63 10.39
C LYS A 81 -1.18 4.58 11.71
N ASN A 82 -0.15 5.40 11.84
CA ASN A 82 0.65 5.42 13.06
C ASN A 82 1.30 4.06 13.28
N GLY A 83 1.89 3.52 12.22
CA GLY A 83 2.57 2.24 12.31
C GLY A 83 1.63 1.06 12.45
N GLU A 84 0.33 1.30 12.42
CA GLU A 84 -0.64 0.23 12.55
C GLU A 84 -1.60 0.18 11.36
N VAL A 85 -1.86 -1.03 10.88
CA VAL A 85 -2.77 -1.22 9.75
C VAL A 85 -4.20 -0.86 10.17
N ALA A 86 -4.79 0.15 9.53
CA ALA A 86 -6.13 0.58 9.87
C ALA A 86 -7.16 0.20 8.82
N ALA A 87 -6.75 -0.65 7.88
CA ALA A 87 -7.64 -1.11 6.81
C ALA A 87 -6.97 -2.20 5.98
N THR A 88 -7.77 -3.16 5.52
CA THR A 88 -7.26 -4.24 4.69
C THR A 88 -8.20 -4.51 3.52
N LYS A 89 -7.69 -4.37 2.31
CA LYS A 89 -8.50 -4.61 1.11
C LYS A 89 -7.85 -5.68 0.24
N VAL A 90 -8.66 -6.57 -0.31
CA VAL A 90 -8.17 -7.64 -1.15
C VAL A 90 -8.78 -7.60 -2.54
N GLY A 91 -8.00 -7.98 -3.55
CA GLY A 91 -8.49 -7.97 -4.91
C GLY A 91 -8.40 -6.60 -5.55
N ALA A 92 -8.43 -6.57 -6.87
CA ALA A 92 -8.34 -5.32 -7.61
C ALA A 92 -9.60 -4.47 -7.43
N LEU A 93 -9.42 -3.15 -7.37
CA LEU A 93 -10.52 -2.23 -7.19
C LEU A 93 -10.52 -1.18 -8.31
N SER A 94 -11.38 -0.17 -8.17
CA SER A 94 -11.46 0.89 -9.17
C SER A 94 -10.90 2.20 -8.62
N LYS A 95 -10.65 3.15 -9.52
CA LYS A 95 -10.10 4.45 -9.12
C LYS A 95 -11.00 5.13 -8.09
N GLY A 96 -12.31 4.98 -8.26
CA GLY A 96 -13.24 5.59 -7.34
C GLY A 96 -13.36 4.83 -6.03
N GLN A 97 -13.17 3.52 -6.09
CA GLN A 97 -13.26 2.71 -4.88
C GLN A 97 -12.00 2.87 -4.03
N LEU A 98 -10.87 3.08 -4.69
CA LEU A 98 -9.62 3.28 -3.98
C LEU A 98 -9.63 4.64 -3.30
N LYS A 99 -9.99 5.66 -4.07
CA LYS A 99 -10.06 7.02 -3.56
C LYS A 99 -11.08 7.13 -2.44
N GLU A 100 -12.24 6.51 -2.62
CA GLU A 100 -13.29 6.54 -1.60
C GLU A 100 -12.79 5.87 -0.32
N PHE A 101 -12.03 4.79 -0.48
CA PHE A 101 -11.46 4.08 0.67
C PHE A 101 -10.52 5.01 1.43
N LEU A 102 -9.76 5.80 0.69
CA LEU A 102 -8.82 6.74 1.30
C LEU A 102 -9.59 7.82 2.06
N ASP A 103 -10.44 8.56 1.35
CA ASP A 103 -11.25 9.61 1.97
C ASP A 103 -11.92 9.09 3.24
N ALA A 104 -12.31 7.82 3.21
CA ALA A 104 -12.97 7.19 4.35
C ALA A 104 -12.01 6.97 5.53
N ASN A 105 -10.71 6.88 5.24
CA ASN A 105 -9.72 6.67 6.29
C ASN A 105 -8.93 7.96 6.57
N LEU A 106 -8.45 8.60 5.51
CA LEU A 106 -7.70 9.85 5.63
C LEU A 106 -8.46 10.86 6.47
N VAL A 107 -8.00 11.08 7.70
CA VAL A 107 -8.64 12.02 8.61
C VAL A 107 -7.66 12.50 9.67
N MET A 1 6.18 11.23 -1.69
CA MET A 1 7.29 10.55 -2.41
C MET A 1 7.21 9.04 -2.24
N VAL A 2 6.66 8.36 -3.24
CA VAL A 2 6.52 6.91 -3.22
C VAL A 2 7.87 6.24 -3.19
N LYS A 3 7.95 5.11 -2.49
CA LYS A 3 9.19 4.36 -2.39
C LYS A 3 8.90 2.88 -2.29
N GLN A 4 9.46 2.12 -3.22
CA GLN A 4 9.24 0.69 -3.22
C GLN A 4 10.05 0.04 -2.10
N ILE A 5 9.41 -0.82 -1.34
CA ILE A 5 10.07 -1.49 -0.22
C ILE A 5 10.48 -2.92 -0.62
N GLU A 6 11.78 -3.10 -0.82
CA GLU A 6 12.34 -4.40 -1.21
C GLU A 6 12.88 -5.17 -0.01
N SER A 7 12.42 -4.83 1.19
CA SER A 7 12.88 -5.50 2.40
C SER A 7 11.86 -5.38 3.53
N LYS A 8 11.94 -6.27 4.50
CA LYS A 8 11.02 -6.24 5.64
C LYS A 8 11.36 -5.09 6.57
N THR A 9 12.64 -4.69 6.56
CA THR A 9 13.10 -3.58 7.39
C THR A 9 12.74 -2.24 6.76
N ALA A 10 12.73 -2.21 5.43
CA ALA A 10 12.41 -0.98 4.71
C ALA A 10 10.95 -0.59 4.94
N PHE A 11 10.07 -1.60 5.04
CA PHE A 11 8.66 -1.35 5.28
C PHE A 11 8.47 -0.58 6.58
N GLN A 12 9.22 -0.97 7.60
CA GLN A 12 9.17 -0.30 8.89
C GLN A 12 9.70 1.12 8.76
N GLU A 13 10.80 1.25 8.01
CA GLU A 13 11.43 2.56 7.80
C GLU A 13 10.47 3.55 7.13
N ALA A 14 9.82 3.11 6.07
CA ALA A 14 8.88 3.97 5.36
C ALA A 14 7.68 4.29 6.23
N LEU A 15 7.28 3.34 7.06
CA LEU A 15 6.15 3.53 7.96
C LEU A 15 6.48 4.63 8.96
N ASP A 16 7.72 4.61 9.44
CA ASP A 16 8.19 5.61 10.39
C ASP A 16 8.26 6.98 9.73
N ALA A 17 8.47 6.99 8.42
CA ALA A 17 8.59 8.24 7.68
C ALA A 17 7.30 9.05 7.75
N ALA A 18 6.16 8.41 7.48
CA ALA A 18 4.89 9.10 7.56
C ALA A 18 4.60 9.46 9.02
N GLY A 19 4.42 8.43 9.83
CA GLY A 19 4.14 8.63 11.24
C GLY A 19 2.67 8.91 11.51
N ASP A 20 2.26 10.17 11.42
CA ASP A 20 0.88 10.56 11.67
C ASP A 20 0.07 10.62 10.37
N LYS A 21 0.76 10.67 9.24
CA LYS A 21 0.09 10.71 7.95
C LYS A 21 -0.47 9.35 7.61
N LEU A 22 -1.46 9.31 6.74
CA LEU A 22 -2.08 8.05 6.34
C LEU A 22 -1.19 7.37 5.30
N VAL A 23 -0.96 6.08 5.47
CA VAL A 23 -0.12 5.33 4.55
C VAL A 23 -0.91 4.28 3.79
N VAL A 24 -1.08 4.52 2.50
CA VAL A 24 -1.81 3.59 1.65
C VAL A 24 -0.81 2.87 0.77
N VAL A 25 -0.71 1.56 0.97
CA VAL A 25 0.23 0.75 0.23
C VAL A 25 -0.45 -0.38 -0.52
N ASP A 26 0.28 -1.00 -1.44
CA ASP A 26 -0.26 -2.10 -2.23
C ASP A 26 0.68 -3.30 -2.26
N PHE A 27 0.14 -4.48 -2.01
CA PHE A 27 0.92 -5.71 -2.03
C PHE A 27 0.74 -6.40 -3.38
N SER A 28 1.80 -6.44 -4.18
CA SER A 28 1.72 -7.04 -5.51
C SER A 28 2.64 -8.25 -5.66
N ALA A 29 2.76 -8.72 -6.90
CA ALA A 29 3.61 -9.86 -7.22
C ALA A 29 4.09 -9.75 -8.67
N THR A 30 5.22 -10.39 -8.96
CA THR A 30 5.76 -10.39 -10.32
C THR A 30 4.92 -11.28 -11.22
N TRP A 31 4.42 -12.37 -10.64
CA TRP A 31 3.61 -13.35 -11.37
C TRP A 31 2.12 -12.95 -11.41
N CYS A 32 1.82 -11.73 -11.02
CA CYS A 32 0.44 -11.24 -11.02
C CYS A 32 0.13 -10.45 -12.29
N GLY A 33 -1.15 -10.36 -12.63
CA GLY A 33 -1.57 -9.62 -13.79
C GLY A 33 -2.37 -8.37 -13.43
N PRO A 34 -3.57 -8.53 -12.85
CA PRO A 34 -4.41 -7.39 -12.45
C PRO A 34 -3.71 -6.50 -11.43
N CYS A 35 -2.75 -7.06 -10.71
CA CYS A 35 -2.01 -6.31 -9.70
C CYS A 35 -1.31 -5.11 -10.32
N LYS A 36 -0.68 -5.33 -11.46
CA LYS A 36 0.04 -4.26 -12.15
C LYS A 36 -0.92 -3.16 -12.63
N MET A 37 -2.17 -3.53 -12.87
CA MET A 37 -3.16 -2.57 -13.36
C MET A 37 -3.49 -1.49 -12.33
N ILE A 38 -3.16 -1.74 -11.05
CA ILE A 38 -3.44 -0.76 -10.00
C ILE A 38 -2.30 0.27 -9.89
N LYS A 39 -1.13 -0.10 -10.38
CA LYS A 39 0.05 0.78 -10.33
C LYS A 39 -0.23 2.17 -10.90
N PRO A 40 -0.65 2.26 -12.18
CA PRO A 40 -0.91 3.55 -12.83
C PRO A 40 -1.83 4.44 -12.01
N PHE A 41 -2.92 3.87 -11.48
CA PHE A 41 -3.88 4.64 -10.69
C PHE A 41 -3.39 4.89 -9.28
N PHE A 42 -2.62 3.95 -8.73
CA PHE A 42 -2.10 4.09 -7.37
C PHE A 42 -1.11 5.25 -7.30
N HIS A 43 -0.22 5.31 -8.27
CA HIS A 43 0.80 6.35 -8.32
C HIS A 43 0.18 7.73 -8.56
N SER A 44 -0.85 7.78 -9.41
CA SER A 44 -1.53 9.04 -9.71
C SER A 44 -2.10 9.67 -8.45
N LEU A 45 -2.71 8.83 -7.62
CA LEU A 45 -3.31 9.32 -6.38
C LEU A 45 -2.25 9.94 -5.47
N SER A 46 -1.09 9.29 -5.39
CA SER A 46 0.02 9.78 -4.58
C SER A 46 0.39 11.21 -4.96
N GLU A 47 0.11 11.60 -6.21
CA GLU A 47 0.43 12.94 -6.68
C GLU A 47 -0.69 13.93 -6.36
N LYS A 48 -1.90 13.41 -6.17
CA LYS A 48 -3.04 14.25 -5.84
C LYS A 48 -3.23 14.31 -4.33
N TYR A 49 -2.65 13.34 -3.64
CA TYR A 49 -2.73 13.27 -2.18
C TYR A 49 -1.45 13.80 -1.53
N SER A 50 -1.42 15.11 -1.29
CA SER A 50 -0.26 15.73 -0.67
C SER A 50 -0.38 15.68 0.86
N ASN A 51 -0.64 14.47 1.38
CA ASN A 51 -0.78 14.26 2.81
C ASN A 51 -0.43 12.83 3.19
N VAL A 52 -0.91 11.89 2.37
CA VAL A 52 -0.69 10.46 2.60
C VAL A 52 0.53 9.97 1.85
N ILE A 53 1.13 8.90 2.37
CA ILE A 53 2.32 8.32 1.74
C ILE A 53 1.96 7.04 0.98
N PHE A 54 2.12 7.10 -0.34
CA PHE A 54 1.82 5.97 -1.21
C PHE A 54 3.12 5.21 -1.52
N LEU A 55 3.22 3.94 -1.13
CA LEU A 55 4.43 3.18 -1.42
C LEU A 55 4.12 1.82 -2.03
N GLU A 56 5.14 1.21 -2.60
CA GLU A 56 5.00 -0.06 -3.29
C GLU A 56 5.71 -1.20 -2.60
N VAL A 57 4.95 -2.19 -2.13
CA VAL A 57 5.55 -3.34 -1.49
C VAL A 57 5.31 -4.61 -2.31
N ASP A 58 6.40 -5.19 -2.79
CA ASP A 58 6.33 -6.41 -3.58
C ASP A 58 6.63 -7.62 -2.69
N VAL A 59 5.67 -8.53 -2.59
CA VAL A 59 5.81 -9.70 -1.75
C VAL A 59 6.99 -10.58 -2.18
N ASP A 60 7.43 -10.41 -3.42
CA ASP A 60 8.56 -11.18 -3.93
C ASP A 60 9.80 -10.86 -3.10
N ASP A 61 9.96 -9.58 -2.78
CA ASP A 61 11.09 -9.12 -1.99
C ASP A 61 10.66 -8.92 -0.54
N ALA A 62 9.42 -8.50 -0.35
CA ALA A 62 8.87 -8.28 0.98
C ALA A 62 8.13 -9.52 1.48
N GLN A 63 8.73 -10.68 1.27
CA GLN A 63 8.13 -11.94 1.68
C GLN A 63 8.17 -12.11 3.19
N ASP A 64 8.88 -11.23 3.88
CA ASP A 64 8.99 -11.30 5.34
C ASP A 64 7.97 -10.39 6.01
N VAL A 65 7.48 -9.38 5.27
CA VAL A 65 6.49 -8.47 5.83
C VAL A 65 5.10 -9.10 5.79
N ALA A 66 4.73 -9.67 4.65
CA ALA A 66 3.42 -10.29 4.48
C ALA A 66 3.10 -11.27 5.61
N PRO A 67 3.94 -12.29 5.81
CA PRO A 67 3.73 -13.29 6.87
C PRO A 67 3.50 -12.63 8.22
N LYS A 68 4.07 -11.45 8.40
CA LYS A 68 3.91 -10.70 9.62
C LYS A 68 2.50 -10.11 9.72
N TYR A 69 1.88 -9.88 8.56
CA TYR A 69 0.54 -9.32 8.49
C TYR A 69 -0.50 -10.37 8.07
N GLY A 70 -0.02 -11.55 7.72
CA GLY A 70 -0.90 -12.64 7.31
C GLY A 70 -1.65 -12.39 6.00
N ILE A 71 -1.01 -11.74 5.05
CA ILE A 71 -1.63 -11.47 3.75
C ILE A 71 -1.68 -12.74 2.91
N ARG A 72 -2.83 -12.97 2.26
CA ARG A 72 -3.00 -14.16 1.42
C ARG A 72 -4.00 -13.91 0.30
N GLY A 73 -3.74 -12.87 -0.48
CA GLY A 73 -4.63 -12.53 -1.59
C GLY A 73 -4.25 -11.22 -2.25
N ILE A 74 -3.60 -11.31 -3.40
CA ILE A 74 -3.18 -10.12 -4.13
C ILE A 74 -4.10 -9.86 -5.32
N PRO A 75 -4.22 -8.59 -5.77
CA PRO A 75 -3.50 -7.45 -5.19
C PRO A 75 -4.11 -6.94 -3.90
N THR A 76 -3.38 -7.09 -2.79
CA THR A 76 -3.87 -6.62 -1.50
C THR A 76 -3.53 -5.14 -1.28
N LEU A 77 -4.49 -4.39 -0.76
CA LEU A 77 -4.28 -2.99 -0.47
C LEU A 77 -4.20 -2.84 1.05
N LEU A 78 -3.10 -2.27 1.52
CA LEU A 78 -2.90 -2.10 2.95
C LEU A 78 -2.84 -0.64 3.36
N LEU A 79 -3.52 -0.32 4.46
CA LEU A 79 -3.56 1.03 4.98
C LEU A 79 -2.90 1.07 6.36
N PHE A 80 -1.89 1.91 6.52
CA PHE A 80 -1.19 2.02 7.79
C PHE A 80 -1.41 3.38 8.41
N LYS A 81 -1.48 3.41 9.75
CA LYS A 81 -1.69 4.64 10.49
C LYS A 81 -0.95 4.58 11.82
N ASN A 82 0.09 5.39 11.96
CA ASN A 82 0.87 5.42 13.19
C ASN A 82 1.52 4.05 13.43
N GLY A 83 2.11 3.49 12.38
CA GLY A 83 2.77 2.20 12.51
C GLY A 83 1.82 1.03 12.67
N GLU A 84 0.51 1.30 12.61
CA GLU A 84 -0.49 0.25 12.78
C GLU A 84 -1.45 0.19 11.59
N VAL A 85 -1.79 -1.03 11.18
CA VAL A 85 -2.72 -1.23 10.08
C VAL A 85 -4.14 -0.82 10.46
N ALA A 86 -4.71 0.14 9.74
CA ALA A 86 -6.06 0.62 10.05
C ALA A 86 -7.07 0.30 8.94
N ALA A 87 -6.64 -0.50 7.97
CA ALA A 87 -7.49 -0.89 6.86
C ALA A 87 -6.80 -1.93 5.98
N THR A 88 -7.54 -2.96 5.58
CA THR A 88 -6.97 -4.00 4.72
C THR A 88 -7.95 -4.37 3.61
N LYS A 89 -7.49 -4.29 2.37
CA LYS A 89 -8.32 -4.61 1.23
C LYS A 89 -7.67 -5.68 0.35
N VAL A 90 -8.50 -6.53 -0.24
CA VAL A 90 -8.03 -7.61 -1.09
C VAL A 90 -8.60 -7.48 -2.51
N GLY A 91 -7.81 -7.88 -3.49
CA GLY A 91 -8.25 -7.80 -4.88
C GLY A 91 -8.20 -6.39 -5.44
N ALA A 92 -8.20 -6.31 -6.77
CA ALA A 92 -8.13 -5.03 -7.47
C ALA A 92 -9.37 -4.18 -7.20
N LEU A 93 -9.35 -2.95 -7.73
CA LEU A 93 -10.46 -2.03 -7.55
C LEU A 93 -10.30 -0.81 -8.45
N SER A 94 -11.42 -0.19 -8.81
CA SER A 94 -11.39 0.99 -9.66
C SER A 94 -10.73 2.16 -8.96
N LYS A 95 -10.62 3.29 -9.67
CA LYS A 95 -10.00 4.49 -9.11
C LYS A 95 -10.91 5.14 -8.08
N GLY A 96 -12.21 4.96 -8.24
CA GLY A 96 -13.16 5.55 -7.32
C GLY A 96 -13.26 4.81 -6.00
N GLN A 97 -13.07 3.49 -6.05
CA GLN A 97 -13.13 2.69 -4.82
C GLN A 97 -11.86 2.85 -4.01
N LEU A 98 -10.74 3.06 -4.69
CA LEU A 98 -9.48 3.25 -4.00
C LEU A 98 -9.48 4.61 -3.30
N LYS A 99 -9.82 5.65 -4.06
CA LYS A 99 -9.87 7.01 -3.52
C LYS A 99 -10.93 7.13 -2.43
N GLU A 100 -12.11 6.54 -2.67
CA GLU A 100 -13.19 6.58 -1.69
C GLU A 100 -12.77 5.89 -0.40
N PHE A 101 -12.11 4.74 -0.53
CA PHE A 101 -11.63 3.99 0.63
C PHE A 101 -10.61 4.82 1.40
N LEU A 102 -9.77 5.53 0.64
CA LEU A 102 -8.75 6.38 1.24
C LEU A 102 -9.40 7.53 2.01
N ASP A 103 -10.17 8.34 1.30
CA ASP A 103 -10.85 9.48 1.92
C ASP A 103 -11.60 9.03 3.19
N ALA A 104 -12.07 7.80 3.18
CA ALA A 104 -12.79 7.24 4.33
C ALA A 104 -11.86 6.97 5.51
N ASN A 105 -10.58 6.75 5.23
CA ASN A 105 -9.61 6.47 6.28
C ASN A 105 -8.68 7.67 6.53
N LEU A 106 -8.50 8.49 5.49
CA LEU A 106 -7.64 9.66 5.59
C LEU A 106 -8.32 10.75 6.44
N VAL A 107 -9.64 10.87 6.28
CA VAL A 107 -10.43 11.83 7.02
C VAL A 107 -9.74 13.20 7.10
N MET A 1 5.97 11.25 -1.98
CA MET A 1 7.05 10.49 -2.68
C MET A 1 6.94 9.00 -2.41
N VAL A 2 6.54 8.25 -3.43
CA VAL A 2 6.40 6.80 -3.31
C VAL A 2 7.77 6.14 -3.19
N LYS A 3 7.84 5.06 -2.41
CA LYS A 3 9.09 4.35 -2.22
C LYS A 3 8.85 2.85 -2.14
N GLN A 4 9.46 2.12 -3.06
CA GLN A 4 9.32 0.67 -3.10
C GLN A 4 10.12 0.03 -1.96
N ILE A 5 9.46 -0.83 -1.20
CA ILE A 5 10.10 -1.52 -0.09
C ILE A 5 10.47 -2.95 -0.48
N GLU A 6 11.77 -3.19 -0.66
CA GLU A 6 12.27 -4.51 -1.04
C GLU A 6 12.79 -5.31 0.16
N SER A 7 12.36 -4.92 1.36
CA SER A 7 12.80 -5.61 2.56
C SER A 7 11.79 -5.46 3.69
N LYS A 8 11.87 -6.34 4.68
CA LYS A 8 10.97 -6.29 5.82
C LYS A 8 11.32 -5.12 6.74
N THR A 9 12.59 -4.73 6.72
CA THR A 9 13.06 -3.62 7.54
C THR A 9 12.70 -2.28 6.91
N ALA A 10 12.66 -2.26 5.59
CA ALA A 10 12.34 -1.05 4.85
C ALA A 10 10.90 -0.62 5.12
N PHE A 11 10.00 -1.59 5.18
CA PHE A 11 8.59 -1.29 5.45
C PHE A 11 8.46 -0.53 6.76
N GLN A 12 9.22 -0.99 7.76
CA GLN A 12 9.22 -0.35 9.07
C GLN A 12 9.82 1.05 8.96
N GLU A 13 10.95 1.13 8.25
CA GLU A 13 11.67 2.39 8.07
C GLU A 13 10.80 3.41 7.34
N ALA A 14 10.12 2.97 6.27
CA ALA A 14 9.26 3.85 5.52
C ALA A 14 8.09 4.33 6.35
N LEU A 15 7.62 3.46 7.24
CA LEU A 15 6.51 3.79 8.13
C LEU A 15 6.92 4.86 9.14
N ASP A 16 8.17 4.78 9.58
CA ASP A 16 8.70 5.75 10.53
C ASP A 16 8.66 7.16 9.95
N ALA A 17 8.90 7.24 8.65
CA ALA A 17 8.88 8.53 7.95
C ALA A 17 7.44 8.99 7.72
N ALA A 18 6.50 8.04 7.73
CA ALA A 18 5.10 8.36 7.52
C ALA A 18 4.52 9.16 8.68
N GLY A 19 5.01 8.90 9.90
CA GLY A 19 4.53 9.63 11.05
C GLY A 19 3.04 9.52 11.24
N ASP A 20 2.36 10.66 11.32
CA ASP A 20 0.92 10.69 11.51
C ASP A 20 0.20 10.73 10.17
N LYS A 21 0.95 10.62 9.08
CA LYS A 21 0.35 10.62 7.75
C LYS A 21 -0.25 9.26 7.46
N LEU A 22 -1.28 9.24 6.66
CA LEU A 22 -1.93 7.98 6.30
C LEU A 22 -1.10 7.28 5.24
N VAL A 23 -0.87 5.99 5.41
CA VAL A 23 -0.07 5.24 4.47
C VAL A 23 -0.88 4.19 3.73
N VAL A 24 -1.10 4.44 2.45
CA VAL A 24 -1.82 3.51 1.61
C VAL A 24 -0.82 2.75 0.77
N VAL A 25 -0.72 1.45 1.02
CA VAL A 25 0.24 0.62 0.30
C VAL A 25 -0.44 -0.52 -0.45
N ASP A 26 0.30 -1.14 -1.35
CA ASP A 26 -0.23 -2.23 -2.15
C ASP A 26 0.73 -3.42 -2.21
N PHE A 27 0.20 -4.62 -2.00
CA PHE A 27 0.99 -5.84 -2.08
C PHE A 27 0.80 -6.46 -3.45
N SER A 28 1.84 -6.43 -4.28
CA SER A 28 1.76 -6.96 -5.63
C SER A 28 2.77 -8.06 -5.89
N ALA A 29 2.94 -8.41 -7.17
CA ALA A 29 3.88 -9.45 -7.58
C ALA A 29 4.38 -9.17 -8.99
N THR A 30 5.59 -9.62 -9.31
CA THR A 30 6.13 -9.45 -10.65
C THR A 30 5.37 -10.32 -11.63
N TRP A 31 5.00 -11.50 -11.16
CA TRP A 31 4.27 -12.50 -11.96
C TRP A 31 2.76 -12.28 -11.88
N CYS A 32 2.33 -11.14 -11.33
CA CYS A 32 0.91 -10.86 -11.20
C CYS A 32 0.37 -10.05 -12.39
N GLY A 33 -0.93 -10.18 -12.62
CA GLY A 33 -1.57 -9.45 -13.71
C GLY A 33 -2.39 -8.27 -13.21
N PRO A 34 -3.58 -8.51 -12.63
CA PRO A 34 -4.43 -7.45 -12.12
C PRO A 34 -3.70 -6.51 -11.15
N CYS A 35 -2.63 -7.02 -10.53
CA CYS A 35 -1.85 -6.22 -9.60
C CYS A 35 -1.27 -5.00 -10.31
N LYS A 36 -0.77 -5.22 -11.53
CA LYS A 36 -0.19 -4.15 -12.33
C LYS A 36 -1.27 -3.16 -12.79
N MET A 37 -2.53 -3.56 -12.68
CA MET A 37 -3.65 -2.71 -13.09
C MET A 37 -3.86 -1.57 -12.10
N ILE A 38 -3.49 -1.79 -10.84
CA ILE A 38 -3.65 -0.77 -9.80
C ILE A 38 -2.49 0.20 -9.78
N LYS A 39 -1.34 -0.26 -10.28
CA LYS A 39 -0.14 0.57 -10.30
C LYS A 39 -0.40 1.96 -10.90
N PRO A 40 -0.97 2.03 -12.11
CA PRO A 40 -1.27 3.31 -12.78
C PRO A 40 -2.06 4.27 -11.90
N PHE A 41 -3.13 3.78 -11.28
CA PHE A 41 -3.99 4.62 -10.46
C PHE A 41 -3.43 4.85 -9.06
N PHE A 42 -2.64 3.92 -8.57
CA PHE A 42 -2.05 4.06 -7.25
C PHE A 42 -1.07 5.22 -7.25
N HIS A 43 -0.23 5.28 -8.27
CA HIS A 43 0.78 6.33 -8.39
C HIS A 43 0.15 7.70 -8.65
N SER A 44 -0.92 7.75 -9.45
CA SER A 44 -1.58 9.01 -9.74
C SER A 44 -2.14 9.64 -8.47
N LEU A 45 -2.77 8.81 -7.65
CA LEU A 45 -3.36 9.28 -6.39
C LEU A 45 -2.28 9.88 -5.51
N SER A 46 -1.13 9.22 -5.46
CA SER A 46 0.00 9.69 -4.66
C SER A 46 0.38 11.12 -5.02
N GLU A 47 0.08 11.52 -6.26
CA GLU A 47 0.42 12.87 -6.73
C GLU A 47 -0.70 13.85 -6.42
N LYS A 48 -1.91 13.34 -6.20
CA LYS A 48 -3.05 14.20 -5.88
C LYS A 48 -3.25 14.27 -4.37
N TYR A 49 -2.69 13.28 -3.68
CA TYR A 49 -2.78 13.22 -2.22
C TYR A 49 -1.52 13.76 -1.57
N SER A 50 -1.53 15.05 -1.25
CA SER A 50 -0.38 15.70 -0.62
C SER A 50 -0.50 15.63 0.90
N ASN A 51 -0.78 14.44 1.41
CA ASN A 51 -0.92 14.22 2.85
C ASN A 51 -0.56 12.79 3.21
N VAL A 52 -1.00 11.85 2.37
CA VAL A 52 -0.75 10.43 2.59
C VAL A 52 0.48 9.95 1.83
N ILE A 53 1.07 8.87 2.31
CA ILE A 53 2.25 8.31 1.67
C ILE A 53 1.91 7.02 0.94
N PHE A 54 2.04 7.05 -0.38
CA PHE A 54 1.75 5.91 -1.23
C PHE A 54 3.04 5.15 -1.51
N LEU A 55 3.15 3.91 -1.04
CA LEU A 55 4.36 3.15 -1.31
C LEU A 55 4.06 1.79 -1.89
N GLU A 56 5.08 1.14 -2.42
CA GLU A 56 4.90 -0.14 -3.08
C GLU A 56 5.67 -1.27 -2.41
N VAL A 57 4.94 -2.28 -1.97
CA VAL A 57 5.57 -3.44 -1.35
C VAL A 57 5.35 -4.69 -2.19
N ASP A 58 6.44 -5.26 -2.67
CA ASP A 58 6.37 -6.47 -3.48
C ASP A 58 6.66 -7.67 -2.61
N VAL A 59 5.71 -8.59 -2.53
CA VAL A 59 5.87 -9.77 -1.68
C VAL A 59 7.04 -10.63 -2.13
N ASP A 60 7.51 -10.44 -3.35
CA ASP A 60 8.64 -11.21 -3.84
C ASP A 60 9.90 -10.82 -3.06
N ASP A 61 10.00 -9.54 -2.75
CA ASP A 61 11.13 -9.02 -1.98
C ASP A 61 10.76 -8.88 -0.52
N ALA A 62 9.52 -8.48 -0.27
CA ALA A 62 9.01 -8.32 1.09
C ALA A 62 8.24 -9.57 1.51
N GLN A 63 8.81 -10.72 1.22
CA GLN A 63 8.19 -12.00 1.55
C GLN A 63 8.16 -12.23 3.06
N ASP A 64 8.85 -11.39 3.81
CA ASP A 64 8.89 -11.53 5.27
C ASP A 64 7.84 -10.65 5.94
N VAL A 65 7.39 -9.59 5.26
CA VAL A 65 6.38 -8.71 5.84
C VAL A 65 5.00 -9.33 5.72
N ALA A 66 4.66 -9.83 4.53
CA ALA A 66 3.35 -10.43 4.29
C ALA A 66 3.00 -11.46 5.36
N PRO A 67 3.84 -12.49 5.54
CA PRO A 67 3.62 -13.53 6.55
C PRO A 67 3.35 -12.93 7.92
N LYS A 68 3.91 -11.74 8.15
CA LYS A 68 3.73 -11.04 9.41
C LYS A 68 2.33 -10.40 9.49
N TYR A 69 1.71 -10.18 8.31
CA TYR A 69 0.38 -9.57 8.23
C TYR A 69 -0.69 -10.55 7.73
N GLY A 70 -0.25 -11.74 7.34
CA GLY A 70 -1.17 -12.76 6.86
C GLY A 70 -1.89 -12.35 5.57
N ILE A 71 -1.17 -11.71 4.66
CA ILE A 71 -1.74 -11.30 3.38
C ILE A 71 -1.81 -12.48 2.40
N ARG A 72 -2.83 -13.31 2.56
CA ARG A 72 -2.98 -14.49 1.69
C ARG A 72 -3.74 -14.15 0.41
N GLY A 73 -3.01 -13.61 -0.57
CA GLY A 73 -3.60 -13.25 -1.84
C GLY A 73 -3.19 -11.88 -2.34
N ILE A 74 -3.40 -11.64 -3.63
CA ILE A 74 -3.07 -10.36 -4.26
C ILE A 74 -4.08 -10.04 -5.36
N PRO A 75 -4.25 -8.75 -5.73
CA PRO A 75 -3.50 -7.61 -5.14
C PRO A 75 -4.12 -7.10 -3.85
N THR A 76 -3.37 -7.18 -2.76
CA THR A 76 -3.85 -6.72 -1.46
C THR A 76 -3.52 -5.24 -1.23
N LEU A 77 -4.49 -4.49 -0.71
CA LEU A 77 -4.29 -3.09 -0.41
C LEU A 77 -4.24 -2.92 1.11
N LEU A 78 -3.14 -2.35 1.59
CA LEU A 78 -2.97 -2.17 3.04
C LEU A 78 -2.93 -0.70 3.40
N LEU A 79 -3.68 -0.34 4.44
CA LEU A 79 -3.72 1.03 4.92
C LEU A 79 -3.12 1.09 6.32
N PHE A 80 -2.09 1.91 6.48
CA PHE A 80 -1.42 2.04 7.76
C PHE A 80 -1.62 3.43 8.36
N LYS A 81 -1.69 3.48 9.68
CA LYS A 81 -1.89 4.72 10.41
C LYS A 81 -1.16 4.67 11.75
N ASN A 82 -0.18 5.55 11.93
CA ASN A 82 0.59 5.56 13.18
C ASN A 82 1.24 4.20 13.41
N GLY A 83 1.85 3.64 12.37
CA GLY A 83 2.52 2.36 12.49
C GLY A 83 1.57 1.18 12.63
N GLU A 84 0.26 1.42 12.59
CA GLU A 84 -0.71 0.35 12.75
C GLU A 84 -1.69 0.30 11.57
N VAL A 85 -2.01 -0.91 11.13
CA VAL A 85 -2.94 -1.11 10.02
C VAL A 85 -4.36 -0.68 10.40
N ALA A 86 -4.90 0.32 9.72
CA ALA A 86 -6.24 0.81 10.03
C ALA A 86 -7.23 0.48 8.90
N ALA A 87 -6.79 -0.35 7.97
CA ALA A 87 -7.63 -0.75 6.84
C ALA A 87 -6.93 -1.79 5.96
N THR A 88 -7.68 -2.81 5.55
CA THR A 88 -7.13 -3.86 4.70
C THR A 88 -8.11 -4.22 3.59
N LYS A 89 -7.65 -4.14 2.34
CA LYS A 89 -8.50 -4.44 1.19
C LYS A 89 -7.87 -5.55 0.34
N VAL A 90 -8.71 -6.42 -0.20
CA VAL A 90 -8.25 -7.53 -1.04
C VAL A 90 -8.84 -7.46 -2.44
N GLY A 91 -8.06 -7.90 -3.44
CA GLY A 91 -8.54 -7.87 -4.80
C GLY A 91 -8.41 -6.50 -5.45
N ALA A 92 -8.42 -6.50 -6.77
CA ALA A 92 -8.29 -5.26 -7.54
C ALA A 92 -9.54 -4.41 -7.44
N LEU A 93 -9.36 -3.13 -7.09
CA LEU A 93 -10.47 -2.20 -6.97
C LEU A 93 -10.32 -1.05 -7.96
N SER A 94 -11.45 -0.50 -8.39
CA SER A 94 -11.45 0.60 -9.34
C SER A 94 -10.79 1.84 -8.73
N LYS A 95 -10.72 2.91 -9.50
CA LYS A 95 -10.12 4.15 -9.04
C LYS A 95 -11.02 4.86 -8.03
N GLY A 96 -12.34 4.70 -8.20
CA GLY A 96 -13.26 5.34 -7.29
C GLY A 96 -13.37 4.63 -5.96
N GLN A 97 -13.17 3.31 -5.98
CA GLN A 97 -13.25 2.53 -4.75
C GLN A 97 -11.99 2.71 -3.92
N LEU A 98 -10.86 2.93 -4.59
CA LEU A 98 -9.60 3.14 -3.90
C LEU A 98 -9.60 4.52 -3.25
N LYS A 99 -9.95 5.53 -4.05
CA LYS A 99 -10.01 6.90 -3.57
C LYS A 99 -11.04 7.06 -2.44
N GLU A 100 -12.21 6.46 -2.63
CA GLU A 100 -13.27 6.55 -1.63
C GLU A 100 -12.80 5.94 -0.30
N PHE A 101 -12.15 4.80 -0.36
CA PHE A 101 -11.63 4.12 0.82
C PHE A 101 -10.59 4.99 1.54
N LEU A 102 -9.72 5.61 0.75
CA LEU A 102 -8.68 6.47 1.31
C LEU A 102 -9.30 7.69 1.96
N ASP A 103 -10.06 8.45 1.18
CA ASP A 103 -10.72 9.65 1.69
C ASP A 103 -11.47 9.34 2.98
N ALA A 104 -12.01 8.14 3.07
CA ALA A 104 -12.75 7.71 4.25
C ALA A 104 -11.83 7.43 5.45
N ASN A 105 -10.56 7.15 5.17
CA ASN A 105 -9.60 6.85 6.22
C ASN A 105 -8.60 7.99 6.43
N LEU A 106 -8.40 8.80 5.40
CA LEU A 106 -7.47 9.93 5.47
C LEU A 106 -8.07 11.08 6.29
N VAL A 107 -8.93 11.88 5.66
CA VAL A 107 -9.59 13.00 6.33
C VAL A 107 -8.65 13.73 7.31
N MET A 1 5.83 11.39 -2.38
CA MET A 1 6.74 10.45 -3.09
C MET A 1 6.43 9.00 -2.75
N VAL A 2 6.81 8.10 -3.65
CA VAL A 2 6.59 6.67 -3.46
C VAL A 2 7.93 5.98 -3.24
N LYS A 3 7.94 4.87 -2.50
CA LYS A 3 9.18 4.18 -2.26
C LYS A 3 8.97 2.69 -2.23
N GLN A 4 9.70 2.02 -3.11
CA GLN A 4 9.63 0.58 -3.23
C GLN A 4 10.42 -0.08 -2.08
N ILE A 5 9.76 -0.93 -1.31
CA ILE A 5 10.42 -1.62 -0.19
C ILE A 5 10.74 -3.06 -0.57
N GLU A 6 12.02 -3.34 -0.71
CA GLU A 6 12.46 -4.68 -1.06
C GLU A 6 12.91 -5.46 0.17
N SER A 7 12.51 -5.01 1.35
CA SER A 7 12.90 -5.68 2.59
C SER A 7 11.90 -5.42 3.71
N LYS A 8 11.98 -6.24 4.77
CA LYS A 8 11.08 -6.10 5.91
C LYS A 8 11.52 -4.95 6.80
N THR A 9 12.80 -4.61 6.74
CA THR A 9 13.33 -3.51 7.54
C THR A 9 13.00 -2.18 6.88
N ALA A 10 12.96 -2.20 5.55
CA ALA A 10 12.65 -1.00 4.78
C ALA A 10 11.20 -0.57 5.02
N PHE A 11 10.31 -1.55 5.14
CA PHE A 11 8.89 -1.28 5.37
C PHE A 11 8.71 -0.46 6.65
N GLN A 12 9.39 -0.88 7.70
CA GLN A 12 9.32 -0.18 8.98
C GLN A 12 9.93 1.21 8.83
N GLU A 13 11.03 1.28 8.10
CA GLU A 13 11.73 2.55 7.87
C GLU A 13 10.80 3.57 7.21
N ALA A 14 10.13 3.13 6.15
CA ALA A 14 9.21 4.00 5.42
C ALA A 14 8.02 4.37 6.27
N LEU A 15 7.55 3.42 7.09
CA LEU A 15 6.40 3.68 7.94
C LEU A 15 6.73 4.75 8.96
N ASP A 16 7.95 4.72 9.46
CA ASP A 16 8.41 5.71 10.44
C ASP A 16 8.48 7.10 9.80
N ALA A 17 8.69 7.12 8.50
CA ALA A 17 8.81 8.38 7.77
C ALA A 17 7.48 9.13 7.78
N ALA A 18 6.38 8.44 7.51
CA ALA A 18 5.08 9.12 7.52
C ALA A 18 4.75 9.62 8.92
N GLY A 19 4.56 8.67 9.84
CA GLY A 19 4.23 9.02 11.22
C GLY A 19 2.72 9.20 11.44
N ASP A 20 2.23 10.42 11.32
CA ASP A 20 0.81 10.70 11.52
C ASP A 20 0.05 10.71 10.20
N LYS A 21 0.77 10.69 9.09
CA LYS A 21 0.15 10.68 7.77
C LYS A 21 -0.41 9.30 7.48
N LEU A 22 -1.47 9.25 6.67
CA LEU A 22 -2.07 7.97 6.33
C LEU A 22 -1.22 7.26 5.29
N VAL A 23 -0.89 6.00 5.57
CA VAL A 23 -0.07 5.22 4.66
C VAL A 23 -0.89 4.15 3.94
N VAL A 24 -1.07 4.37 2.65
CA VAL A 24 -1.80 3.44 1.80
C VAL A 24 -0.79 2.68 0.95
N VAL A 25 -0.70 1.38 1.15
CA VAL A 25 0.27 0.58 0.41
C VAL A 25 -0.40 -0.56 -0.36
N ASP A 26 0.34 -1.13 -1.31
CA ASP A 26 -0.19 -2.21 -2.13
C ASP A 26 0.75 -3.42 -2.14
N PHE A 27 0.16 -4.61 -1.95
CA PHE A 27 0.91 -5.85 -1.96
C PHE A 27 0.76 -6.51 -3.33
N SER A 28 1.81 -6.46 -4.12
CA SER A 28 1.76 -7.02 -5.46
C SER A 28 2.79 -8.13 -5.69
N ALA A 29 2.84 -8.58 -6.94
CA ALA A 29 3.76 -9.64 -7.34
C ALA A 29 4.20 -9.42 -8.78
N THR A 30 5.38 -9.96 -9.12
CA THR A 30 5.91 -9.83 -10.46
C THR A 30 5.08 -10.64 -11.43
N TRP A 31 4.64 -11.81 -10.97
CA TRP A 31 3.84 -12.72 -11.79
C TRP A 31 2.36 -12.39 -11.69
N CYS A 32 2.05 -11.21 -11.16
CA CYS A 32 0.65 -10.78 -11.04
C CYS A 32 0.29 -9.84 -12.18
N GLY A 33 -0.93 -9.98 -12.70
CA GLY A 33 -1.38 -9.14 -13.78
C GLY A 33 -2.19 -7.95 -13.29
N PRO A 34 -3.40 -8.20 -12.74
CA PRO A 34 -4.26 -7.13 -12.23
C PRO A 34 -3.53 -6.20 -11.26
N CYS A 35 -2.50 -6.73 -10.61
CA CYS A 35 -1.72 -5.94 -9.66
C CYS A 35 -1.08 -4.75 -10.37
N LYS A 36 -0.52 -5.00 -11.54
CA LYS A 36 0.13 -3.97 -12.33
C LYS A 36 -0.88 -2.92 -12.80
N MET A 37 -2.13 -3.35 -12.97
CA MET A 37 -3.19 -2.46 -13.44
C MET A 37 -3.54 -1.41 -12.39
N ILE A 38 -3.21 -1.69 -11.13
CA ILE A 38 -3.49 -0.75 -10.04
C ILE A 38 -2.36 0.27 -9.89
N LYS A 39 -1.17 -0.10 -10.34
CA LYS A 39 0.00 0.78 -10.24
C LYS A 39 -0.33 2.16 -10.81
N PRO A 40 -0.79 2.22 -12.07
CA PRO A 40 -1.14 3.48 -12.73
C PRO A 40 -2.01 4.38 -11.85
N PHE A 41 -3.06 3.81 -11.28
CA PHE A 41 -3.99 4.57 -10.44
C PHE A 41 -3.40 4.81 -9.05
N PHE A 42 -2.56 3.90 -8.59
CA PHE A 42 -1.95 4.05 -7.28
C PHE A 42 -0.98 5.23 -7.27
N HIS A 43 -0.13 5.27 -8.29
CA HIS A 43 0.86 6.34 -8.41
C HIS A 43 0.20 7.68 -8.67
N SER A 44 -0.82 7.71 -9.53
CA SER A 44 -1.51 8.96 -9.85
C SER A 44 -2.11 9.57 -8.60
N LEU A 45 -2.75 8.75 -7.78
CA LEU A 45 -3.37 9.24 -6.55
C LEU A 45 -2.31 9.86 -5.65
N SER A 46 -1.14 9.23 -5.60
CA SER A 46 -0.02 9.72 -4.80
C SER A 46 0.30 11.17 -5.15
N GLU A 47 0.01 11.57 -6.39
CA GLU A 47 0.27 12.93 -6.83
C GLU A 47 -0.91 13.85 -6.53
N LYS A 48 -2.07 13.25 -6.29
CA LYS A 48 -3.28 14.02 -5.98
C LYS A 48 -3.46 14.12 -4.47
N TYR A 49 -2.84 13.19 -3.75
CA TYR A 49 -2.91 13.16 -2.30
C TYR A 49 -1.67 13.79 -1.68
N SER A 50 -1.74 15.09 -1.42
CA SER A 50 -0.62 15.82 -0.83
C SER A 50 -0.61 15.68 0.70
N ASN A 51 -0.77 14.45 1.19
CA ASN A 51 -0.72 14.21 2.64
C ASN A 51 -0.39 12.76 2.97
N VAL A 52 -0.89 11.83 2.16
CA VAL A 52 -0.63 10.41 2.39
C VAL A 52 0.61 9.93 1.64
N ILE A 53 1.20 8.84 2.11
CA ILE A 53 2.40 8.29 1.49
C ILE A 53 2.06 7.03 0.69
N PHE A 54 2.28 7.10 -0.63
CA PHE A 54 2.01 5.97 -1.51
C PHE A 54 3.29 5.23 -1.82
N LEU A 55 3.36 3.99 -1.42
CA LEU A 55 4.54 3.20 -1.67
C LEU A 55 4.17 1.83 -2.22
N GLU A 56 5.17 1.10 -2.69
CA GLU A 56 4.92 -0.22 -3.27
C GLU A 56 5.66 -1.34 -2.57
N VAL A 57 4.91 -2.34 -2.12
CA VAL A 57 5.51 -3.48 -1.45
C VAL A 57 5.37 -4.73 -2.31
N ASP A 58 6.50 -5.27 -2.75
CA ASP A 58 6.50 -6.46 -3.58
C ASP A 58 6.70 -7.69 -2.69
N VAL A 59 5.69 -8.56 -2.65
CA VAL A 59 5.76 -9.76 -1.82
C VAL A 59 6.92 -10.65 -2.22
N ASP A 60 7.41 -10.48 -3.44
CA ASP A 60 8.54 -11.27 -3.91
C ASP A 60 9.78 -10.94 -3.10
N ASP A 61 9.94 -9.67 -2.76
CA ASP A 61 11.09 -9.22 -1.98
C ASP A 61 10.72 -9.05 -0.51
N ALA A 62 9.52 -8.52 -0.26
CA ALA A 62 9.06 -8.30 1.10
C ALA A 62 8.23 -9.49 1.59
N GLN A 63 8.77 -10.69 1.45
CA GLN A 63 8.09 -11.90 1.88
C GLN A 63 8.19 -12.07 3.39
N ASP A 64 8.93 -11.17 4.04
CA ASP A 64 9.10 -11.22 5.49
C ASP A 64 8.03 -10.37 6.17
N VAL A 65 7.52 -9.38 5.46
CA VAL A 65 6.48 -8.50 5.99
C VAL A 65 5.09 -9.15 5.88
N ALA A 66 4.78 -9.68 4.69
CA ALA A 66 3.46 -10.29 4.45
C ALA A 66 3.06 -11.29 5.52
N PRO A 67 3.91 -12.30 5.78
CA PRO A 67 3.64 -13.34 6.78
C PRO A 67 3.28 -12.77 8.14
N LYS A 68 3.79 -11.58 8.43
CA LYS A 68 3.52 -10.92 9.71
C LYS A 68 2.12 -10.30 9.75
N TYR A 69 1.53 -10.06 8.57
CA TYR A 69 0.19 -9.49 8.49
C TYR A 69 -0.83 -10.54 8.04
N GLY A 70 -0.33 -11.71 7.71
CA GLY A 70 -1.19 -12.79 7.27
C GLY A 70 -1.89 -12.51 5.96
N ILE A 71 -1.19 -11.85 5.03
CA ILE A 71 -1.77 -11.55 3.73
C ILE A 71 -1.81 -12.82 2.89
N ARG A 72 -2.93 -13.06 2.23
CA ARG A 72 -3.09 -14.26 1.41
C ARG A 72 -3.98 -13.98 0.20
N GLY A 73 -3.56 -13.03 -0.64
CA GLY A 73 -4.34 -12.69 -1.81
C GLY A 73 -3.99 -11.33 -2.40
N ILE A 74 -3.50 -11.34 -3.63
CA ILE A 74 -3.13 -10.12 -4.33
C ILE A 74 -4.14 -9.82 -5.44
N PRO A 75 -4.31 -8.54 -5.82
CA PRO A 75 -3.60 -7.40 -5.24
C PRO A 75 -4.24 -6.92 -3.94
N THR A 76 -3.51 -7.03 -2.83
CA THR A 76 -4.01 -6.59 -1.54
C THR A 76 -3.67 -5.12 -1.29
N LEU A 77 -4.63 -4.39 -0.74
CA LEU A 77 -4.41 -2.99 -0.41
C LEU A 77 -4.33 -2.87 1.10
N LEU A 78 -3.24 -2.29 1.58
CA LEU A 78 -3.04 -2.16 3.01
C LEU A 78 -2.99 -0.70 3.45
N LEU A 79 -3.69 -0.40 4.53
CA LEU A 79 -3.76 0.96 5.06
C LEU A 79 -3.14 1.03 6.44
N PHE A 80 -2.01 1.72 6.54
CA PHE A 80 -1.33 1.88 7.81
C PHE A 80 -1.57 3.28 8.38
N LYS A 81 -1.71 3.34 9.70
CA LYS A 81 -1.95 4.61 10.38
C LYS A 81 -1.23 4.60 11.73
N ASN A 82 -0.21 5.45 11.86
CA ASN A 82 0.56 5.50 13.09
C ASN A 82 1.22 4.16 13.34
N GLY A 83 1.82 3.62 12.29
CA GLY A 83 2.51 2.34 12.39
C GLY A 83 1.59 1.15 12.58
N GLU A 84 0.27 1.38 12.56
CA GLU A 84 -0.68 0.30 12.76
C GLU A 84 -1.68 0.20 11.61
N VAL A 85 -2.00 -1.03 11.23
CA VAL A 85 -2.96 -1.28 10.16
C VAL A 85 -4.36 -0.80 10.55
N ALA A 86 -4.90 0.17 9.83
CA ALA A 86 -6.22 0.71 10.15
C ALA A 86 -7.27 0.29 9.13
N ALA A 87 -6.84 -0.43 8.11
CA ALA A 87 -7.74 -0.91 7.06
C ALA A 87 -7.05 -1.87 6.11
N THR A 88 -7.81 -2.82 5.59
CA THR A 88 -7.27 -3.80 4.64
C THR A 88 -8.25 -4.04 3.49
N LYS A 89 -7.71 -4.25 2.30
CA LYS A 89 -8.53 -4.51 1.12
C LYS A 89 -7.89 -5.63 0.29
N VAL A 90 -8.73 -6.51 -0.25
CA VAL A 90 -8.23 -7.61 -1.07
C VAL A 90 -8.83 -7.58 -2.46
N GLY A 91 -8.04 -7.95 -3.46
CA GLY A 91 -8.52 -7.96 -4.82
C GLY A 91 -8.44 -6.59 -5.46
N ALA A 92 -8.47 -6.57 -6.80
CA ALA A 92 -8.38 -5.32 -7.54
C ALA A 92 -9.62 -4.47 -7.34
N LEU A 93 -9.45 -3.17 -7.54
CA LEU A 93 -10.55 -2.21 -7.38
C LEU A 93 -10.35 -1.02 -8.30
N SER A 94 -11.44 -0.40 -8.71
CA SER A 94 -11.37 0.75 -9.60
C SER A 94 -10.73 1.95 -8.90
N LYS A 95 -10.61 3.05 -9.65
CA LYS A 95 -10.01 4.27 -9.12
C LYS A 95 -10.93 4.97 -8.12
N GLY A 96 -12.24 4.82 -8.32
CA GLY A 96 -13.19 5.45 -7.44
C GLY A 96 -13.33 4.72 -6.12
N GLN A 97 -13.15 3.41 -6.13
CA GLN A 97 -13.25 2.61 -4.92
C GLN A 97 -12.01 2.79 -4.05
N LEU A 98 -10.88 3.08 -4.68
CA LEU A 98 -9.64 3.29 -3.95
C LEU A 98 -9.67 4.66 -3.27
N LYS A 99 -9.99 5.69 -4.07
CA LYS A 99 -10.06 7.06 -3.56
C LYS A 99 -11.09 7.16 -2.43
N GLU A 100 -12.25 6.55 -2.64
CA GLU A 100 -13.31 6.56 -1.64
C GLU A 100 -12.84 5.91 -0.35
N PHE A 101 -12.11 4.81 -0.48
CA PHE A 101 -11.57 4.08 0.66
C PHE A 101 -10.60 4.97 1.45
N LEU A 102 -9.76 5.70 0.73
CA LEU A 102 -8.80 6.60 1.35
C LEU A 102 -9.54 7.74 2.04
N ASP A 103 -10.37 8.44 1.29
CA ASP A 103 -11.14 9.54 1.85
C ASP A 103 -11.82 9.10 3.15
N ALA A 104 -12.22 7.82 3.18
CA ALA A 104 -12.89 7.27 4.35
C ALA A 104 -11.94 7.06 5.52
N ASN A 105 -10.63 6.95 5.24
CA ASN A 105 -9.65 6.74 6.29
C ASN A 105 -8.79 7.98 6.53
N LEU A 106 -8.53 8.72 5.46
CA LEU A 106 -7.74 9.94 5.55
C LEU A 106 -8.59 11.09 6.07
N VAL A 107 -8.42 11.42 7.34
CA VAL A 107 -9.19 12.49 7.96
C VAL A 107 -8.34 13.32 8.90
#